data_4WGX
#
_entry.id   4WGX
#
_cell.length_a   126.429
_cell.length_b   226.317
_cell.length_c   265.382
_cell.angle_alpha   90.000
_cell.angle_beta   90.000
_cell.angle_gamma   90.000
#
_symmetry.space_group_name_H-M   'I 21 21 21'
#
loop_
_entity.id
_entity.type
_entity.pdbx_description
1 polymer 'Molinate hydrolase'
2 non-polymer (4S)-2-METHYL-2,4-PENTANEDIOL
3 non-polymer 'COBALT (II) ION'
4 water water
#
_entity_poly.entity_id   1
_entity_poly.type   'polypeptide(L)'
_entity_poly.pdbx_seq_one_letter_code
;MGETIAIVGGTLIDGNGGVPVPETTVFIEDGRITKVGSTDQIEVHPNIRQIDAQGKWILPGLVNGNVHLLDGIMMMGRGG
IEYLARFEGNYYKVIEEAAQIALRGGVTTVFDTWNALEPVTIARDRIASGAAEGARIFFAGTLIGMGGPFTGDFMRPSMQ
ARTVMSRTFADRMDAMFEVGMGRHLSTLPPAEVRPLIREYLERGVDFCKIAVTDHLVGLLGFRAPYFTFSERVLDVLVDE
VRRAGVPLLTHTTSLEGLNTAIERDADLMIHATMTGQAPIPEETIEKLLEKQLWSEVQPTTIAQQAWMDSVDHPFADFSG
RVHHENDVRMIKAGVPLVLGTDAGCTDPDILEDMSQGELHERPWTLGEDHFVWMQAMVEKGMDPMAAILAGTANPAKAYR
KFDELGSIDVGKLGDVVVLDQDPLADITNMRTLSHVVKEGREIDFHGLPLSPLVTAYPRTANVLD
;
_entity_poly.pdbx_strand_id   A,B,C,D
#
loop_
_chem_comp.id
_chem_comp.type
_chem_comp.name
_chem_comp.formula
CO non-polymer 'COBALT (II) ION' 'Co 2'
MPD non-polymer (4S)-2-METHYL-2,4-PENTANEDIOL 'C6 H14 O2'
#
# COMPACT_ATOMS: atom_id res chain seq x y z
N MET A 1 -35.74 -6.18 40.19
N MET A 1 -35.07 -6.44 39.78
CA MET A 1 -34.49 -7.01 40.27
CA MET A 1 -34.40 -7.54 40.55
C MET A 1 -33.89 -6.99 41.68
C MET A 1 -33.82 -7.08 41.89
N GLY A 2 -33.87 -5.79 42.24
CA GLY A 2 -33.27 -5.44 43.51
C GLY A 2 -34.19 -5.57 44.73
N GLU A 3 -33.57 -5.77 45.89
CA GLU A 3 -34.29 -5.85 47.15
C GLU A 3 -33.63 -4.94 48.19
N THR A 4 -34.08 -5.01 49.45
CA THR A 4 -33.66 -4.06 50.49
C THR A 4 -33.15 -4.78 51.74
N ILE A 5 -32.09 -4.24 52.33
CA ILE A 5 -31.46 -4.90 53.46
C ILE A 5 -30.46 -3.96 54.14
N ALA A 6 -30.09 -4.29 55.37
CA ALA A 6 -29.09 -3.52 56.10
C ALA A 6 -28.08 -4.45 56.74
N ILE A 7 -26.81 -4.13 56.55
CA ILE A 7 -25.71 -4.91 57.10
C ILE A 7 -25.13 -4.05 58.21
N VAL A 8 -25.30 -4.52 59.45
CA VAL A 8 -25.24 -3.66 60.63
C VAL A 8 -24.08 -3.95 61.57
N GLY A 9 -23.20 -2.97 61.72
CA GLY A 9 -22.26 -2.94 62.83
C GLY A 9 -21.00 -3.77 62.67
N GLY A 10 -20.54 -3.90 61.42
CA GLY A 10 -19.34 -4.65 61.13
C GLY A 10 -18.19 -3.76 60.73
N THR A 11 -16.97 -4.28 60.77
CA THR A 11 -15.83 -3.52 60.28
C THR A 11 -15.88 -3.53 58.76
N LEU A 12 -15.98 -2.34 58.18
CA LEU A 12 -16.11 -2.20 56.73
C LEU A 12 -14.76 -2.10 56.03
N ILE A 13 -14.56 -2.97 55.03
CA ILE A 13 -13.49 -2.84 54.04
C ILE A 13 -14.17 -2.58 52.71
N ASP A 14 -14.19 -1.33 52.27
CA ASP A 14 -15.07 -0.92 51.20
C ASP A 14 -14.47 -1.08 49.80
N GLY A 15 -13.19 -1.40 49.73
CA GLY A 15 -12.57 -1.67 48.44
C GLY A 15 -11.85 -0.49 47.82
N ASN A 16 -11.83 0.65 48.51
CA ASN A 16 -11.14 1.84 48.00
C ASN A 16 -9.74 1.94 48.59
N GLY A 17 -9.37 1.01 49.46
CA GLY A 17 -7.99 0.86 49.87
C GLY A 17 -7.64 1.47 51.21
N GLY A 18 -8.59 2.18 51.79
CA GLY A 18 -8.34 2.90 53.01
C GLY A 18 -8.35 2.05 54.27
N VAL A 19 -8.07 2.69 55.39
CA VAL A 19 -8.15 2.06 56.69
C VAL A 19 -9.58 1.56 56.91
N PRO A 20 -9.74 0.34 57.44
CA PRO A 20 -11.11 -0.13 57.65
C PRO A 20 -11.82 0.56 58.82
N VAL A 21 -13.13 0.72 58.66
CA VAL A 21 -13.97 1.48 59.57
C VAL A 21 -14.77 0.59 60.50
N PRO A 22 -14.54 0.66 61.82
CA PRO A 22 -15.32 -0.27 62.64
C PRO A 22 -16.74 0.22 62.86
N GLU A 23 -17.58 -0.65 63.41
CA GLU A 23 -18.99 -0.38 63.69
C GLU A 23 -19.62 0.44 62.58
N THR A 24 -19.71 -0.16 61.40
CA THR A 24 -20.25 0.51 60.23
C THR A 24 -21.50 -0.22 59.82
N THR A 25 -22.35 0.51 59.13
CA THR A 25 -23.59 -0.03 58.64
C THR A 25 -23.77 0.39 57.20
N VAL A 26 -24.20 -0.60 56.41
CA VAL A 26 -24.47 -0.44 55.00
C VAL A 26 -25.96 -0.66 54.77
N PHE A 27 -26.58 0.30 54.11
CA PHE A 27 -28.01 0.25 53.87
C PHE A 27 -28.24 0.25 52.38
N ILE A 28 -28.93 -0.81 51.94
CA ILE A 28 -29.25 -1.05 50.55
C ILE A 28 -30.76 -1.03 50.38
N GLU A 29 -31.22 -0.26 49.39
CA GLU A 29 -32.63 -0.15 49.02
C GLU A 29 -32.83 -0.43 47.56
N ASP A 30 -33.69 -1.39 47.25
CA ASP A 30 -34.05 -1.68 45.87
C ASP A 30 -32.80 -1.95 45.02
N GLY A 31 -31.85 -2.68 45.58
CA GLY A 31 -30.68 -3.12 44.85
C GLY A 31 -29.45 -2.24 45.04
N ARG A 32 -29.68 -0.97 45.38
CA ARG A 32 -28.62 0.02 45.43
C ARG A 32 -28.22 0.42 46.84
N ILE A 33 -26.94 0.70 47.03
CA ILE A 33 -26.44 1.22 48.29
C ILE A 33 -26.87 2.67 48.45
N THR A 34 -27.57 2.96 49.52
CA THR A 34 -28.05 4.31 49.76
C THR A 34 -27.34 4.95 50.94
N LYS A 35 -27.01 4.16 51.96
CA LYS A 35 -26.30 4.77 53.08
C LYS A 35 -25.16 3.90 53.60
N VAL A 36 -24.01 4.52 53.81
CA VAL A 36 -22.86 3.88 54.42
C VAL A 36 -22.38 4.77 55.53
N GLY A 37 -22.32 4.25 56.74
CA GLY A 37 -21.78 5.05 57.80
C GLY A 37 -21.88 4.42 59.17
N SER A 38 -21.67 5.22 60.21
CA SER A 38 -21.55 4.66 61.55
C SER A 38 -22.91 4.15 61.99
N THR A 39 -22.90 3.10 62.80
CA THR A 39 -24.12 2.42 63.18
C THR A 39 -25.02 3.32 63.98
N ASP A 40 -24.46 3.89 65.05
CA ASP A 40 -25.19 4.81 65.89
C ASP A 40 -25.80 5.95 65.07
N GLN A 41 -25.18 6.27 63.94
CA GLN A 41 -25.59 7.40 63.14
C GLN A 41 -26.78 7.12 62.22
N ILE A 42 -27.23 5.88 62.10
CA ILE A 42 -28.40 5.69 61.26
C ILE A 42 -29.26 4.46 61.51
N GLU A 43 -30.55 4.63 61.21
CA GLU A 43 -31.61 3.87 61.83
C GLU A 43 -32.24 2.83 60.91
N VAL A 44 -32.51 1.68 61.51
CA VAL A 44 -33.06 0.53 60.81
C VAL A 44 -34.45 0.22 61.35
N HIS A 45 -35.47 0.83 60.76
CA HIS A 45 -36.86 0.50 61.06
C HIS A 45 -37.04 -1.01 60.98
N PRO A 46 -37.69 -1.62 61.98
CA PRO A 46 -37.55 -3.08 62.01
C PRO A 46 -38.47 -3.85 61.05
N ASN A 47 -39.11 -3.16 60.11
CA ASN A 47 -39.72 -3.84 58.96
C ASN A 47 -38.68 -4.22 57.92
N ILE A 48 -37.41 -3.96 58.21
CA ILE A 48 -36.32 -4.09 57.26
C ILE A 48 -35.41 -5.26 57.62
N ARG A 49 -35.11 -6.10 56.64
CA ARG A 49 -34.21 -7.23 56.87
C ARG A 49 -32.85 -6.75 57.31
N GLN A 50 -32.26 -7.45 58.27
CA GLN A 50 -30.94 -7.10 58.77
C GLN A 50 -30.06 -8.31 58.88
N ILE A 51 -28.76 -8.08 58.69
CA ILE A 51 -27.72 -9.04 58.98
C ILE A 51 -26.88 -8.47 60.10
N ASP A 52 -26.60 -9.28 61.11
CA ASP A 52 -25.83 -8.81 62.25
C ASP A 52 -24.34 -9.03 62.00
N ALA A 53 -23.66 -7.95 61.63
CA ALA A 53 -22.27 -8.00 61.23
C ALA A 53 -21.34 -7.66 62.40
N GLN A 54 -21.88 -7.71 63.60
CA GLN A 54 -21.09 -7.47 64.80
C GLN A 54 -19.97 -8.47 64.93
N GLY A 55 -18.75 -7.97 65.10
CA GLY A 55 -17.61 -8.84 65.28
C GLY A 55 -17.14 -9.43 63.97
N LYS A 56 -17.68 -8.89 62.88
CA LYS A 56 -17.49 -9.46 61.54
C LYS A 56 -17.00 -8.39 60.57
N TRP A 57 -16.56 -8.80 59.38
CA TRP A 57 -16.07 -7.85 58.38
C TRP A 57 -16.97 -7.78 57.16
N ILE A 58 -17.19 -6.57 56.68
CA ILE A 58 -18.04 -6.31 55.53
C ILE A 58 -17.17 -5.95 54.34
N LEU A 59 -17.34 -6.69 53.26
CA LEU A 59 -16.57 -6.46 52.04
C LEU A 59 -17.53 -6.33 50.87
N PRO A 60 -17.06 -5.73 49.76
CA PRO A 60 -17.93 -5.77 48.59
C PRO A 60 -18.05 -7.18 48.06
N GLY A 61 -19.02 -7.41 47.19
CA GLY A 61 -19.16 -8.70 46.55
C GLY A 61 -17.91 -8.96 45.75
N LEU A 62 -17.40 -10.18 45.81
CA LEU A 62 -16.14 -10.52 45.17
C LEU A 62 -16.31 -10.58 43.66
N VAL A 63 -15.22 -10.28 42.96
CA VAL A 63 -15.23 -10.15 41.51
C VAL A 63 -14.07 -10.96 40.93
N ASN A 64 -14.38 -11.83 39.96
CA ASN A 64 -13.36 -12.64 39.30
C ASN A 64 -13.21 -12.16 37.87
N GLY A 65 -12.01 -11.68 37.55
CA GLY A 65 -11.73 -11.10 36.26
C GLY A 65 -11.50 -12.06 35.11
N ASN A 66 -11.53 -13.37 35.38
CA ASN A 66 -11.33 -14.37 34.33
C ASN A 66 -11.75 -15.78 34.73
N VAL A 67 -12.90 -16.22 34.25
CA VAL A 67 -13.37 -17.58 34.44
C VAL A 67 -13.85 -18.13 33.12
N HIS A 68 -14.09 -19.43 33.11
CA HIS A 68 -14.70 -20.09 31.98
C HIS A 68 -15.82 -20.96 32.51
N LEU A 69 -17.05 -20.58 32.20
CA LEU A 69 -18.21 -21.21 32.80
C LEU A 69 -18.61 -22.49 32.03
N LEU A 70 -18.09 -22.65 30.82
CA LEU A 70 -17.86 -24.00 30.28
C LEU A 70 -16.38 -24.28 30.51
N ASP A 71 -16.05 -25.34 31.23
CA ASP A 71 -14.71 -25.46 31.81
C ASP A 71 -13.65 -25.65 30.73
N GLY A 72 -12.91 -24.58 30.47
CA GLY A 72 -11.99 -24.55 29.36
C GLY A 72 -10.66 -25.22 29.68
N ILE A 73 -10.29 -25.21 30.96
CA ILE A 73 -8.99 -25.74 31.35
C ILE A 73 -9.00 -27.24 31.16
N MET A 74 -10.14 -27.83 31.45
CA MET A 74 -10.34 -29.24 31.21
C MET A 74 -10.13 -29.63 29.74
N MET A 75 -10.74 -28.89 28.82
CA MET A 75 -10.68 -29.19 27.40
C MET A 75 -9.27 -29.19 26.83
N MET A 76 -8.32 -28.73 27.62
CA MET A 76 -6.93 -28.70 27.19
C MET A 76 -6.19 -29.96 27.58
N GLY A 77 -6.89 -30.87 28.23
CA GLY A 77 -6.35 -32.18 28.50
C GLY A 77 -7.38 -33.24 28.23
N ARG A 78 -7.61 -34.07 29.22
CA ARG A 78 -8.55 -35.15 29.11
C ARG A 78 -9.94 -34.69 29.55
N GLY A 79 -10.96 -35.16 28.86
CA GLY A 79 -12.33 -35.01 29.31
C GLY A 79 -13.25 -34.15 28.45
N GLY A 80 -12.70 -33.50 27.43
CA GLY A 80 -13.49 -32.60 26.62
C GLY A 80 -14.65 -33.24 25.87
N ILE A 81 -14.38 -34.36 25.21
CA ILE A 81 -15.38 -35.07 24.44
C ILE A 81 -16.54 -35.51 25.32
N GLU A 82 -16.21 -36.12 26.46
CA GLU A 82 -17.24 -36.73 27.27
C GLU A 82 -18.13 -35.66 27.90
N TYR A 83 -17.51 -34.58 28.36
CA TYR A 83 -18.19 -33.42 28.93
C TYR A 83 -19.11 -32.74 27.91
N LEU A 84 -18.57 -32.38 26.76
CA LEU A 84 -19.38 -31.72 25.76
C LEU A 84 -20.46 -32.64 25.17
N ALA A 85 -20.18 -33.93 25.06
CA ALA A 85 -21.20 -34.84 24.57
C ALA A 85 -22.27 -35.07 25.63
N ARG A 86 -21.86 -35.19 26.88
CA ARG A 86 -22.78 -35.45 27.96
C ARG A 86 -23.75 -34.28 28.14
N PHE A 87 -23.27 -33.06 28.03
CA PHE A 87 -24.15 -31.92 28.29
C PHE A 87 -24.71 -31.15 27.10
N GLU A 88 -24.57 -31.67 25.89
CA GLU A 88 -25.21 -31.05 24.74
C GLU A 88 -26.71 -31.02 24.96
N GLY A 89 -27.34 -29.89 24.67
CA GLY A 89 -28.73 -29.64 25.00
C GLY A 89 -28.91 -28.78 26.24
N ASN A 90 -27.88 -28.72 27.08
CA ASN A 90 -27.96 -28.05 28.36
C ASN A 90 -26.80 -27.11 28.72
N TYR A 91 -26.06 -26.60 27.74
CA TYR A 91 -24.89 -25.80 28.04
C TYR A 91 -25.20 -24.55 28.91
N TYR A 92 -26.33 -23.90 28.67
CA TYR A 92 -26.69 -22.69 29.44
C TYR A 92 -26.90 -23.02 30.92
N LYS A 93 -27.37 -24.23 31.19
CA LYS A 93 -27.52 -24.70 32.56
C LYS A 93 -26.20 -25.06 33.23
N VAL A 94 -25.26 -25.59 32.44
CA VAL A 94 -23.90 -25.81 32.92
C VAL A 94 -23.31 -24.46 33.34
N ILE A 95 -23.48 -23.49 32.47
CA ILE A 95 -23.00 -22.15 32.73
C ILE A 95 -23.68 -21.53 33.97
N GLU A 96 -24.99 -21.67 34.09
CA GLU A 96 -25.68 -21.18 35.29
C GLU A 96 -25.21 -21.88 36.56
N GLU A 97 -25.05 -23.20 36.50
CA GLU A 97 -24.51 -23.94 37.63
C GLU A 97 -23.13 -23.42 38.05
N ALA A 98 -22.26 -23.19 37.06
CA ALA A 98 -20.94 -22.64 37.35
C ALA A 98 -21.02 -21.23 37.95
N ALA A 99 -21.87 -20.38 37.40
CA ALA A 99 -22.14 -19.08 38.02
C ALA A 99 -22.62 -19.21 39.47
N GLN A 100 -23.48 -20.18 39.73
CA GLN A 100 -23.94 -20.42 41.10
C GLN A 100 -22.81 -20.88 42.01
N ILE A 101 -21.95 -21.73 41.49
CA ILE A 101 -20.79 -22.17 42.24
C ILE A 101 -19.85 -21.01 42.53
N ALA A 102 -19.69 -20.10 41.58
CA ALA A 102 -18.94 -18.89 41.86
C ALA A 102 -19.61 -18.07 42.97
N LEU A 103 -20.92 -17.87 42.85
CA LEU A 103 -21.67 -17.14 43.89
C LEU A 103 -21.52 -17.78 45.28
N ARG A 104 -21.48 -19.10 45.33
CA ARG A 104 -21.28 -19.79 46.61
C ARG A 104 -19.97 -19.41 47.31
N GLY A 105 -18.99 -18.92 46.57
CA GLY A 105 -17.73 -18.49 47.13
C GLY A 105 -17.63 -17.00 47.38
N GLY A 106 -18.76 -16.29 47.26
CA GLY A 106 -18.82 -14.87 47.53
C GLY A 106 -18.71 -14.00 46.29
N VAL A 107 -18.49 -14.61 45.14
CA VAL A 107 -18.29 -13.88 43.91
C VAL A 107 -19.63 -13.54 43.28
N THR A 108 -19.92 -12.25 43.17
CA THR A 108 -21.22 -11.79 42.69
C THR A 108 -21.15 -11.35 41.24
N THR A 109 -19.92 -11.07 40.79
CA THR A 109 -19.69 -10.71 39.40
C THR A 109 -18.54 -11.55 38.80
N VAL A 110 -18.80 -12.20 37.67
CA VAL A 110 -17.76 -12.93 36.96
C VAL A 110 -17.63 -12.40 35.54
N PHE A 111 -16.37 -12.38 35.09
CA PHE A 111 -16.02 -11.99 33.75
C PHE A 111 -15.49 -13.23 33.03
N ASP A 112 -16.21 -13.67 32.02
CA ASP A 112 -15.91 -14.90 31.31
C ASP A 112 -15.23 -14.54 30.01
N THR A 113 -13.95 -14.92 29.89
CA THR A 113 -13.14 -14.45 28.77
C THR A 113 -12.99 -15.48 27.66
N TRP A 114 -13.63 -16.62 27.79
CA TRP A 114 -13.72 -17.58 26.68
C TRP A 114 -14.82 -18.57 26.95
N ASN A 115 -15.74 -18.67 25.99
CA ASN A 115 -16.92 -19.50 26.15
C ASN A 115 -17.64 -19.61 24.82
N ALA A 116 -18.70 -20.39 24.76
CA ALA A 116 -19.52 -20.47 23.57
C ALA A 116 -20.58 -19.39 23.65
N LEU A 117 -20.68 -18.57 22.61
CA LEU A 117 -21.45 -17.34 22.67
C LEU A 117 -22.94 -17.60 22.98
N GLU A 118 -23.57 -18.51 22.24
CA GLU A 118 -25.00 -18.77 22.42
C GLU A 118 -25.37 -19.10 23.87
N PRO A 119 -24.78 -20.17 24.44
CA PRO A 119 -25.21 -20.49 25.80
C PRO A 119 -24.79 -19.47 26.87
N VAL A 120 -23.70 -18.76 26.68
CA VAL A 120 -23.28 -17.82 27.70
C VAL A 120 -24.19 -16.59 27.63
N THR A 121 -24.64 -16.26 26.42
CA THR A 121 -25.66 -15.24 26.25
C THR A 121 -26.97 -15.65 26.95
N ILE A 122 -27.44 -16.86 26.62
CA ILE A 122 -28.65 -17.36 27.27
C ILE A 122 -28.53 -17.29 28.79
N ALA A 123 -27.44 -17.83 29.35
CA ALA A 123 -27.27 -17.82 30.80
C ALA A 123 -27.13 -16.40 31.41
N ARG A 124 -26.36 -15.52 30.77
CA ARG A 124 -26.27 -14.14 31.28
C ARG A 124 -27.66 -13.51 31.32
N ASP A 125 -28.39 -13.62 30.22
CA ASP A 125 -29.70 -12.99 30.13
C ASP A 125 -30.67 -13.58 31.14
N ARG A 126 -30.65 -14.90 31.31
CA ARG A 126 -31.52 -15.48 32.33
C ARG A 126 -31.12 -15.09 33.76
N ILE A 127 -29.84 -14.97 34.05
CA ILE A 127 -29.46 -14.59 35.40
C ILE A 127 -29.79 -13.13 35.67
N ALA A 128 -29.57 -12.27 34.68
CA ALA A 128 -29.87 -10.87 34.83
C ALA A 128 -31.36 -10.59 35.11
N SER A 129 -32.24 -11.40 34.53
CA SER A 129 -33.67 -11.18 34.61
C SER A 129 -34.34 -11.96 35.74
N GLY A 130 -33.56 -12.60 36.59
CA GLY A 130 -34.09 -13.35 37.71
C GLY A 130 -34.59 -14.73 37.37
N ALA A 131 -34.64 -15.06 36.09
CA ALA A 131 -35.05 -16.38 35.63
C ALA A 131 -34.12 -17.49 36.13
N ALA A 132 -32.92 -17.12 36.56
CA ALA A 132 -31.97 -18.12 37.03
C ALA A 132 -31.05 -17.51 38.06
N GLU A 133 -30.62 -18.32 39.01
CA GLU A 133 -29.70 -17.88 40.05
C GLU A 133 -28.28 -17.88 39.53
N GLY A 134 -27.47 -17.00 40.12
CA GLY A 134 -26.03 -17.05 39.94
C GLY A 134 -25.36 -15.69 39.93
N ALA A 135 -24.03 -15.71 39.94
CA ALA A 135 -23.26 -14.49 39.79
C ALA A 135 -23.61 -13.80 38.49
N ARG A 136 -23.53 -12.49 38.54
CA ARG A 136 -23.68 -11.64 37.38
C ARG A 136 -22.60 -11.97 36.35
N ILE A 137 -22.98 -12.18 35.10
CA ILE A 137 -22.02 -12.55 34.06
C ILE A 137 -21.77 -11.46 33.04
N PHE A 138 -20.49 -11.15 32.81
CA PHE A 138 -20.11 -10.43 31.60
C PHE A 138 -19.13 -11.28 30.79
N PHE A 139 -19.24 -11.28 29.47
CA PHE A 139 -18.47 -12.22 28.67
C PHE A 139 -17.89 -11.65 27.38
N ALA A 140 -16.87 -12.34 26.87
CA ALA A 140 -16.19 -11.98 25.62
C ALA A 140 -16.74 -12.72 24.44
N GLY A 141 -17.40 -13.84 24.72
CA GLY A 141 -17.65 -14.82 23.70
C GLY A 141 -16.34 -15.58 23.47
N THR A 142 -15.90 -15.66 22.23
CA THR A 142 -14.70 -16.41 21.93
C THR A 142 -13.44 -15.56 22.04
N LEU A 143 -12.32 -16.21 21.84
CA LEU A 143 -11.04 -15.53 21.76
C LEU A 143 -10.68 -15.35 20.30
N ILE A 144 -10.58 -14.10 19.85
CA ILE A 144 -10.42 -13.81 18.44
C ILE A 144 -9.11 -14.36 17.89
N GLY A 145 -9.21 -15.23 16.89
CA GLY A 145 -8.05 -15.80 16.24
C GLY A 145 -7.60 -17.14 16.80
N MET A 146 -8.33 -17.66 17.77
CA MET A 146 -8.07 -18.98 18.35
C MET A 146 -9.04 -20.03 17.84
N GLY A 147 -8.56 -21.25 17.67
CA GLY A 147 -9.41 -22.35 17.27
C GLY A 147 -10.25 -22.87 18.40
N GLY A 148 -11.25 -23.67 18.08
CA GLY A 148 -12.09 -24.29 19.08
C GLY A 148 -11.40 -25.45 19.79
N PRO A 149 -12.13 -26.11 20.71
CA PRO A 149 -11.55 -27.14 21.58
C PRO A 149 -11.06 -28.41 20.88
N PHE A 150 -11.37 -28.57 19.59
CA PHE A 150 -10.91 -29.72 18.83
C PHE A 150 -10.03 -29.30 17.65
N THR A 151 -9.23 -28.28 17.89
CA THR A 151 -8.22 -27.84 16.94
C THR A 151 -6.86 -27.97 17.60
N GLY A 152 -5.83 -27.45 16.95
CA GLY A 152 -4.47 -27.53 17.45
C GLY A 152 -4.26 -26.79 18.76
N ASP A 153 -5.14 -25.84 19.03
CA ASP A 153 -5.04 -25.02 20.23
C ASP A 153 -5.36 -25.76 21.52
N PHE A 154 -5.86 -26.99 21.41
CA PHE A 154 -6.12 -27.78 22.60
C PHE A 154 -5.48 -29.17 22.50
N MET A 155 -4.74 -29.41 21.42
CA MET A 155 -4.01 -30.66 21.24
C MET A 155 -2.75 -30.77 22.08
N ARG A 156 -2.39 -31.99 22.40
CA ARG A 156 -1.04 -32.30 22.86
C ARG A 156 -0.50 -33.41 21.98
N PRO A 157 0.82 -33.65 22.04
CA PRO A 157 1.40 -34.63 21.12
C PRO A 157 0.75 -36.00 21.27
N SER A 158 0.45 -36.44 22.49
N SER A 158 0.44 -36.39 22.52
CA SER A 158 -0.28 -37.70 22.66
CA SER A 158 -0.22 -37.66 22.83
C SER A 158 -1.67 -37.46 23.23
C SER A 158 -1.73 -37.55 23.07
N MET A 159 -2.32 -36.39 22.80
CA MET A 159 -3.75 -36.18 23.03
C MET A 159 -4.39 -35.47 21.86
N GLN A 160 -5.03 -36.25 20.99
CA GLN A 160 -5.65 -35.71 19.79
C GLN A 160 -7.06 -36.24 19.71
N ALA A 161 -8.00 -35.45 20.21
CA ALA A 161 -9.39 -35.87 20.36
C ALA A 161 -9.99 -36.25 19.02
N ARG A 162 -9.64 -35.53 17.98
CA ARG A 162 -10.23 -35.77 16.68
C ARG A 162 -9.89 -37.16 16.10
N THR A 163 -8.87 -37.83 16.64
CA THR A 163 -8.60 -39.19 16.21
C THR A 163 -9.66 -40.17 16.73
N VAL A 164 -10.37 -39.84 17.80
CA VAL A 164 -11.34 -40.78 18.36
C VAL A 164 -12.77 -40.25 18.49
N MET A 165 -13.12 -39.23 17.72
CA MET A 165 -14.47 -38.69 17.74
C MET A 165 -14.95 -38.46 16.32
N SER A 166 -16.26 -38.33 16.15
CA SER A 166 -16.82 -38.04 14.85
C SER A 166 -16.38 -36.66 14.43
N ARG A 167 -16.10 -36.48 13.15
CA ARG A 167 -15.75 -35.18 12.62
C ARG A 167 -16.93 -34.22 12.76
N THR A 168 -18.14 -34.77 12.60
CA THR A 168 -19.36 -33.98 12.65
C THR A 168 -19.54 -33.30 14.01
N PHE A 169 -19.44 -34.09 15.08
CA PHE A 169 -19.53 -33.58 16.43
C PHE A 169 -18.43 -32.56 16.73
N ALA A 170 -17.20 -32.92 16.37
CA ALA A 170 -16.05 -32.05 16.61
C ALA A 170 -16.26 -30.71 15.92
N ASP A 171 -16.71 -30.75 14.67
CA ASP A 171 -16.98 -29.53 13.91
C ASP A 171 -18.09 -28.70 14.55
N ARG A 172 -19.15 -29.38 14.97
CA ARG A 172 -20.25 -28.71 15.62
C ARG A 172 -19.80 -28.01 16.91
N MET A 173 -18.93 -28.64 17.69
CA MET A 173 -18.40 -27.98 18.88
C MET A 173 -17.45 -26.81 18.53
N ASP A 174 -16.54 -27.06 17.60
CA ASP A 174 -15.62 -26.01 17.16
C ASP A 174 -16.43 -24.80 16.68
N ALA A 175 -17.52 -25.03 15.94
CA ALA A 175 -18.31 -23.90 15.44
C ALA A 175 -18.97 -23.09 16.56
N MET A 176 -19.46 -23.77 17.59
CA MET A 176 -20.19 -23.05 18.61
C MET A 176 -19.23 -22.30 19.50
N PHE A 177 -17.97 -22.75 19.61
CA PHE A 177 -16.97 -21.87 20.25
C PHE A 177 -16.32 -20.79 19.33
N GLU A 178 -15.99 -21.13 18.09
CA GLU A 178 -15.30 -20.19 17.22
C GLU A 178 -16.19 -19.06 16.69
N VAL A 179 -17.41 -19.38 16.31
CA VAL A 179 -18.39 -18.39 15.84
C VAL A 179 -17.77 -17.61 14.67
N GLY A 180 -17.04 -18.34 13.83
CA GLY A 180 -16.43 -17.76 12.64
C GLY A 180 -15.15 -16.98 12.86
N MET A 181 -14.68 -16.91 14.11
CA MET A 181 -13.51 -16.09 14.44
C MET A 181 -12.27 -16.93 14.82
N GLY A 182 -12.15 -18.10 14.19
CA GLY A 182 -11.05 -19.01 14.48
C GLY A 182 -9.78 -18.75 13.72
N ARG A 183 -8.98 -19.79 13.53
CA ARG A 183 -7.63 -19.65 13.00
C ARG A 183 -7.60 -19.11 11.56
N HIS A 184 -8.65 -19.34 10.80
CA HIS A 184 -8.68 -18.90 9.40
C HIS A 184 -8.56 -17.37 9.22
N LEU A 185 -8.87 -16.61 10.28
CA LEU A 185 -8.68 -15.17 10.22
C LEU A 185 -7.22 -14.82 9.95
N SER A 186 -6.31 -15.73 10.30
CA SER A 186 -4.89 -15.50 10.06
C SER A 186 -4.55 -15.61 8.57
N THR A 187 -5.45 -16.18 7.77
CA THR A 187 -5.21 -16.30 6.33
C THR A 187 -5.70 -15.11 5.50
N LEU A 188 -6.33 -14.14 6.15
CA LEU A 188 -7.04 -13.10 5.42
C LEU A 188 -6.28 -11.77 5.37
N PRO A 189 -6.48 -11.01 4.30
CA PRO A 189 -6.00 -9.63 4.26
C PRO A 189 -6.85 -8.75 5.16
N PRO A 190 -6.35 -7.58 5.57
CA PRO A 190 -6.98 -6.74 6.60
C PRO A 190 -8.43 -6.33 6.26
N ALA A 191 -8.68 -6.00 5.00
CA ALA A 191 -9.99 -5.52 4.58
C ALA A 191 -11.05 -6.60 4.62
N GLU A 192 -10.65 -7.87 4.63
CA GLU A 192 -11.60 -8.97 4.81
C GLU A 192 -11.77 -9.31 6.28
N VAL A 193 -10.76 -8.98 7.08
CA VAL A 193 -10.88 -9.16 8.53
C VAL A 193 -11.85 -8.12 9.13
N ARG A 194 -11.70 -6.87 8.73
CA ARG A 194 -12.50 -5.79 9.32
C ARG A 194 -14.02 -6.06 9.45
N PRO A 195 -14.69 -6.43 8.35
CA PRO A 195 -16.13 -6.69 8.48
C PRO A 195 -16.49 -7.85 9.39
N LEU A 196 -15.63 -8.88 9.45
CA LEU A 196 -15.91 -10.05 10.29
C LEU A 196 -15.86 -9.71 11.76
N ILE A 197 -14.89 -8.88 12.14
CA ILE A 197 -14.77 -8.49 13.54
C ILE A 197 -15.87 -7.45 13.88
N ARG A 198 -16.14 -6.55 12.93
CA ARG A 198 -17.25 -5.60 13.09
C ARG A 198 -18.57 -6.33 13.32
N GLU A 199 -18.88 -7.30 12.48
CA GLU A 199 -20.07 -8.14 12.69
C GLU A 199 -20.02 -8.90 14.02
N TYR A 200 -18.89 -9.53 14.35
CA TYR A 200 -18.80 -10.24 15.62
C TYR A 200 -19.14 -9.33 16.79
N LEU A 201 -18.60 -8.12 16.82
CA LEU A 201 -18.87 -7.23 17.93
C LEU A 201 -20.33 -6.75 18.05
N GLU A 202 -21.08 -6.78 16.95
CA GLU A 202 -22.50 -6.43 16.97
C GLU A 202 -23.39 -7.54 17.56
N ARG A 203 -22.77 -8.64 18.00
CA ARG A 203 -23.53 -9.79 18.47
C ARG A 203 -23.85 -9.73 19.96
N GLY A 204 -23.34 -8.73 20.67
CA GLY A 204 -23.74 -8.48 22.04
C GLY A 204 -22.74 -8.80 23.14
N VAL A 205 -21.45 -8.78 22.82
CA VAL A 205 -20.44 -9.09 23.82
C VAL A 205 -20.17 -7.89 24.72
N ASP A 206 -19.72 -8.16 25.95
CA ASP A 206 -19.42 -7.11 26.90
C ASP A 206 -17.98 -6.60 26.79
N PHE A 207 -17.12 -7.40 26.20
CA PHE A 207 -15.74 -7.02 25.92
C PHE A 207 -15.19 -7.96 24.86
N CYS A 208 -13.99 -7.68 24.36
CA CYS A 208 -13.42 -8.48 23.29
C CYS A 208 -12.00 -8.89 23.63
N LYS A 209 -11.74 -10.20 23.60
CA LYS A 209 -10.40 -10.72 23.82
C LYS A 209 -9.77 -11.19 22.53
N ILE A 210 -8.59 -10.67 22.26
CA ILE A 210 -7.83 -10.99 21.07
C ILE A 210 -6.62 -11.88 21.42
N ALA A 211 -6.44 -12.94 20.63
CA ALA A 211 -5.26 -13.79 20.75
C ALA A 211 -4.08 -13.11 20.09
N VAL A 212 -3.36 -12.27 20.83
CA VAL A 212 -2.21 -11.58 20.28
C VAL A 212 -1.15 -12.62 19.90
N THR A 213 -0.92 -13.54 20.81
CA THR A 213 -0.05 -14.66 20.55
C THR A 213 -0.84 -15.95 20.43
N ASP A 214 -0.13 -17.03 20.16
CA ASP A 214 -0.73 -18.32 19.93
C ASP A 214 -1.26 -18.95 21.19
N HIS A 215 -1.98 -20.04 20.99
CA HIS A 215 -2.48 -20.85 22.08
C HIS A 215 -2.00 -22.31 21.89
N LEU A 216 -0.73 -22.48 21.53
CA LEU A 216 -0.18 -23.80 21.20
C LEU A 216 0.69 -24.42 22.29
N VAL A 217 0.60 -23.91 23.51
CA VAL A 217 1.47 -24.35 24.57
C VAL A 217 1.31 -25.84 24.89
N GLY A 218 0.10 -26.37 24.72
CA GLY A 218 -0.13 -27.78 24.98
C GLY A 218 0.59 -28.66 23.97
N LEU A 219 0.89 -28.09 22.83
CA LEU A 219 1.45 -28.83 21.72
C LEU A 219 2.97 -28.66 21.60
N LEU A 220 3.47 -27.48 21.96
CA LEU A 220 4.84 -27.08 21.66
C LEU A 220 5.64 -26.70 22.89
N GLY A 221 4.99 -26.63 24.04
CA GLY A 221 5.62 -26.15 25.25
C GLY A 221 5.53 -24.64 25.34
N PHE A 222 6.25 -24.08 26.30
CA PHE A 222 6.19 -22.65 26.59
C PHE A 222 7.23 -21.79 25.90
N ARG A 223 8.21 -22.37 25.22
N ARG A 223 8.19 -22.44 25.24
CA ARG A 223 9.29 -21.54 24.72
CA ARG A 223 9.40 -21.82 24.67
C ARG A 223 9.35 -21.54 23.20
C ARG A 223 9.36 -21.49 23.18
N ALA A 224 8.19 -21.50 22.58
CA ALA A 224 8.09 -21.34 21.13
C ALA A 224 6.86 -20.50 20.72
N PRO A 225 6.71 -19.30 21.30
CA PRO A 225 5.53 -18.50 21.01
C PRO A 225 5.50 -17.88 19.62
N TYR A 226 4.29 -17.63 19.12
CA TYR A 226 4.07 -16.96 17.85
C TYR A 226 3.18 -15.74 18.02
N PHE A 227 3.03 -14.96 16.95
CA PHE A 227 1.96 -13.99 16.85
C PHE A 227 0.89 -14.55 15.95
N THR A 228 -0.35 -14.41 16.37
CA THR A 228 -1.50 -14.85 15.59
C THR A 228 -1.69 -14.03 14.32
N PHE A 229 -1.43 -12.74 14.42
CA PHE A 229 -1.72 -11.82 13.33
C PHE A 229 -0.51 -10.96 13.02
N SER A 230 -0.44 -10.47 11.79
CA SER A 230 0.46 -9.36 11.49
C SER A 230 -0.03 -8.17 12.31
N GLU A 231 0.84 -7.20 12.57
CA GLU A 231 0.45 -6.11 13.45
C GLU A 231 -0.58 -5.19 12.82
N ARG A 232 -0.65 -5.09 11.49
CA ARG A 232 -1.66 -4.21 10.91
C ARG A 232 -3.06 -4.87 10.97
N VAL A 233 -3.13 -6.20 10.84
CA VAL A 233 -4.41 -6.90 11.07
C VAL A 233 -4.81 -6.81 12.55
N LEU A 234 -3.82 -6.95 13.44
CA LEU A 234 -4.06 -6.77 14.85
C LEU A 234 -4.64 -5.37 15.10
N ASP A 235 -4.06 -4.37 14.44
CA ASP A 235 -4.55 -3.01 14.57
C ASP A 235 -5.97 -2.84 13.99
N VAL A 236 -6.27 -3.51 12.89
CA VAL A 236 -7.66 -3.57 12.45
C VAL A 236 -8.60 -4.06 13.57
N LEU A 237 -8.24 -5.20 14.14
CA LEU A 237 -9.05 -5.76 15.22
C LEU A 237 -9.23 -4.76 16.38
N VAL A 238 -8.11 -4.23 16.84
CA VAL A 238 -8.11 -3.29 17.95
C VAL A 238 -8.98 -2.05 17.63
N ASP A 239 -8.80 -1.49 16.43
CA ASP A 239 -9.57 -0.30 16.07
C ASP A 239 -11.06 -0.62 16.07
N GLU A 240 -11.44 -1.76 15.50
CA GLU A 240 -12.86 -2.11 15.51
C GLU A 240 -13.40 -2.33 16.93
N VAL A 241 -12.58 -2.92 17.80
CA VAL A 241 -12.97 -3.02 19.20
C VAL A 241 -13.16 -1.62 19.81
N ARG A 242 -12.28 -0.67 19.52
CA ARG A 242 -12.49 0.68 20.03
C ARG A 242 -13.75 1.34 19.46
N ARG A 243 -13.99 1.15 18.16
N ARG A 243 -14.02 1.15 18.16
CA ARG A 243 -15.20 1.63 17.51
CA ARG A 243 -15.23 1.72 17.56
C ARG A 243 -16.43 1.12 18.25
C ARG A 243 -16.50 1.08 18.15
N ALA A 244 -16.44 -0.18 18.54
CA ALA A 244 -17.56 -0.80 19.24
C ALA A 244 -17.74 -0.30 20.67
N GLY A 245 -16.75 0.41 21.21
CA GLY A 245 -16.86 0.97 22.55
C GLY A 245 -16.79 0.01 23.72
N VAL A 246 -16.29 -1.20 23.51
CA VAL A 246 -16.13 -2.16 24.60
C VAL A 246 -14.67 -2.34 24.99
N PRO A 247 -14.41 -2.81 26.22
CA PRO A 247 -13.02 -3.03 26.65
C PRO A 247 -12.26 -4.05 25.79
N LEU A 248 -10.95 -3.82 25.69
CA LEU A 248 -10.06 -4.68 24.94
C LEU A 248 -9.29 -5.58 25.89
N LEU A 249 -9.43 -6.90 25.72
CA LEU A 249 -8.59 -7.85 26.42
C LEU A 249 -7.58 -8.46 25.46
N THR A 250 -6.45 -8.87 26.00
CA THR A 250 -5.45 -9.58 25.21
C THR A 250 -5.07 -10.91 25.86
N HIS A 251 -4.74 -11.86 24.99
CA HIS A 251 -4.06 -13.09 25.38
C HIS A 251 -2.63 -13.01 24.87
N THR A 252 -1.66 -13.08 25.77
CA THR A 252 -0.25 -13.04 25.43
C THR A 252 0.53 -14.12 26.16
N THR A 253 1.59 -14.60 25.54
CA THR A 253 2.40 -15.69 26.07
C THR A 253 3.89 -15.47 25.78
N SER A 254 4.25 -14.23 25.44
CA SER A 254 5.65 -13.86 25.20
C SER A 254 5.89 -12.44 25.65
N LEU A 255 7.16 -12.09 25.86
CA LEU A 255 7.53 -10.73 26.21
C LEU A 255 7.09 -9.73 25.14
N GLU A 256 7.24 -10.13 23.89
CA GLU A 256 6.91 -9.26 22.78
C GLU A 256 5.41 -9.13 22.59
N GLY A 257 4.68 -10.20 22.90
CA GLY A 257 3.23 -10.14 22.94
C GLY A 257 2.76 -9.17 24.00
N LEU A 258 3.39 -9.25 25.17
CA LEU A 258 3.07 -8.35 26.26
C LEU A 258 3.33 -6.89 25.86
N ASN A 259 4.51 -6.63 25.31
CA ASN A 259 4.81 -5.28 24.83
C ASN A 259 3.81 -4.82 23.78
N THR A 260 3.52 -5.67 22.82
CA THR A 260 2.54 -5.35 21.79
C THR A 260 1.17 -5.02 22.41
N ALA A 261 0.72 -5.80 23.39
CA ALA A 261 -0.53 -5.51 24.09
C ALA A 261 -0.47 -4.15 24.80
N ILE A 262 0.61 -3.91 25.52
CA ILE A 262 0.81 -2.64 26.20
C ILE A 262 0.74 -1.47 25.23
N GLU A 263 1.35 -1.60 24.06
CA GLU A 263 1.32 -0.50 23.11
C GLU A 263 -0.05 -0.30 22.43
N ARG A 264 -1.00 -1.20 22.70
CA ARG A 264 -2.37 -1.02 22.24
C ARG A 264 -3.26 -0.53 23.38
N ASP A 265 -2.65 -0.20 24.51
CA ASP A 265 -3.38 0.22 25.70
C ASP A 265 -4.51 -0.73 26.06
N ALA A 266 -4.20 -2.02 26.13
CA ALA A 266 -5.20 -3.00 26.50
C ALA A 266 -5.80 -2.65 27.85
N ASP A 267 -7.12 -2.81 27.96
CA ASP A 267 -7.82 -2.56 29.21
C ASP A 267 -7.51 -3.65 30.24
N LEU A 268 -7.30 -4.86 29.77
CA LEU A 268 -6.87 -5.94 30.65
C LEU A 268 -6.04 -6.96 29.89
N MET A 269 -4.87 -7.26 30.44
CA MET A 269 -3.95 -8.20 29.83
C MET A 269 -3.96 -9.51 30.60
N ILE A 270 -4.53 -10.56 30.00
CA ILE A 270 -4.71 -11.83 30.68
C ILE A 270 -3.41 -12.61 30.70
N HIS A 271 -3.18 -13.27 31.83
CA HIS A 271 -1.88 -13.80 32.26
C HIS A 271 -0.69 -13.10 31.61
N ALA A 272 -0.54 -11.83 31.96
CA ALA A 272 0.53 -10.94 31.51
C ALA A 272 1.93 -11.42 31.88
N THR A 273 2.06 -12.18 32.96
CA THR A 273 3.35 -12.67 33.43
C THR A 273 3.72 -14.05 32.86
N MET A 274 2.88 -14.54 31.94
CA MET A 274 3.18 -15.74 31.18
C MET A 274 3.98 -15.31 29.94
N THR A 275 5.30 -15.45 29.98
CA THR A 275 6.15 -14.84 28.97
C THR A 275 7.25 -15.78 28.44
N GLY A 276 6.87 -17.00 28.11
CA GLY A 276 7.77 -17.95 27.49
C GLY A 276 8.98 -18.31 28.32
N GLN A 277 8.80 -18.20 29.63
CA GLN A 277 9.86 -18.43 30.62
C GLN A 277 11.06 -17.53 30.39
N ALA A 278 10.81 -16.34 29.85
CA ALA A 278 11.79 -15.25 29.78
C ALA A 278 11.38 -14.11 30.72
N PRO A 279 12.35 -13.50 31.42
CA PRO A 279 12.01 -12.50 32.44
C PRO A 279 11.53 -11.17 31.87
N ILE A 280 10.51 -10.58 32.48
CA ILE A 280 9.98 -9.31 32.00
C ILE A 280 11.01 -8.18 32.23
N PRO A 281 11.39 -7.47 31.16
CA PRO A 281 12.31 -6.34 31.27
C PRO A 281 11.79 -5.19 32.11
N GLU A 282 12.70 -4.44 32.73
CA GLU A 282 12.30 -3.35 33.61
C GLU A 282 11.52 -2.34 32.78
N GLU A 283 11.93 -2.17 31.52
CA GLU A 283 11.28 -1.21 30.64
C GLU A 283 9.78 -1.47 30.50
N THR A 284 9.42 -2.75 30.42
CA THR A 284 8.04 -3.17 30.24
C THR A 284 7.22 -2.87 31.50
N ILE A 285 7.82 -3.14 32.65
CA ILE A 285 7.23 -2.75 33.91
C ILE A 285 7.08 -1.23 34.00
N GLU A 286 8.09 -0.49 33.57
CA GLU A 286 7.99 0.97 33.55
C GLU A 286 6.83 1.40 32.66
N LYS A 287 6.64 0.78 31.50
CA LYS A 287 5.46 1.11 30.70
C LYS A 287 4.16 0.82 31.43
N LEU A 288 4.05 -0.34 32.08
CA LEU A 288 2.84 -0.61 32.85
C LEU A 288 2.61 0.48 33.89
N LEU A 289 3.67 0.92 34.55
CA LEU A 289 3.54 2.00 35.52
C LEU A 289 3.19 3.36 34.92
N GLU A 290 3.81 3.71 33.80
CA GLU A 290 3.54 4.99 33.15
C GLU A 290 2.14 5.04 32.58
N LYS A 291 1.68 3.95 31.99
CA LYS A 291 0.38 3.96 31.33
C LYS A 291 -0.75 3.52 32.25
N GLN A 292 -0.42 3.09 33.46
CA GLN A 292 -1.40 2.60 34.41
C GLN A 292 -2.37 1.57 33.79
N LEU A 293 -1.82 0.53 33.17
CA LEU A 293 -2.63 -0.51 32.57
C LEU A 293 -2.81 -1.67 33.53
N TRP A 294 -3.93 -2.39 33.40
CA TRP A 294 -4.25 -3.52 34.25
C TRP A 294 -3.68 -4.83 33.72
N SER A 295 -2.94 -5.53 34.57
CA SER A 295 -2.45 -6.87 34.25
C SER A 295 -3.16 -7.89 35.12
N GLU A 296 -3.76 -8.88 34.48
CA GLU A 296 -4.23 -10.05 35.20
C GLU A 296 -3.06 -11.04 35.23
N VAL A 297 -2.87 -11.69 36.37
CA VAL A 297 -1.84 -12.70 36.50
C VAL A 297 -2.46 -13.92 37.14
N GLN A 298 -1.90 -15.09 36.86
CA GLN A 298 -2.46 -16.34 37.34
C GLN A 298 -1.37 -17.15 38.03
N PRO A 299 -1.20 -16.95 39.33
CA PRO A 299 -0.12 -17.58 40.10
C PRO A 299 -0.48 -18.93 40.69
N THR A 300 0.52 -19.63 41.19
CA THR A 300 0.30 -20.84 41.97
C THR A 300 0.80 -20.60 43.38
N THR A 301 0.18 -21.27 44.35
CA THR A 301 0.71 -21.27 45.70
C THR A 301 2.03 -22.02 45.75
N ILE A 302 2.77 -21.77 46.82
CA ILE A 302 4.00 -22.49 47.11
C ILE A 302 3.77 -24.01 47.06
N ALA A 303 2.70 -24.44 47.73
CA ALA A 303 2.34 -25.86 47.82
C ALA A 303 1.93 -26.50 46.48
N GLN A 304 1.03 -25.85 45.77
CA GLN A 304 0.60 -26.37 44.47
C GLN A 304 1.77 -26.45 43.52
N GLN A 305 2.59 -25.39 43.48
CA GLN A 305 3.73 -25.37 42.57
C GLN A 305 4.71 -26.45 42.96
N ALA A 306 5.02 -26.57 44.24
CA ALA A 306 5.90 -27.65 44.68
C ALA A 306 5.35 -29.02 44.29
N TRP A 307 4.05 -29.23 44.47
CA TRP A 307 3.48 -30.50 44.03
C TRP A 307 3.65 -30.69 42.52
N MET A 308 3.37 -29.65 41.74
CA MET A 308 3.54 -29.74 40.29
C MET A 308 4.96 -30.13 39.94
N ASP A 309 5.92 -29.47 40.59
CA ASP A 309 7.31 -29.75 40.32
C ASP A 309 7.68 -31.16 40.75
N SER A 310 7.10 -31.64 41.85
CA SER A 310 7.38 -33.00 42.32
C SER A 310 6.92 -34.12 41.36
N VAL A 311 5.97 -33.83 40.46
CA VAL A 311 5.46 -34.87 39.56
C VAL A 311 5.71 -34.50 38.12
N ASP A 312 6.58 -33.51 37.89
CA ASP A 312 6.94 -33.06 36.56
C ASP A 312 5.68 -32.71 35.75
N HIS A 313 4.74 -32.08 36.42
CA HIS A 313 3.47 -31.69 35.81
C HIS A 313 3.68 -30.89 34.52
N PRO A 314 2.88 -31.17 33.48
CA PRO A 314 3.10 -30.51 32.18
C PRO A 314 2.92 -29.00 32.21
N PHE A 315 2.09 -28.49 33.11
CA PHE A 315 1.87 -27.05 33.23
C PHE A 315 2.55 -26.44 34.44
N ALA A 316 3.60 -27.12 34.90
CA ALA A 316 4.46 -26.60 35.94
C ALA A 316 5.07 -25.26 35.53
N ASP A 317 5.30 -25.07 34.24
CA ASP A 317 5.91 -23.84 33.75
C ASP A 317 4.89 -22.72 33.52
N PHE A 318 3.61 -22.98 33.74
CA PHE A 318 2.60 -21.96 33.52
C PHE A 318 2.80 -20.82 34.53
N SER A 319 3.06 -21.17 35.78
CA SER A 319 3.22 -20.18 36.83
C SER A 319 4.51 -20.35 37.61
N GLY A 320 5.29 -21.36 37.28
CA GLY A 320 6.53 -21.64 38.00
C GLY A 320 7.75 -20.95 37.44
N ARG A 321 8.84 -21.00 38.19
CA ARG A 321 10.15 -20.49 37.77
C ARG A 321 10.11 -19.01 37.35
N VAL A 322 10.38 -18.70 36.09
CA VAL A 322 10.54 -17.31 35.66
C VAL A 322 9.23 -16.53 35.79
N HIS A 323 8.11 -17.22 35.62
CA HIS A 323 6.80 -16.59 35.75
C HIS A 323 6.47 -16.25 37.20
N HIS A 324 6.89 -17.11 38.12
CA HIS A 324 6.88 -16.80 39.54
C HIS A 324 7.69 -15.54 39.81
N GLU A 325 8.90 -15.47 39.26
CA GLU A 325 9.74 -14.31 39.42
C GLU A 325 9.07 -13.07 38.83
N ASN A 326 8.42 -13.24 37.67
CA ASN A 326 7.66 -12.15 37.08
C ASN A 326 6.59 -11.64 38.03
N ASP A 327 5.79 -12.56 38.59
CA ASP A 327 4.75 -12.18 39.54
C ASP A 327 5.34 -11.41 40.72
N VAL A 328 6.37 -11.98 41.33
CA VAL A 328 7.07 -11.30 42.42
C VAL A 328 7.52 -9.88 42.04
N ARG A 329 8.17 -9.74 40.89
CA ARG A 329 8.65 -8.43 40.49
C ARG A 329 7.52 -7.46 40.14
N MET A 330 6.43 -7.97 39.59
CA MET A 330 5.28 -7.13 39.28
C MET A 330 4.64 -6.63 40.57
N ILE A 331 4.49 -7.52 41.54
CA ILE A 331 3.99 -7.12 42.85
C ILE A 331 4.89 -6.06 43.46
N LYS A 332 6.18 -6.34 43.54
CA LYS A 332 7.11 -5.43 44.18
C LYS A 332 7.17 -4.05 43.50
N ALA A 333 6.90 -3.98 42.20
CA ALA A 333 6.85 -2.70 41.49
C ALA A 333 5.56 -1.92 41.72
N GLY A 334 4.54 -2.60 42.25
CA GLY A 334 3.25 -1.98 42.44
C GLY A 334 2.46 -1.69 41.18
N VAL A 335 2.52 -2.56 40.18
CA VAL A 335 1.71 -2.36 38.98
C VAL A 335 0.25 -2.65 39.30
N PRO A 336 -0.67 -2.10 38.49
CA PRO A 336 -2.10 -2.42 38.69
C PRO A 336 -2.38 -3.90 38.39
N LEU A 337 -2.90 -4.62 39.38
CA LEU A 337 -3.12 -6.06 39.26
C LEU A 337 -4.58 -6.47 39.42
N VAL A 338 -4.99 -7.44 38.61
CA VAL A 338 -6.35 -7.95 38.60
C VAL A 338 -6.38 -9.44 38.88
N LEU A 339 -7.32 -9.86 39.71
CA LEU A 339 -7.53 -11.28 39.98
C LEU A 339 -8.26 -11.98 38.85
N GLY A 340 -7.70 -13.09 38.41
CA GLY A 340 -8.30 -13.96 37.42
C GLY A 340 -7.62 -15.31 37.52
N THR A 341 -8.23 -16.36 37.01
CA THR A 341 -7.78 -17.71 37.34
C THR A 341 -7.94 -18.75 36.23
N ASP A 342 -8.67 -18.44 35.17
CA ASP A 342 -9.07 -19.43 34.18
C ASP A 342 -9.93 -20.57 34.76
N ALA A 343 -10.41 -20.39 35.98
CA ALA A 343 -11.12 -21.48 36.67
C ALA A 343 -12.47 -21.79 36.04
N GLY A 344 -12.88 -23.05 36.21
CA GLY A 344 -14.16 -23.51 35.75
C GLY A 344 -14.66 -24.59 36.69
N CYS A 345 -15.88 -25.04 36.48
CA CYS A 345 -16.43 -26.14 37.25
C CYS A 345 -16.09 -27.48 36.59
N THR A 346 -15.07 -28.15 37.12
CA THR A 346 -14.51 -29.32 36.47
C THR A 346 -15.40 -30.53 36.67
N ASP A 347 -15.54 -31.31 35.60
CA ASP A 347 -16.34 -32.53 35.64
C ASP A 347 -15.81 -33.45 36.74
N PRO A 348 -16.72 -34.01 37.54
CA PRO A 348 -16.32 -34.88 38.64
C PRO A 348 -15.55 -36.15 38.22
N ASP A 349 -15.76 -36.66 37.02
CA ASP A 349 -15.00 -37.81 36.55
C ASP A 349 -13.53 -37.42 36.41
N ILE A 350 -13.27 -36.19 36.00
CA ILE A 350 -11.91 -35.69 35.90
C ILE A 350 -11.32 -35.38 37.28
N LEU A 351 -12.12 -34.80 38.17
CA LEU A 351 -11.68 -34.60 39.56
C LEU A 351 -11.36 -35.91 40.27
N GLU A 352 -12.16 -36.95 40.03
CA GLU A 352 -11.96 -38.23 40.66
C GLU A 352 -10.60 -38.86 40.23
N ASP A 353 -10.10 -38.49 39.05
CA ASP A 353 -8.77 -38.93 38.61
C ASP A 353 -7.64 -38.35 39.46
N MET A 354 -7.91 -37.27 40.16
CA MET A 354 -6.84 -36.45 40.72
C MET A 354 -6.36 -36.90 42.09
N SER A 355 -5.05 -36.78 42.28
CA SER A 355 -4.43 -37.00 43.58
C SER A 355 -4.78 -35.87 44.53
N GLN A 356 -4.47 -36.02 45.82
CA GLN A 356 -4.77 -34.97 46.80
C GLN A 356 -3.84 -33.79 46.60
N GLY A 357 -2.63 -34.07 46.14
CA GLY A 357 -1.68 -33.02 45.81
C GLY A 357 -2.18 -32.14 44.68
N GLU A 358 -2.77 -32.76 43.65
CA GLU A 358 -3.29 -32.01 42.53
C GLU A 358 -4.45 -31.12 42.96
N LEU A 359 -5.24 -31.58 43.93
CA LEU A 359 -6.45 -30.89 44.34
C LEU A 359 -6.19 -29.79 45.37
N HIS A 360 -5.18 -29.95 46.20
CA HIS A 360 -4.89 -28.98 47.24
C HIS A 360 -4.37 -27.65 46.66
N GLU A 361 -5.12 -26.58 46.87
CA GLU A 361 -4.76 -25.27 46.38
C GLU A 361 -4.62 -25.31 44.86
N ARG A 362 -5.50 -26.10 44.24
CA ARG A 362 -5.66 -26.14 42.79
C ARG A 362 -6.18 -24.79 42.30
N PRO A 363 -5.49 -24.17 41.32
CA PRO A 363 -5.87 -22.81 40.91
C PRO A 363 -7.13 -22.70 40.07
N TRP A 364 -7.61 -23.79 39.50
CA TRP A 364 -8.68 -23.75 38.50
C TRP A 364 -9.99 -24.31 39.05
N THR A 365 -10.06 -24.49 40.36
CA THR A 365 -11.27 -25.00 41.01
C THR A 365 -12.23 -23.86 41.26
N LEU A 366 -13.19 -23.66 40.36
CA LEU A 366 -14.12 -22.55 40.47
C LEU A 366 -14.86 -22.59 41.80
N GLY A 367 -14.94 -21.43 42.46
CA GLY A 367 -15.59 -21.32 43.74
C GLY A 367 -14.59 -21.18 44.87
N GLU A 368 -13.36 -21.63 44.64
CA GLU A 368 -12.28 -21.48 45.61
C GLU A 368 -11.04 -20.85 45.01
N ASP A 369 -11.05 -20.65 43.70
CA ASP A 369 -9.86 -20.23 42.96
C ASP A 369 -9.36 -18.84 43.36
N HIS A 370 -10.30 -17.97 43.71
CA HIS A 370 -9.98 -16.60 44.10
C HIS A 370 -9.35 -16.53 45.49
N PHE A 371 -9.82 -17.37 46.40
CA PHE A 371 -9.19 -17.54 47.71
C PHE A 371 -7.72 -17.94 47.51
N VAL A 372 -7.54 -18.92 46.63
CA VAL A 372 -6.21 -19.46 46.36
C VAL A 372 -5.33 -18.42 45.72
N TRP A 373 -5.87 -17.69 44.74
CA TRP A 373 -5.18 -16.58 44.11
C TRP A 373 -4.66 -15.58 45.15
N MET A 374 -5.57 -15.09 45.98
CA MET A 374 -5.17 -14.13 47.02
C MET A 374 -4.09 -14.70 47.93
N GLN A 375 -4.27 -15.96 48.32
CA GLN A 375 -3.25 -16.62 49.11
C GLN A 375 -1.90 -16.62 48.38
N ALA A 376 -1.89 -17.04 47.12
CA ALA A 376 -0.64 -17.16 46.37
C ALA A 376 0.04 -15.80 46.23
N MET A 377 -0.74 -14.79 45.88
CA MET A 377 -0.17 -13.46 45.72
C MET A 377 0.39 -12.95 47.03
N VAL A 378 -0.32 -13.17 48.13
CA VAL A 378 0.23 -12.76 49.41
C VAL A 378 1.49 -13.57 49.77
N GLU A 379 1.54 -14.86 49.42
CA GLU A 379 2.79 -15.62 49.62
C GLU A 379 3.98 -15.03 48.88
N LYS A 380 3.69 -14.24 47.84
CA LYS A 380 4.74 -13.66 47.00
C LYS A 380 5.05 -12.21 47.41
N GLY A 381 4.42 -11.76 48.49
CA GLY A 381 4.72 -10.47 49.05
C GLY A 381 3.68 -9.40 48.80
N MET A 382 2.53 -9.77 48.23
CA MET A 382 1.50 -8.79 47.98
C MET A 382 0.83 -8.44 49.30
N ASP A 383 0.48 -7.17 49.44
CA ASP A 383 -0.21 -6.69 50.62
C ASP A 383 -1.66 -7.21 50.60
N PRO A 384 -2.11 -7.83 51.71
CA PRO A 384 -3.47 -8.38 51.78
C PRO A 384 -4.58 -7.44 51.28
N MET A 385 -4.46 -6.15 51.59
CA MET A 385 -5.46 -5.18 51.13
C MET A 385 -5.42 -5.04 49.62
N ALA A 386 -4.21 -5.04 49.05
CA ALA A 386 -4.07 -4.96 47.61
C ALA A 386 -4.63 -6.21 46.96
N ALA A 387 -4.36 -7.35 47.58
CA ALA A 387 -4.92 -8.63 47.13
C ALA A 387 -6.43 -8.61 47.15
N ILE A 388 -7.03 -8.05 48.21
CA ILE A 388 -8.48 -7.88 48.23
C ILE A 388 -8.96 -6.90 47.16
N LEU A 389 -8.26 -5.79 47.00
CA LEU A 389 -8.62 -4.85 45.94
C LEU A 389 -8.54 -5.49 44.56
N ALA A 390 -7.56 -6.37 44.37
CA ALA A 390 -7.43 -7.12 43.12
C ALA A 390 -8.64 -7.98 42.80
N GLY A 391 -9.29 -8.53 43.81
CA GLY A 391 -10.47 -9.37 43.61
C GLY A 391 -11.79 -8.63 43.83
N THR A 392 -11.81 -7.33 43.58
CA THR A 392 -12.95 -6.53 44.00
C THR A 392 -13.06 -5.25 43.16
N ALA A 393 -12.26 -4.22 43.39
CA ALA A 393 -12.37 -2.96 42.65
C ALA A 393 -11.66 -3.03 41.31
N ASN A 394 -10.47 -3.61 41.32
CA ASN A 394 -9.57 -3.57 40.17
C ASN A 394 -10.18 -4.18 38.91
N PRO A 395 -10.79 -5.37 39.01
CA PRO A 395 -11.44 -5.88 37.80
C PRO A 395 -12.60 -5.01 37.36
N ALA A 396 -13.37 -4.48 38.30
CA ALA A 396 -14.44 -3.55 37.96
C ALA A 396 -13.87 -2.37 37.18
N LYS A 397 -12.77 -1.81 37.65
CA LYS A 397 -12.12 -0.73 36.92
C LYS A 397 -11.64 -1.14 35.54
N ALA A 398 -10.92 -2.26 35.45
CA ALA A 398 -10.40 -2.73 34.17
C ALA A 398 -11.52 -2.91 33.14
N TYR A 399 -12.61 -3.54 33.54
CA TYR A 399 -13.72 -3.79 32.64
C TYR A 399 -14.71 -2.61 32.56
N ARG A 400 -14.37 -1.51 33.24
CA ARG A 400 -15.19 -0.30 33.24
C ARG A 400 -16.58 -0.52 33.84
N LYS A 401 -16.63 -1.13 35.03
CA LYS A 401 -17.88 -1.37 35.74
C LYS A 401 -17.82 -0.81 37.14
N PHE A 402 -16.82 0.01 37.43
CA PHE A 402 -16.59 0.47 38.79
C PHE A 402 -17.59 1.54 39.21
N ASP A 403 -18.32 2.12 38.26
CA ASP A 403 -19.41 3.03 38.57
C ASP A 403 -20.63 2.24 39.07
N GLU A 404 -20.71 0.96 38.73
CA GLU A 404 -21.83 0.11 39.16
C GLU A 404 -21.48 -0.86 40.29
N LEU A 405 -20.24 -1.32 40.37
CA LEU A 405 -19.88 -2.40 41.29
C LEU A 405 -18.40 -2.41 41.65
N GLY A 406 -18.03 -3.21 42.64
CA GLY A 406 -16.64 -3.42 42.99
C GLY A 406 -16.18 -2.74 44.25
N SER A 407 -17.00 -1.83 44.77
CA SER A 407 -16.74 -1.19 46.05
C SER A 407 -18.05 -0.87 46.73
N ILE A 408 -18.01 -0.70 48.05
CA ILE A 408 -19.19 -0.30 48.80
C ILE A 408 -19.21 1.21 48.90
N ASP A 409 -20.06 1.80 48.08
CA ASP A 409 -20.17 3.25 47.94
C ASP A 409 -21.60 3.56 47.53
N VAL A 410 -22.11 4.71 47.97
CA VAL A 410 -23.48 5.08 47.70
C VAL A 410 -23.70 5.26 46.21
N GLY A 411 -24.76 4.65 45.70
CA GLY A 411 -25.07 4.70 44.28
C GLY A 411 -24.74 3.41 43.55
N LYS A 412 -23.90 2.59 44.17
CA LYS A 412 -23.47 1.34 43.57
C LYS A 412 -24.36 0.18 43.94
N LEU A 413 -24.33 -0.88 43.13
CA LEU A 413 -25.09 -2.10 43.40
C LEU A 413 -24.78 -2.66 44.77
N GLY A 414 -25.80 -3.20 45.42
CA GLY A 414 -25.68 -3.69 46.77
C GLY A 414 -25.17 -5.11 46.82
N ASP A 415 -23.97 -5.33 46.30
CA ASP A 415 -23.32 -6.62 46.42
C ASP A 415 -22.38 -6.58 47.62
N VAL A 416 -22.52 -7.54 48.52
CA VAL A 416 -21.77 -7.49 49.76
C VAL A 416 -21.52 -8.88 50.26
N VAL A 417 -20.37 -9.08 50.91
CA VAL A 417 -20.16 -10.31 51.67
C VAL A 417 -19.71 -9.99 53.07
N VAL A 418 -20.05 -10.89 53.98
CA VAL A 418 -19.66 -10.77 55.38
C VAL A 418 -18.75 -11.91 55.77
N LEU A 419 -17.63 -11.58 56.39
CA LEU A 419 -16.68 -12.60 56.87
C LEU A 419 -16.62 -12.66 58.40
N ASP A 420 -16.47 -13.86 58.95
CA ASP A 420 -16.39 -14.07 60.38
C ASP A 420 -15.05 -13.64 60.97
N GLN A 421 -13.98 -13.78 60.22
CA GLN A 421 -12.65 -13.41 60.69
C GLN A 421 -11.97 -12.40 59.78
N ASP A 422 -10.86 -11.86 60.24
CA ASP A 422 -10.20 -10.72 59.63
C ASP A 422 -9.34 -11.09 58.42
N PRO A 423 -9.77 -10.70 57.21
CA PRO A 423 -8.94 -11.06 56.06
C PRO A 423 -7.63 -10.29 55.97
N LEU A 424 -7.50 -9.17 56.66
CA LEU A 424 -6.25 -8.42 56.64
C LEU A 424 -5.22 -9.00 57.61
N ALA A 425 -5.68 -9.81 58.55
CA ALA A 425 -4.77 -10.49 59.49
C ALA A 425 -4.25 -11.79 58.90
N ASP A 426 -5.09 -12.45 58.10
CA ASP A 426 -4.74 -13.70 57.45
C ASP A 426 -5.65 -13.82 56.23
N ILE A 427 -5.07 -13.87 55.05
CA ILE A 427 -5.84 -13.74 53.83
C ILE A 427 -6.71 -14.98 53.59
N THR A 428 -6.32 -16.11 54.18
CA THR A 428 -7.13 -17.32 54.08
C THR A 428 -8.48 -17.12 54.77
N ASN A 429 -8.56 -16.14 55.68
CA ASN A 429 -9.84 -15.80 56.29
C ASN A 429 -10.84 -15.28 55.29
N MET A 430 -10.42 -15.03 54.04
CA MET A 430 -11.39 -14.73 53.01
C MET A 430 -12.35 -15.89 52.81
N ARG A 431 -11.95 -17.07 53.28
CA ARG A 431 -12.78 -18.27 53.19
C ARG A 431 -13.92 -18.25 54.20
N THR A 432 -13.85 -17.37 55.20
CA THR A 432 -14.78 -17.44 56.34
C THR A 432 -16.09 -16.70 56.08
N LEU A 433 -16.67 -16.90 54.90
CA LEU A 433 -17.94 -16.30 54.55
C LEU A 433 -19.06 -16.75 55.48
N SER A 434 -19.95 -15.83 55.85
CA SER A 434 -21.14 -16.20 56.60
C SER A 434 -22.39 -15.60 55.99
N HIS A 435 -22.25 -14.51 55.24
CA HIS A 435 -23.36 -13.98 54.46
C HIS A 435 -22.89 -13.50 53.10
N VAL A 436 -23.78 -13.63 52.13
CA VAL A 436 -23.56 -13.24 50.76
C VAL A 436 -24.79 -12.51 50.30
N VAL A 437 -24.60 -11.31 49.76
CA VAL A 437 -25.70 -10.51 49.25
C VAL A 437 -25.42 -10.03 47.85
N LYS A 438 -26.42 -10.18 46.98
CA LYS A 438 -26.37 -9.69 45.62
C LYS A 438 -27.59 -8.79 45.33
N GLU A 439 -27.31 -7.53 45.01
CA GLU A 439 -28.34 -6.54 44.72
C GLU A 439 -29.37 -6.46 45.84
N GLY A 440 -28.88 -6.51 47.07
CA GLY A 440 -29.70 -6.35 48.25
C GLY A 440 -30.47 -7.58 48.68
N ARG A 441 -30.35 -8.66 47.91
CA ARG A 441 -31.01 -9.92 48.19
C ARG A 441 -30.02 -10.88 48.84
N GLU A 442 -30.33 -11.38 50.04
CA GLU A 442 -29.41 -12.30 50.69
C GLU A 442 -29.56 -13.66 50.04
N ILE A 443 -28.43 -14.36 49.88
CA ILE A 443 -28.36 -15.60 49.12
C ILE A 443 -28.17 -16.76 50.07
N ASP A 444 -28.97 -17.82 49.92
CA ASP A 444 -28.71 -19.06 50.63
C ASP A 444 -27.55 -19.76 49.93
N PHE A 445 -26.34 -19.32 50.24
CA PHE A 445 -25.22 -19.67 49.38
C PHE A 445 -24.71 -21.08 49.65
N HIS A 446 -25.00 -21.62 50.82
CA HIS A 446 -24.62 -22.99 51.14
C HIS A 446 -25.45 -24.01 50.36
N GLY A 447 -26.61 -23.58 49.86
CA GLY A 447 -27.48 -24.46 49.11
C GLY A 447 -27.33 -24.32 47.61
N LEU A 448 -26.19 -23.77 47.18
CA LEU A 448 -25.88 -23.67 45.76
C LEU A 448 -24.92 -24.80 45.36
N PRO A 449 -24.98 -25.27 44.11
CA PRO A 449 -25.91 -24.90 43.04
C PRO A 449 -27.29 -25.47 43.28
N LEU A 450 -28.32 -24.83 42.73
CA LEU A 450 -29.70 -25.22 42.97
C LEU A 450 -30.05 -26.57 42.39
N SER A 451 -29.50 -26.84 41.21
CA SER A 451 -29.91 -27.99 40.42
C SER A 451 -28.66 -28.63 39.80
N PRO A 452 -27.94 -29.43 40.60
CA PRO A 452 -26.68 -30.03 40.17
C PRO A 452 -26.80 -30.76 38.85
N LEU A 453 -25.82 -30.53 38.00
CA LEU A 453 -25.88 -30.98 36.63
C LEU A 453 -24.55 -31.65 36.31
N VAL A 454 -23.52 -30.83 36.09
CA VAL A 454 -22.15 -31.32 36.05
C VAL A 454 -21.75 -31.93 37.38
N THR A 455 -22.09 -31.27 38.48
CA THR A 455 -21.65 -31.72 39.81
C THR A 455 -22.52 -32.86 40.38
N ALA A 456 -23.59 -33.23 39.70
CA ALA A 456 -24.37 -34.39 40.10
C ALA A 456 -23.51 -35.66 40.03
N TYR A 457 -23.37 -36.35 41.15
CA TYR A 457 -22.43 -37.47 41.27
C TYR A 457 -22.79 -38.33 42.49
N PRO A 458 -22.63 -39.65 42.41
CA PRO A 458 -22.15 -40.42 41.25
C PRO A 458 -23.19 -40.47 40.12
N ARG A 459 -22.82 -41.11 39.03
CA ARG A 459 -23.64 -41.12 37.82
C ARG A 459 -24.23 -42.50 37.63
N THR A 460 -25.54 -42.56 37.43
CA THR A 460 -26.25 -43.82 37.38
C THR A 460 -26.35 -44.28 35.94
N ALA A 461 -26.00 -45.53 35.69
CA ALA A 461 -25.95 -46.06 34.32
C ALA A 461 -27.32 -46.19 33.70
N ASN A 462 -28.27 -46.71 34.45
CA ASN A 462 -29.62 -46.91 33.94
C ASN A 462 -30.66 -46.40 34.95
N VAL A 463 -31.14 -45.19 34.68
CA VAL A 463 -32.09 -44.51 35.54
C VAL A 463 -33.50 -44.98 35.20
N LEU A 464 -34.17 -45.58 36.19
CA LEU A 464 -35.47 -46.19 35.95
C LEU A 464 -36.63 -45.23 36.23
N ASP A 465 -37.59 -45.22 35.32
CA ASP A 465 -38.85 -44.49 35.53
C ASP A 465 -39.86 -45.40 36.23
N MET B 1 41.56 -22.74 -10.33
N MET B 1 40.88 -22.55 -9.98
CA MET B 1 40.19 -23.32 -10.28
CA MET B 1 40.35 -23.86 -10.46
C MET B 1 39.64 -23.57 -11.68
C MET B 1 39.82 -23.80 -11.91
N GLY B 2 39.98 -22.66 -12.59
CA GLY B 2 39.41 -22.57 -13.93
C GLY B 2 40.21 -23.13 -15.10
N GLU B 3 39.50 -23.49 -16.17
CA GLU B 3 40.11 -24.07 -17.37
C GLU B 3 39.68 -23.38 -18.67
N THR B 4 40.09 -23.94 -19.81
CA THR B 4 39.91 -23.32 -21.12
C THR B 4 39.24 -24.26 -22.13
N ILE B 5 38.30 -23.74 -22.91
CA ILE B 5 37.51 -24.59 -23.80
C ILE B 5 36.74 -23.70 -24.77
N ALA B 6 36.16 -24.29 -25.81
CA ALA B 6 35.34 -23.54 -26.76
C ALA B 6 34.17 -24.39 -27.23
N ILE B 7 33.00 -23.76 -27.31
CA ILE B 7 31.76 -24.43 -27.69
C ILE B 7 31.33 -23.83 -29.02
N VAL B 8 31.17 -24.68 -30.03
CA VAL B 8 31.28 -24.26 -31.42
C VAL B 8 30.03 -24.52 -32.26
N GLY B 9 29.39 -23.46 -32.73
CA GLY B 9 28.46 -23.58 -33.83
C GLY B 9 27.04 -23.90 -33.44
N GLY B 10 26.69 -23.54 -32.20
CA GLY B 10 25.37 -23.84 -31.68
C GLY B 10 24.47 -22.62 -31.68
N THR B 11 23.17 -22.86 -31.64
CA THR B 11 22.20 -21.80 -31.40
C THR B 11 22.33 -21.34 -29.96
N LEU B 12 22.69 -20.07 -29.76
CA LEU B 12 22.92 -19.55 -28.42
C LEU B 12 21.64 -18.99 -27.79
N ILE B 13 21.30 -19.51 -26.61
CA ILE B 13 20.29 -18.92 -25.74
C ILE B 13 21.04 -18.41 -24.52
N ASP B 14 21.33 -17.11 -24.49
CA ASP B 14 22.35 -16.59 -23.58
C ASP B 14 21.88 -16.25 -22.16
N GLY B 15 20.57 -16.28 -21.93
CA GLY B 15 20.03 -15.95 -20.62
C GLY B 15 19.52 -14.52 -20.44
N ASN B 16 19.77 -13.65 -21.41
CA ASN B 16 19.29 -12.25 -21.32
C ASN B 16 17.94 -12.05 -21.98
N GLY B 17 17.39 -13.11 -22.58
CA GLY B 17 16.03 -13.07 -23.07
C GLY B 17 15.82 -12.66 -24.51
N GLY B 18 16.90 -12.32 -25.21
CA GLY B 18 16.80 -11.87 -26.59
C GLY B 18 16.50 -13.03 -27.55
N VAL B 19 16.41 -12.72 -28.84
CA VAL B 19 16.17 -13.76 -29.84
C VAL B 19 17.39 -14.69 -29.87
N PRO B 20 17.16 -16.01 -29.95
CA PRO B 20 18.28 -16.94 -30.01
C PRO B 20 19.15 -16.74 -31.26
N VAL B 21 20.47 -16.76 -31.07
CA VAL B 21 21.45 -16.40 -32.08
C VAL B 21 22.13 -17.62 -32.71
N PRO B 22 21.76 -17.97 -33.95
CA PRO B 22 22.29 -19.22 -34.54
C PRO B 22 23.76 -19.18 -34.91
N GLU B 23 24.30 -20.35 -35.22
CA GLU B 23 25.70 -20.54 -35.59
C GLU B 23 26.64 -19.63 -34.79
N THR B 24 26.54 -19.74 -33.47
CA THR B 24 27.36 -18.97 -32.55
C THR B 24 28.42 -19.86 -31.90
N THR B 25 29.47 -19.22 -31.40
CA THR B 25 30.54 -19.92 -30.72
C THR B 25 30.88 -19.18 -29.43
N VAL B 26 31.14 -19.94 -28.37
CA VAL B 26 31.47 -19.40 -27.06
C VAL B 26 32.87 -19.84 -26.72
N PHE B 27 33.73 -18.91 -26.31
CA PHE B 27 35.11 -19.23 -26.00
C PHE B 27 35.47 -18.87 -24.56
N ILE B 28 35.97 -19.87 -23.83
CA ILE B 28 36.29 -19.71 -22.42
C ILE B 28 37.78 -19.93 -22.14
N GLU B 29 38.36 -19.05 -21.33
CA GLU B 29 39.76 -19.10 -20.92
C GLU B 29 39.94 -18.97 -19.42
N ASP B 30 40.54 -19.97 -18.80
CA ASP B 30 40.77 -19.95 -17.35
C ASP B 30 39.51 -19.64 -16.58
N GLY B 31 38.41 -20.25 -16.99
CA GLY B 31 37.17 -20.22 -16.24
C GLY B 31 36.23 -19.12 -16.67
N ARG B 32 36.73 -18.20 -17.49
CA ARG B 32 36.01 -16.99 -17.84
C ARG B 32 35.66 -16.93 -19.31
N ILE B 33 34.44 -16.48 -19.59
CA ILE B 33 34.02 -16.25 -20.96
C ILE B 33 34.75 -15.04 -21.50
N THR B 34 35.47 -15.23 -22.61
CA THR B 34 36.17 -14.15 -23.27
C THR B 34 35.59 -13.75 -24.62
N LYS B 35 34.99 -14.68 -25.32
CA LYS B 35 34.40 -14.36 -26.61
C LYS B 35 33.04 -14.97 -26.81
N VAL B 36 32.08 -14.16 -27.22
CA VAL B 36 30.85 -14.69 -27.75
C VAL B 36 30.67 -14.03 -29.10
N GLY B 37 30.47 -14.84 -30.12
CA GLY B 37 30.45 -14.34 -31.47
C GLY B 37 29.96 -15.35 -32.46
N SER B 38 29.79 -14.92 -33.70
CA SER B 38 29.52 -15.87 -34.76
C SER B 38 30.71 -16.81 -34.92
N THR B 39 30.41 -18.03 -35.37
CA THR B 39 31.41 -19.08 -35.49
C THR B 39 32.53 -18.67 -36.42
N ASP B 40 32.16 -18.39 -37.65
CA ASP B 40 33.11 -18.03 -38.68
C ASP B 40 33.82 -16.70 -38.39
N GLN B 41 33.49 -16.07 -37.28
CA GLN B 41 34.15 -14.83 -36.86
C GLN B 41 35.26 -15.07 -35.82
N ILE B 42 35.42 -16.30 -35.34
CA ILE B 42 36.48 -16.57 -34.36
C ILE B 42 37.21 -17.90 -34.62
N GLU B 43 38.54 -17.83 -34.71
CA GLU B 43 39.38 -19.02 -34.88
C GLU B 43 39.64 -19.75 -33.57
N VAL B 44 39.68 -21.07 -33.65
CA VAL B 44 40.02 -21.92 -32.52
C VAL B 44 41.33 -22.63 -32.85
N HIS B 45 42.46 -22.07 -32.39
CA HIS B 45 43.73 -22.77 -32.42
C HIS B 45 43.49 -24.21 -31.97
N PRO B 46 43.59 -25.19 -32.89
CA PRO B 46 42.99 -26.48 -32.50
C PRO B 46 43.82 -27.32 -31.54
N ASN B 47 44.71 -26.69 -30.78
CA ASN B 47 45.26 -27.30 -29.58
C ASN B 47 44.34 -27.05 -28.38
N ILE B 48 43.14 -26.53 -28.66
CA ILE B 48 42.20 -26.13 -27.63
C ILE B 48 40.97 -27.01 -27.68
N ARG B 49 40.56 -27.51 -26.52
CA ARG B 49 39.45 -28.46 -26.43
C ARG B 49 38.20 -27.82 -27.02
N GLN B 50 37.42 -28.62 -27.74
CA GLN B 50 36.26 -28.13 -28.46
C GLN B 50 35.06 -29.02 -28.23
N ILE B 51 33.90 -28.39 -28.20
CA ILE B 51 32.64 -29.10 -28.21
C ILE B 51 31.89 -28.72 -29.47
N ASP B 52 31.62 -29.70 -30.30
CA ASP B 52 30.90 -29.47 -31.54
C ASP B 52 29.42 -29.29 -31.21
N ALA B 53 28.94 -28.05 -31.35
CA ALA B 53 27.57 -27.72 -30.97
C ALA B 53 26.66 -27.57 -32.18
N GLN B 54 27.08 -28.11 -33.32
CA GLN B 54 26.30 -27.94 -34.54
C GLN B 54 24.99 -28.70 -34.44
N GLY B 55 23.89 -27.98 -34.71
CA GLY B 55 22.56 -28.55 -34.64
C GLY B 55 22.06 -28.62 -33.21
N LYS B 56 22.80 -27.99 -32.31
CA LYS B 56 22.54 -28.08 -30.88
C LYS B 56 22.33 -26.68 -30.28
N TRP B 57 21.87 -26.63 -29.04
CA TRP B 57 21.61 -25.36 -28.37
C TRP B 57 22.54 -25.13 -27.20
N ILE B 58 22.99 -23.89 -27.04
CA ILE B 58 23.93 -23.53 -25.99
C ILE B 58 23.24 -22.64 -24.95
N LEU B 59 23.21 -23.11 -23.70
CA LEU B 59 22.58 -22.37 -22.61
C LEU B 59 23.59 -22.08 -21.52
N PRO B 60 23.28 -21.11 -20.66
CA PRO B 60 24.17 -20.92 -19.52
C PRO B 60 24.02 -22.09 -18.57
N GLY B 61 25.02 -22.35 -17.75
CA GLY B 61 24.89 -23.33 -16.69
C GLY B 61 23.63 -23.07 -15.88
N LEU B 62 22.86 -24.12 -15.65
CA LEU B 62 21.59 -23.96 -14.97
C LEU B 62 21.79 -23.62 -13.51
N VAL B 63 20.78 -22.96 -12.94
CA VAL B 63 20.87 -22.41 -11.60
C VAL B 63 19.59 -22.77 -10.87
N ASN B 64 19.72 -23.31 -9.67
CA ASN B 64 18.57 -23.62 -8.84
C ASN B 64 18.58 -22.74 -7.61
N GLY B 65 17.55 -21.92 -7.49
CA GLY B 65 17.46 -20.93 -6.42
C GLY B 65 17.08 -21.46 -5.04
N ASN B 66 16.78 -22.75 -4.94
CA ASN B 66 16.40 -23.31 -3.64
C ASN B 66 16.46 -24.82 -3.59
N VAL B 67 17.49 -25.36 -2.95
CA VAL B 67 17.63 -26.79 -2.72
C VAL B 67 18.00 -27.04 -1.27
N HIS B 68 17.99 -28.31 -0.89
CA HIS B 68 18.46 -28.74 0.41
C HIS B 68 19.36 -29.94 0.21
N LEU B 69 20.65 -29.77 0.46
CA LEU B 69 21.63 -30.80 0.12
C LEU B 69 21.74 -31.87 1.21
N LEU B 70 21.29 -31.55 2.42
CA LEU B 70 20.74 -32.56 3.33
C LEU B 70 19.23 -32.50 3.17
N ASP B 71 18.62 -33.64 2.88
CA ASP B 71 17.27 -33.64 2.32
C ASP B 71 16.19 -33.29 3.35
N GLY B 72 15.84 -32.01 3.38
CA GLY B 72 14.92 -31.49 4.37
C GLY B 72 13.49 -31.96 4.18
N ILE B 73 13.07 -32.05 2.94
CA ILE B 73 11.69 -32.41 2.63
C ILE B 73 11.37 -33.80 3.16
N MET B 74 12.35 -34.68 3.06
CA MET B 74 12.24 -36.00 3.63
C MET B 74 11.99 -35.94 5.12
N MET B 75 12.76 -35.10 5.81
CA MET B 75 12.68 -34.97 7.27
C MET B 75 11.32 -34.48 7.75
N MET B 76 10.49 -34.05 6.82
CA MET B 76 9.16 -33.61 7.16
C MET B 76 8.16 -34.75 7.12
N GLY B 77 8.64 -35.94 6.76
CA GLY B 77 7.85 -37.15 6.93
C GLY B 77 8.64 -38.28 7.55
N ARG B 78 8.58 -39.41 6.89
CA ARG B 78 9.28 -40.59 7.34
C ARG B 78 10.72 -40.54 6.83
N GLY B 79 11.67 -40.95 7.66
CA GLY B 79 13.04 -41.18 7.22
C GLY B 79 14.13 -40.33 7.85
N GLY B 80 13.77 -39.30 8.57
CA GLY B 80 14.76 -38.41 9.19
C GLY B 80 15.76 -39.11 10.08
N ILE B 81 15.27 -39.93 10.99
CA ILE B 81 16.14 -40.60 11.96
C ILE B 81 17.14 -41.52 11.26
N GLU B 82 16.64 -42.38 10.38
CA GLU B 82 17.48 -43.39 9.76
C GLU B 82 18.53 -42.71 8.88
N TYR B 83 18.11 -41.72 8.12
CA TYR B 83 19.00 -40.94 7.27
C TYR B 83 20.07 -40.22 8.06
N LEU B 84 19.68 -39.48 9.10
CA LEU B 84 20.69 -38.76 9.87
C LEU B 84 21.59 -39.70 10.69
N ALA B 85 21.07 -40.83 11.17
CA ALA B 85 21.87 -41.74 11.95
C ALA B 85 22.86 -42.49 11.05
N ARG B 86 22.41 -42.90 9.87
CA ARG B 86 23.24 -43.64 8.94
C ARG B 86 24.44 -42.85 8.42
N PHE B 87 24.31 -41.53 8.30
CA PHE B 87 25.35 -40.76 7.65
C PHE B 87 26.07 -39.78 8.59
N GLU B 88 25.82 -39.88 9.89
CA GLU B 88 26.61 -39.12 10.84
C GLU B 88 28.08 -39.52 10.67
N GLY B 89 28.95 -38.51 10.60
CA GLY B 89 30.35 -38.70 10.28
C GLY B 89 30.65 -38.22 8.88
N ASN B 90 29.63 -38.26 8.02
CA ASN B 90 29.78 -38.04 6.59
C ASN B 90 28.83 -37.00 5.95
N TYR B 91 28.31 -36.06 6.73
CA TYR B 91 27.30 -35.14 6.20
C TYR B 91 27.84 -34.30 5.03
N TYR B 92 29.08 -33.82 5.14
CA TYR B 92 29.66 -33.02 4.06
C TYR B 92 29.75 -33.82 2.74
N LYS B 93 29.99 -35.11 2.84
CA LYS B 93 30.02 -35.96 1.65
C LYS B 93 28.63 -36.23 1.08
N VAL B 94 27.63 -36.35 1.95
CA VAL B 94 26.24 -36.38 1.49
C VAL B 94 25.92 -35.12 0.69
N ILE B 95 26.31 -33.98 1.25
CA ILE B 95 26.12 -32.69 0.58
C ILE B 95 26.86 -32.62 -0.78
N GLU B 96 28.11 -33.05 -0.81
CA GLU B 96 28.86 -33.11 -2.07
C GLU B 96 28.21 -34.04 -3.10
N GLU B 97 27.77 -35.21 -2.64
CA GLU B 97 27.04 -36.11 -3.52
C GLU B 97 25.80 -35.44 -4.11
N ALA B 98 25.02 -34.78 -3.27
CA ALA B 98 23.83 -34.09 -3.77
C ALA B 98 24.21 -32.97 -4.75
N ALA B 99 25.25 -32.20 -4.43
CA ALA B 99 25.77 -31.19 -5.36
C ALA B 99 26.18 -31.81 -6.70
N GLN B 100 26.79 -32.99 -6.66
CA GLN B 100 27.15 -33.69 -7.88
C GLN B 100 25.90 -34.12 -8.64
N ILE B 101 24.90 -34.60 -7.92
CA ILE B 101 23.65 -34.97 -8.58
C ILE B 101 22.97 -33.76 -9.20
N ALA B 102 23.06 -32.60 -8.56
CA ALA B 102 22.60 -31.37 -9.18
C ALA B 102 23.38 -31.13 -10.47
N LEU B 103 24.71 -31.16 -10.38
CA LEU B 103 25.57 -31.00 -11.55
C LEU B 103 25.25 -32.00 -12.68
N ARG B 104 24.89 -33.22 -12.33
CA ARG B 104 24.52 -34.21 -13.34
C ARG B 104 23.30 -33.78 -14.16
N GLY B 105 22.55 -32.83 -13.64
CA GLY B 105 21.34 -32.36 -14.29
C GLY B 105 21.51 -31.04 -15.03
N GLY B 106 22.74 -30.56 -15.14
CA GLY B 106 23.03 -29.33 -15.84
C GLY B 106 23.14 -28.13 -14.92
N VAL B 107 22.95 -28.35 -13.63
CA VAL B 107 22.97 -27.27 -12.65
C VAL B 107 24.39 -27.04 -12.12
N THR B 108 24.95 -25.87 -12.43
CA THR B 108 26.32 -25.56 -12.03
C THR B 108 26.38 -24.71 -10.76
N THR B 109 25.26 -24.09 -10.39
CA THR B 109 25.17 -23.30 -9.15
C THR B 109 23.90 -23.66 -8.40
N VAL B 110 24.04 -23.96 -7.11
CA VAL B 110 22.86 -24.17 -6.27
C VAL B 110 22.86 -23.25 -5.07
N PHE B 111 21.65 -22.86 -4.70
CA PHE B 111 21.40 -22.01 -3.55
C PHE B 111 20.64 -22.85 -2.54
N ASP B 112 21.28 -23.10 -1.41
CA ASP B 112 20.74 -23.95 -0.38
C ASP B 112 20.21 -23.07 0.74
N THR B 113 18.90 -23.10 0.95
CA THR B 113 18.25 -22.16 1.85
C THR B 113 17.93 -22.76 3.23
N TRP B 114 18.25 -24.02 3.43
CA TRP B 114 18.19 -24.63 4.77
C TRP B 114 19.05 -25.88 4.80
N ASN B 115 20.00 -25.90 5.73
CA ASN B 115 20.95 -26.98 5.87
C ASN B 115 21.66 -26.83 7.20
N ALA B 116 22.48 -27.80 7.55
CA ALA B 116 23.31 -27.71 8.74
C ALA B 116 24.58 -26.93 8.38
N LEU B 117 24.92 -25.94 9.19
CA LEU B 117 25.94 -24.97 8.81
C LEU B 117 27.34 -25.57 8.62
N GLU B 118 27.79 -26.38 9.57
CA GLU B 118 29.13 -26.95 9.53
C GLU B 118 29.40 -27.80 8.27
N PRO B 119 28.54 -28.80 8.01
CA PRO B 119 28.85 -29.59 6.82
C PRO B 119 28.63 -28.87 5.49
N VAL B 120 27.67 -27.95 5.41
CA VAL B 120 27.47 -27.25 4.15
C VAL B 120 28.65 -26.30 3.92
N THR B 121 29.18 -25.74 5.01
CA THR B 121 30.40 -24.95 4.90
C THR B 121 31.56 -25.79 4.37
N ILE B 122 31.80 -26.92 5.02
CA ILE B 122 32.86 -27.82 4.57
C ILE B 122 32.71 -28.18 3.09
N ALA B 123 31.51 -28.60 2.70
CA ALA B 123 31.29 -28.98 1.32
C ALA B 123 31.48 -27.82 0.34
N ARG B 124 30.89 -26.66 0.64
CA ARG B 124 31.07 -25.51 -0.23
C ARG B 124 32.55 -25.24 -0.43
N ASP B 125 33.29 -25.18 0.66
CA ASP B 125 34.70 -24.86 0.58
C ASP B 125 35.51 -25.92 -0.18
N ARG B 126 35.21 -27.20 0.02
CA ARG B 126 35.91 -28.21 -0.76
C ARG B 126 35.55 -28.23 -2.24
N ILE B 127 34.30 -27.93 -2.59
CA ILE B 127 33.97 -27.82 -4.00
C ILE B 127 34.62 -26.59 -4.62
N ALA B 128 34.65 -25.51 -3.87
CA ALA B 128 35.24 -24.27 -4.36
C ALA B 128 36.75 -24.40 -4.62
N SER B 129 37.40 -25.24 -3.83
CA SER B 129 38.85 -25.38 -3.86
C SER B 129 39.32 -26.51 -4.76
N GLY B 130 38.39 -27.25 -5.37
CA GLY B 130 38.73 -28.37 -6.22
C GLY B 130 38.91 -29.69 -5.52
N ALA B 131 38.81 -29.69 -4.20
CA ALA B 131 39.00 -30.92 -3.43
C ALA B 131 37.83 -31.91 -3.59
N ALA B 132 36.69 -31.42 -4.08
CA ALA B 132 35.56 -32.30 -4.35
C ALA B 132 34.81 -31.79 -5.57
N GLU B 133 34.08 -32.70 -6.21
CA GLU B 133 33.28 -32.37 -7.39
C GLU B 133 31.85 -31.97 -7.00
N GLY B 134 31.24 -31.12 -7.81
CA GLY B 134 29.84 -30.75 -7.64
C GLY B 134 29.51 -29.34 -8.10
N ALA B 135 28.22 -29.02 -8.13
CA ALA B 135 27.77 -27.66 -8.36
C ALA B 135 28.35 -26.73 -7.32
N ARG B 136 28.61 -25.50 -7.73
CA ARG B 136 28.98 -24.41 -6.85
C ARG B 136 27.86 -24.20 -5.82
N ILE B 137 28.21 -24.05 -4.54
CA ILE B 137 27.21 -23.92 -3.48
C ILE B 137 27.20 -22.54 -2.86
N PHE B 138 26.02 -21.94 -2.76
CA PHE B 138 25.82 -20.82 -1.84
C PHE B 138 24.74 -21.16 -0.85
N PHE B 139 24.90 -20.76 0.41
CA PHE B 139 23.97 -21.22 1.44
C PHE B 139 23.56 -20.18 2.48
N ALA B 140 22.42 -20.48 3.10
CA ALA B 140 21.82 -19.68 4.14
C ALA B 140 22.23 -20.14 5.51
N GLY B 141 22.61 -21.41 5.59
CA GLY B 141 22.69 -22.08 6.87
C GLY B 141 21.27 -22.41 7.27
N THR B 142 20.90 -22.04 8.48
CA THR B 142 19.57 -22.35 8.96
C THR B 142 18.55 -21.28 8.58
N LEU B 143 17.31 -21.56 8.94
CA LEU B 143 16.22 -20.62 8.82
C LEU B 143 15.97 -19.95 10.18
N ILE B 144 16.23 -18.65 10.27
CA ILE B 144 16.14 -17.92 11.54
C ILE B 144 14.72 -18.00 12.12
N GLY B 145 14.61 -18.61 13.30
CA GLY B 145 13.33 -18.70 13.99
C GLY B 145 12.60 -20.01 13.80
N MET B 146 13.21 -20.94 13.06
CA MET B 146 12.63 -22.27 12.88
C MET B 146 13.34 -23.31 13.73
N GLY B 147 12.60 -24.30 14.20
CA GLY B 147 13.19 -25.39 14.94
C GLY B 147 13.85 -26.40 14.03
N GLY B 148 14.69 -27.25 14.63
CA GLY B 148 15.35 -28.32 13.91
C GLY B 148 14.42 -29.47 13.55
N PRO B 149 14.95 -30.50 12.88
CA PRO B 149 14.16 -31.60 12.32
C PRO B 149 13.45 -32.47 13.36
N PHE B 150 13.77 -32.28 14.62
CA PHE B 150 13.10 -33.02 15.68
C PHE B 150 12.37 -32.05 16.62
N THR B 151 11.88 -30.96 16.05
CA THR B 151 11.00 -30.03 16.75
C THR B 151 9.61 -30.06 16.14
N GLY B 152 8.75 -29.16 16.59
CA GLY B 152 7.39 -29.06 16.10
C GLY B 152 7.29 -28.73 14.63
N ASP B 153 8.34 -28.11 14.12
CA ASP B 153 8.37 -27.66 12.73
C ASP B 153 8.49 -28.79 11.72
N PHE B 154 8.69 -30.01 12.18
CA PHE B 154 8.74 -31.17 11.28
C PHE B 154 7.81 -32.28 11.76
N MET B 155 7.10 -32.06 12.86
CA MET B 155 6.10 -33.03 13.32
C MET B 155 4.83 -33.07 12.49
N ARG B 156 4.20 -34.24 12.49
CA ARG B 156 2.82 -34.39 12.10
C ARG B 156 2.11 -35.02 13.28
N PRO B 157 0.78 -34.91 13.33
CA PRO B 157 0.06 -35.45 14.49
C PRO B 157 0.35 -36.92 14.74
N SER B 158 0.59 -37.69 13.69
CA SER B 158 0.93 -39.09 13.82
C SER B 158 2.39 -39.38 13.44
N MET B 159 3.26 -38.36 13.48
CA MET B 159 4.70 -38.54 13.24
C MET B 159 5.52 -37.72 14.19
N GLN B 160 5.94 -38.36 15.28
CA GLN B 160 6.71 -37.70 16.30
C GLN B 160 7.96 -38.51 16.55
N ALA B 161 9.00 -38.18 15.79
CA ALA B 161 10.26 -38.88 15.82
C ALA B 161 10.82 -39.00 17.25
N ARG B 162 10.67 -37.95 18.05
CA ARG B 162 11.26 -37.92 19.38
C ARG B 162 10.68 -38.97 20.31
N THR B 163 9.51 -39.49 19.97
CA THR B 163 8.91 -40.54 20.77
C THR B 163 9.64 -41.87 20.62
N VAL B 164 10.48 -42.01 19.59
CA VAL B 164 11.14 -43.29 19.35
C VAL B 164 12.65 -43.17 19.13
N MET B 165 13.24 -42.08 19.59
CA MET B 165 14.66 -41.86 19.43
C MET B 165 15.24 -41.34 20.72
N SER B 166 16.55 -41.44 20.86
CA SER B 166 17.20 -40.92 22.03
C SER B 166 17.13 -39.38 22.01
N ARG B 167 16.89 -38.80 23.18
CA ARG B 167 16.88 -37.37 23.34
C ARG B 167 18.23 -36.80 22.93
N THR B 168 19.29 -37.52 23.28
CA THR B 168 20.66 -37.06 23.02
C THR B 168 20.93 -36.89 21.53
N PHE B 169 20.59 -37.90 20.75
CA PHE B 169 20.72 -37.82 19.30
C PHE B 169 19.84 -36.71 18.72
N ALA B 170 18.57 -36.67 19.12
CA ALA B 170 17.63 -35.64 18.64
C ALA B 170 18.19 -34.25 18.91
N ASP B 171 18.69 -34.06 20.12
CA ASP B 171 19.25 -32.79 20.54
C ASP B 171 20.48 -32.44 19.71
N ARG B 172 21.35 -33.43 19.52
CA ARG B 172 22.54 -33.21 18.71
C ARG B 172 22.16 -32.84 17.28
N MET B 173 21.16 -33.49 16.72
CA MET B 173 20.74 -33.15 15.37
C MET B 173 20.06 -31.78 15.31
N ASP B 174 19.25 -31.43 16.31
CA ASP B 174 18.60 -30.13 16.31
C ASP B 174 19.63 -29.01 16.47
N ALA B 175 20.66 -29.23 17.29
CA ALA B 175 21.68 -28.21 17.45
C ALA B 175 22.49 -27.92 16.18
N MET B 176 22.77 -28.92 15.36
CA MET B 176 23.62 -28.65 14.20
C MET B 176 22.80 -28.00 13.08
N PHE B 177 21.48 -28.14 13.11
CA PHE B 177 20.64 -27.41 12.18
C PHE B 177 20.26 -26.01 12.70
N GLU B 178 19.94 -25.89 13.98
CA GLU B 178 19.52 -24.61 14.54
C GLU B 178 20.65 -23.61 14.74
N VAL B 179 21.79 -24.08 15.25
CA VAL B 179 22.95 -23.22 15.55
C VAL B 179 22.50 -22.02 16.39
N GLY B 180 21.62 -22.30 17.36
CA GLY B 180 21.22 -21.31 18.34
C GLY B 180 20.17 -20.34 17.86
N MET B 181 19.69 -20.54 16.63
CA MET B 181 18.72 -19.63 16.02
C MET B 181 17.35 -20.27 15.88
N GLY B 182 17.00 -21.16 16.81
CA GLY B 182 15.73 -21.86 16.77
C GLY B 182 14.55 -21.07 17.33
N ARG B 183 13.52 -21.78 17.74
CA ARG B 183 12.27 -21.17 18.17
C ARG B 183 12.43 -20.25 19.39
N HIS B 184 13.43 -20.51 20.21
CA HIS B 184 13.63 -19.72 21.43
C HIS B 184 13.83 -18.23 21.15
N LEU B 185 14.26 -17.91 19.94
CA LEU B 185 14.41 -16.51 19.55
C LEU B 185 13.09 -15.76 19.69
N SER B 186 11.97 -16.47 19.56
CA SER B 186 10.66 -15.86 19.65
C SER B 186 10.33 -15.45 21.07
N THR B 187 11.10 -15.91 22.06
CA THR B 187 10.86 -15.55 23.45
C THR B 187 11.64 -14.32 23.90
N LEU B 188 12.50 -13.80 23.04
CA LEU B 188 13.46 -12.78 23.46
C LEU B 188 12.99 -11.36 23.17
N PRO B 189 13.41 -10.41 24.02
CA PRO B 189 13.29 -8.99 23.66
C PRO B 189 14.25 -8.63 22.51
N PRO B 190 13.94 -7.59 21.72
CA PRO B 190 14.75 -7.18 20.57
C PRO B 190 16.27 -7.02 20.83
N ALA B 191 16.59 -6.39 21.95
CA ALA B 191 17.98 -6.10 22.29
C ALA B 191 18.80 -7.37 22.57
N GLU B 192 18.12 -8.48 22.84
CA GLU B 192 18.82 -9.72 23.07
C GLU B 192 18.81 -10.57 21.81
N VAL B 193 17.91 -10.28 20.88
CA VAL B 193 17.93 -10.91 19.57
C VAL B 193 19.08 -10.34 18.74
N ARG B 194 19.28 -9.04 18.82
CA ARG B 194 20.31 -8.39 18.00
C ARG B 194 21.71 -9.08 18.00
N PRO B 195 22.33 -9.28 19.18
CA PRO B 195 23.64 -9.93 19.19
C PRO B 195 23.68 -11.34 18.60
N LEU B 196 22.61 -12.11 18.76
CA LEU B 196 22.58 -13.49 18.26
C LEU B 196 22.57 -13.54 16.73
N ILE B 197 21.79 -12.67 16.10
CA ILE B 197 21.75 -12.64 14.64
C ILE B 197 23.02 -11.97 14.11
N ARG B 198 23.51 -10.93 14.82
CA ARG B 198 24.79 -10.33 14.46
C ARG B 198 25.88 -11.39 14.44
N GLU B 199 26.00 -12.17 15.51
CA GLU B 199 27.01 -13.22 15.57
C GLU B 199 26.73 -14.34 14.55
N TYR B 200 25.46 -14.70 14.36
CA TYR B 200 25.16 -15.68 13.34
C TYR B 200 25.65 -15.27 11.95
N LEU B 201 25.44 -14.01 11.58
CA LEU B 201 25.85 -13.57 10.26
C LEU B 201 27.37 -13.51 10.09
N GLU B 202 28.11 -13.50 11.19
CA GLU B 202 29.56 -13.53 11.14
C GLU B 202 30.12 -14.93 10.85
N ARG B 203 29.27 -15.95 10.80
CA ARG B 203 29.73 -17.32 10.54
C ARG B 203 29.84 -17.67 9.07
N GLY B 204 29.74 -16.68 8.20
CA GLY B 204 30.12 -16.87 6.81
C GLY B 204 29.03 -17.35 5.87
N VAL B 205 27.78 -17.02 6.17
CA VAL B 205 26.70 -17.40 5.27
C VAL B 205 26.67 -16.47 4.05
N ASP B 206 26.19 -16.99 2.93
CA ASP B 206 26.09 -16.23 1.68
C ASP B 206 24.82 -15.38 1.63
N PHE B 207 23.82 -15.77 2.40
CA PHE B 207 22.58 -15.03 2.52
C PHE B 207 21.87 -15.49 3.76
N CYS B 208 20.77 -14.82 4.11
CA CYS B 208 20.08 -15.12 5.34
C CYS B 208 18.57 -15.22 5.10
N LYS B 209 18.00 -16.36 5.46
CA LYS B 209 16.59 -16.60 5.31
C LYS B 209 15.90 -16.53 6.66
N ILE B 210 14.86 -15.70 6.72
CA ILE B 210 14.12 -15.46 7.96
C ILE B 210 12.73 -16.08 7.90
N ALA B 211 12.33 -16.69 9.01
CA ALA B 211 11.01 -17.29 9.11
C ALA B 211 10.00 -16.21 9.52
N VAL B 212 9.48 -15.50 8.53
CA VAL B 212 8.50 -14.47 8.80
C VAL B 212 7.26 -15.10 9.40
N THR B 213 6.81 -16.18 8.77
CA THR B 213 5.74 -16.99 9.30
C THR B 213 6.26 -18.34 9.83
N ASP B 214 5.34 -19.12 10.37
CA ASP B 214 5.67 -20.39 10.98
C ASP B 214 5.98 -21.46 9.96
N HIS B 215 6.43 -22.59 10.46
CA HIS B 215 6.69 -23.78 9.67
C HIS B 215 5.94 -24.98 10.28
N LEU B 216 4.66 -24.78 10.61
CA LEU B 216 3.85 -25.81 11.26
C LEU B 216 2.82 -26.46 10.38
N VAL B 217 2.95 -26.32 9.07
CA VAL B 217 1.97 -26.90 8.16
C VAL B 217 1.84 -28.42 8.30
N GLY B 218 2.91 -29.10 8.70
CA GLY B 218 2.83 -30.53 8.92
C GLY B 218 1.97 -30.89 10.10
N LEU B 219 1.97 -30.01 11.09
CA LEU B 219 1.23 -30.21 12.31
C LEU B 219 -0.21 -29.69 12.29
N LEU B 220 -0.44 -28.59 11.57
CA LEU B 220 -1.70 -27.86 11.64
C LEU B 220 -2.40 -27.68 10.31
N GLY B 221 -1.77 -28.12 9.23
CA GLY B 221 -2.29 -27.91 7.90
C GLY B 221 -2.01 -26.51 7.40
N PHE B 222 -2.67 -26.11 6.32
CA PHE B 222 -2.30 -24.90 5.61
C PHE B 222 -3.08 -23.65 5.97
N ARG B 223 -4.08 -23.76 6.82
CA ARG B 223 -5.03 -22.67 7.04
C ARG B 223 -5.00 -22.12 8.47
N ALA B 224 -3.82 -22.14 9.08
CA ALA B 224 -3.63 -21.64 10.42
C ALA B 224 -2.25 -21.02 10.64
N PRO B 225 -1.82 -20.12 9.74
CA PRO B 225 -0.48 -19.53 9.82
C PRO B 225 -0.28 -18.53 10.95
N TYR B 226 0.97 -18.39 11.39
CA TYR B 226 1.36 -17.48 12.44
C TYR B 226 2.51 -16.61 11.99
N PHE B 227 2.77 -15.53 12.73
CA PHE B 227 3.99 -14.78 12.62
C PHE B 227 4.97 -15.24 13.69
N THR B 228 6.21 -15.43 13.26
CA THR B 228 7.28 -15.90 14.15
C THR B 228 7.75 -14.80 15.09
N PHE B 229 7.86 -13.58 14.58
CA PHE B 229 8.37 -12.45 15.36
C PHE B 229 7.42 -11.24 15.36
N SER B 230 7.57 -10.40 16.36
CA SER B 230 6.97 -9.07 16.35
C SER B 230 7.62 -8.22 15.27
N GLU B 231 6.97 -7.13 14.90
CA GLU B 231 7.50 -6.21 13.90
C GLU B 231 8.86 -5.63 14.27
N ARG B 232 9.04 -5.22 15.53
CA ARG B 232 10.30 -4.58 15.90
C ARG B 232 11.48 -5.59 15.97
N VAL B 233 11.19 -6.83 16.34
CA VAL B 233 12.23 -7.88 16.31
C VAL B 233 12.60 -8.17 14.85
N LEU B 234 11.58 -8.25 14.01
CA LEU B 234 11.81 -8.40 12.59
C LEU B 234 12.64 -7.23 12.05
N ASP B 235 12.37 -6.02 12.53
CA ASP B 235 13.21 -4.86 12.21
C ASP B 235 14.66 -5.11 12.57
N VAL B 236 14.92 -5.57 13.80
CA VAL B 236 16.27 -5.96 14.21
C VAL B 236 16.95 -6.98 13.27
N LEU B 237 16.25 -8.07 13.00
CA LEU B 237 16.79 -9.09 12.11
C LEU B 237 17.15 -8.53 10.73
N VAL B 238 16.21 -7.80 10.15
CA VAL B 238 16.42 -7.22 8.83
C VAL B 238 17.56 -6.21 8.81
N ASP B 239 17.60 -5.36 9.83
CA ASP B 239 18.67 -4.39 9.95
C ASP B 239 20.03 -5.08 9.99
N GLU B 240 20.16 -6.09 10.84
CA GLU B 240 21.44 -6.80 10.92
C GLU B 240 21.80 -7.54 9.63
N VAL B 241 20.81 -8.15 8.98
CA VAL B 241 21.07 -8.76 7.67
C VAL B 241 21.57 -7.71 6.67
N ARG B 242 20.90 -6.58 6.54
CA ARG B 242 21.35 -5.55 5.60
C ARG B 242 22.75 -5.06 5.96
N ARG B 243 23.01 -4.86 7.24
CA ARG B 243 24.34 -4.44 7.63
C ARG B 243 25.44 -5.46 7.34
N ALA B 244 25.12 -6.76 7.39
CA ALA B 244 26.10 -7.76 6.96
C ALA B 244 26.34 -7.79 5.44
N GLY B 245 25.52 -7.11 4.67
CA GLY B 245 25.73 -7.03 3.24
C GLY B 245 25.41 -8.28 2.47
N VAL B 246 24.44 -9.07 2.95
CA VAL B 246 24.02 -10.27 2.24
C VAL B 246 22.54 -10.20 1.89
N PRO B 247 22.13 -10.92 0.84
CA PRO B 247 20.72 -10.93 0.45
C PRO B 247 19.80 -11.41 1.55
N LEU B 248 18.60 -10.84 1.58
CA LEU B 248 17.59 -11.20 2.55
C LEU B 248 16.58 -12.12 1.90
N LEU B 249 16.43 -13.32 2.44
CA LEU B 249 15.39 -14.24 1.99
C LEU B 249 14.30 -14.29 3.03
N THR B 250 13.09 -14.63 2.59
CA THR B 250 11.99 -14.81 3.52
C THR B 250 11.30 -16.13 3.28
N HIS B 251 10.77 -16.68 4.37
CA HIS B 251 9.86 -17.80 4.33
C HIS B 251 8.49 -17.30 4.77
N THR B 252 7.50 -17.38 3.88
CA THR B 252 6.14 -16.91 4.14
C THR B 252 5.13 -17.97 3.75
N THR B 253 4.04 -18.06 4.51
CA THR B 253 2.99 -19.05 4.29
C THR B 253 1.60 -18.42 4.41
N SER B 254 1.56 -17.09 4.37
CA SER B 254 0.29 -16.37 4.46
C SER B 254 0.35 -15.09 3.62
N LEU B 255 -0.82 -14.53 3.33
CA LEU B 255 -0.91 -13.29 2.57
C LEU B 255 -0.25 -12.14 3.33
N GLU B 256 -0.48 -12.09 4.63
CA GLU B 256 0.12 -11.06 5.44
C GLU B 256 1.64 -11.24 5.57
N GLY B 257 2.09 -12.49 5.61
CA GLY B 257 3.52 -12.77 5.55
C GLY B 257 4.16 -12.26 4.26
N LEU B 258 3.55 -12.62 3.14
CA LEU B 258 3.97 -12.14 1.83
C LEU B 258 4.02 -10.60 1.79
N ASN B 259 2.96 -9.95 2.24
CA ASN B 259 2.95 -8.49 2.27
C ASN B 259 4.06 -7.93 3.16
N THR B 260 4.22 -8.53 4.35
CA THR B 260 5.32 -8.14 5.23
C THR B 260 6.68 -8.33 4.55
N ALA B 261 6.87 -9.41 3.79
CA ALA B 261 8.14 -9.60 3.10
C ALA B 261 8.34 -8.56 2.00
N ILE B 262 7.28 -8.30 1.24
CA ILE B 262 7.33 -7.25 0.22
C ILE B 262 7.70 -5.89 0.81
N GLU B 263 7.09 -5.56 1.95
CA GLU B 263 7.38 -4.28 2.58
C GLU B 263 8.81 -4.14 3.10
N ARG B 264 9.51 -5.26 3.28
CA ARG B 264 10.93 -5.23 3.66
C ARG B 264 11.89 -5.30 2.48
N ASP B 265 11.36 -5.31 1.26
CA ASP B 265 12.18 -5.36 0.06
C ASP B 265 13.10 -6.57 0.07
N ALA B 266 12.51 -7.73 0.35
CA ALA B 266 13.25 -8.97 0.36
C ALA B 266 13.89 -9.21 -1.00
N ASP B 267 15.10 -9.76 -1.01
CA ASP B 267 15.78 -10.07 -2.26
C ASP B 267 15.16 -11.30 -2.91
N LEU B 268 14.65 -12.21 -2.11
CA LEU B 268 13.98 -13.38 -2.65
C LEU B 268 12.96 -13.92 -1.66
N MET B 269 11.77 -14.17 -2.17
CA MET B 269 10.65 -14.61 -1.36
C MET B 269 10.34 -16.05 -1.68
N ILE B 270 10.71 -16.96 -0.77
CA ILE B 270 10.60 -18.38 -1.02
C ILE B 270 9.15 -18.85 -0.86
N HIS B 271 8.76 -19.77 -1.73
CA HIS B 271 7.38 -20.12 -2.04
C HIS B 271 6.39 -19.00 -1.71
N ALA B 272 6.56 -17.91 -2.44
CA ALA B 272 5.75 -16.72 -2.34
C ALA B 272 4.26 -16.97 -2.52
N THR B 273 3.92 -17.95 -3.35
CA THR B 273 2.53 -18.22 -3.70
C THR B 273 1.83 -19.19 -2.75
N MET B 274 2.51 -19.63 -1.71
CA MET B 274 1.87 -20.42 -0.67
C MET B 274 1.34 -19.49 0.40
N THR B 275 0.02 -19.35 0.43
CA THR B 275 -0.61 -18.26 1.15
C THR B 275 -1.87 -18.71 1.87
N GLY B 276 -1.79 -19.86 2.51
CA GLY B 276 -2.87 -20.36 3.32
C GLY B 276 -4.12 -20.72 2.54
N GLN B 277 -3.93 -21.07 1.28
CA GLN B 277 -5.02 -21.39 0.38
C GLN B 277 -6.00 -20.22 0.26
N ALA B 278 -5.46 -19.02 0.41
CA ALA B 278 -6.21 -17.80 0.22
C ALA B 278 -5.62 -17.05 -0.97
N PRO B 279 -6.46 -16.56 -1.89
CA PRO B 279 -5.94 -15.98 -3.13
C PRO B 279 -5.16 -14.68 -2.92
N ILE B 280 -4.07 -14.50 -3.66
CA ILE B 280 -3.29 -13.28 -3.59
C ILE B 280 -4.10 -12.10 -4.14
N PRO B 281 -4.26 -11.02 -3.34
CA PRO B 281 -4.99 -9.83 -3.80
C PRO B 281 -4.28 -9.10 -4.93
N GLU B 282 -5.04 -8.48 -5.85
CA GLU B 282 -4.46 -7.79 -6.99
C GLU B 282 -3.45 -6.73 -6.56
N GLU B 283 -3.73 -6.06 -5.45
CA GLU B 283 -2.83 -5.01 -4.96
C GLU B 283 -1.45 -5.56 -4.55
N THR B 284 -1.39 -6.80 -4.10
CA THR B 284 -0.11 -7.41 -3.71
C THR B 284 0.72 -7.66 -4.97
N ILE B 285 0.08 -8.22 -5.99
CA ILE B 285 0.73 -8.44 -7.26
C ILE B 285 1.22 -7.12 -7.83
N GLU B 286 0.38 -6.10 -7.78
CA GLU B 286 0.81 -4.79 -8.26
C GLU B 286 1.98 -4.25 -7.42
N LYS B 287 2.00 -4.46 -6.10
CA LYS B 287 3.20 -4.15 -5.33
C LYS B 287 4.44 -4.89 -5.86
N LEU B 288 4.31 -6.19 -6.08
CA LEU B 288 5.41 -6.96 -6.66
C LEU B 288 5.89 -6.37 -7.98
N LEU B 289 4.95 -6.02 -8.85
CA LEU B 289 5.33 -5.47 -10.13
C LEU B 289 6.01 -4.12 -9.98
N GLU B 290 5.52 -3.27 -9.08
CA GLU B 290 6.11 -1.94 -8.95
C GLU B 290 7.45 -1.97 -8.26
N LYS B 291 7.62 -2.79 -7.23
CA LYS B 291 8.91 -2.84 -6.54
C LYS B 291 9.88 -3.77 -7.27
N GLN B 292 9.34 -4.58 -8.19
CA GLN B 292 10.13 -5.52 -8.98
C GLN B 292 10.95 -6.43 -8.09
N LEU B 293 10.28 -7.13 -7.18
CA LEU B 293 10.90 -8.08 -6.29
C LEU B 293 10.78 -9.49 -6.82
N TRP B 294 11.81 -10.30 -6.54
CA TRP B 294 11.88 -11.69 -7.00
C TRP B 294 11.05 -12.63 -6.14
N SER B 295 10.18 -13.39 -6.78
CA SER B 295 9.44 -14.43 -6.10
C SER B 295 9.89 -15.80 -6.57
N GLU B 296 10.25 -16.64 -5.62
CA GLU B 296 10.43 -18.06 -5.88
C GLU B 296 9.09 -18.73 -5.69
N VAL B 297 8.73 -19.61 -6.62
CA VAL B 297 7.50 -20.37 -6.50
C VAL B 297 7.83 -21.82 -6.73
N GLN B 298 7.02 -22.71 -6.17
CA GLN B 298 7.27 -24.14 -6.22
C GLN B 298 6.01 -24.85 -6.66
N PRO B 299 5.80 -24.96 -7.97
CA PRO B 299 4.58 -25.58 -8.51
C PRO B 299 4.67 -27.09 -8.62
N THR B 300 3.55 -27.69 -8.96
CA THR B 300 3.47 -29.07 -9.35
C THR B 300 2.99 -29.12 -10.78
N THR B 301 3.35 -30.17 -11.49
CA THR B 301 2.78 -30.40 -12.80
C THR B 301 1.35 -30.88 -12.66
N ILE B 302 0.67 -30.96 -13.79
CA ILE B 302 -0.68 -31.48 -13.87
C ILE B 302 -0.76 -32.93 -13.39
N ALA B 303 0.10 -33.77 -13.94
CA ALA B 303 0.10 -35.21 -13.62
C ALA B 303 0.34 -35.44 -12.14
N GLN B 304 1.35 -34.77 -11.60
CA GLN B 304 1.73 -34.92 -10.20
C GLN B 304 0.65 -34.41 -9.26
N GLN B 305 0.15 -33.22 -9.52
CA GLN B 305 -0.93 -32.68 -8.69
C GLN B 305 -2.15 -33.58 -8.75
N ALA B 306 -2.43 -34.10 -9.93
CA ALA B 306 -3.55 -35.01 -10.09
C ALA B 306 -3.33 -36.31 -9.32
N TRP B 307 -2.14 -36.90 -9.41
CA TRP B 307 -1.86 -38.07 -8.59
C TRP B 307 -2.04 -37.73 -7.11
N MET B 308 -1.50 -36.59 -6.70
CA MET B 308 -1.61 -36.13 -5.32
C MET B 308 -3.07 -36.07 -4.87
N ASP B 309 -3.91 -35.41 -5.66
CA ASP B 309 -5.31 -35.32 -5.33
C ASP B 309 -5.97 -36.70 -5.34
N SER B 310 -5.59 -37.55 -6.29
CA SER B 310 -6.19 -38.89 -6.36
C SER B 310 -5.98 -39.72 -5.10
N VAL B 311 -4.79 -39.64 -4.50
CA VAL B 311 -4.48 -40.40 -3.29
C VAL B 311 -4.65 -39.58 -2.01
N ASP B 312 -5.25 -38.40 -2.14
CA ASP B 312 -5.48 -37.48 -1.02
C ASP B 312 -4.21 -37.20 -0.22
N HIS B 313 -3.16 -36.80 -0.92
CA HIS B 313 -1.84 -36.59 -0.35
C HIS B 313 -1.83 -35.42 0.64
N PRO B 314 -1.05 -35.53 1.74
CA PRO B 314 -0.98 -34.49 2.77
C PRO B 314 -0.54 -33.13 2.27
N PHE B 315 0.29 -33.10 1.23
CA PHE B 315 0.80 -31.85 0.70
C PHE B 315 0.18 -31.54 -0.67
N ALA B 316 -1.04 -31.97 -0.89
CA ALA B 316 -1.75 -31.61 -2.10
C ALA B 316 -2.03 -30.11 -2.11
N ASP B 317 -2.16 -29.53 -0.91
CA ASP B 317 -2.43 -28.09 -0.76
C ASP B 317 -1.18 -27.23 -0.79
N PHE B 318 -0.02 -27.85 -0.94
CA PHE B 318 1.24 -27.10 -1.06
C PHE B 318 1.23 -26.30 -2.36
N SER B 319 0.80 -26.92 -3.44
CA SER B 319 0.88 -26.32 -4.76
C SER B 319 -0.46 -26.41 -5.48
N GLY B 320 -1.42 -27.10 -4.88
CA GLY B 320 -2.72 -27.31 -5.50
C GLY B 320 -3.72 -26.21 -5.23
N ARG B 321 -4.80 -26.21 -6.00
CA ARG B 321 -5.95 -25.33 -5.78
C ARG B 321 -5.61 -23.84 -5.80
N VAL B 322 -5.77 -23.13 -4.69
CA VAL B 322 -5.58 -21.68 -4.74
C VAL B 322 -4.13 -21.32 -5.03
N HIS B 323 -3.19 -22.17 -4.61
CA HIS B 323 -1.77 -21.91 -4.87
C HIS B 323 -1.42 -22.08 -6.35
N HIS B 324 -2.05 -23.06 -7.00
CA HIS B 324 -1.98 -23.20 -8.44
C HIS B 324 -2.49 -21.93 -9.13
N GLU B 325 -3.64 -21.45 -8.70
CA GLU B 325 -4.24 -20.24 -9.27
C GLU B 325 -3.36 -19.02 -9.02
N ASN B 326 -2.74 -18.95 -7.84
CA ASN B 326 -1.76 -17.92 -7.57
C ASN B 326 -0.60 -17.98 -8.56
N ASP B 327 -0.06 -19.17 -8.77
CA ASP B 327 1.01 -19.36 -9.75
C ASP B 327 0.59 -18.85 -11.13
N VAL B 328 -0.57 -19.30 -11.58
CA VAL B 328 -1.11 -18.87 -12.86
C VAL B 328 -1.20 -17.34 -12.98
N ARG B 329 -1.79 -16.71 -11.97
CA ARG B 329 -1.94 -15.27 -11.97
C ARG B 329 -0.60 -14.53 -11.90
N MET B 330 0.36 -15.06 -11.14
CA MET B 330 1.69 -14.45 -11.10
C MET B 330 2.36 -14.55 -12.45
N ILE B 331 2.24 -15.71 -13.10
CA ILE B 331 2.75 -15.87 -14.45
C ILE B 331 2.11 -14.85 -15.39
N LYS B 332 0.79 -14.80 -15.46
CA LYS B 332 0.11 -13.87 -16.35
C LYS B 332 0.53 -12.43 -16.09
N ALA B 333 0.60 -12.04 -14.82
CA ALA B 333 0.98 -10.68 -14.49
C ALA B 333 2.40 -10.33 -14.92
N GLY B 334 3.25 -11.33 -15.11
CA GLY B 334 4.64 -11.08 -15.48
C GLY B 334 5.52 -10.60 -14.34
N VAL B 335 5.22 -11.02 -13.13
CA VAL B 335 6.11 -10.69 -12.01
C VAL B 335 7.44 -11.43 -12.17
N PRO B 336 8.50 -10.92 -11.53
CA PRO B 336 9.77 -11.62 -11.61
C PRO B 336 9.75 -12.95 -10.87
N LEU B 337 10.03 -14.04 -11.58
CA LEU B 337 9.95 -15.39 -11.02
C LEU B 337 11.32 -16.08 -10.95
N VAL B 338 11.53 -16.84 -9.89
CA VAL B 338 12.78 -17.59 -9.70
C VAL B 338 12.49 -19.07 -9.52
N LEU B 339 13.28 -19.90 -10.18
CA LEU B 339 13.18 -21.34 -10.06
C LEU B 339 13.74 -21.80 -8.72
N GLY B 340 12.97 -22.64 -8.03
CA GLY B 340 13.40 -23.25 -6.78
C GLY B 340 12.45 -24.36 -6.47
N THR B 341 12.87 -25.34 -5.67
CA THR B 341 12.11 -26.58 -5.57
C THR B 341 12.06 -27.23 -4.20
N ASP B 342 12.89 -26.79 -3.27
CA ASP B 342 13.10 -27.50 -2.00
C ASP B 342 13.61 -28.94 -2.20
N ALA B 343 14.10 -29.24 -3.40
CA ALA B 343 14.53 -30.59 -3.71
C ALA B 343 15.83 -31.00 -3.02
N GLY B 344 15.94 -32.30 -2.80
CA GLY B 344 17.13 -32.88 -2.21
C GLY B 344 17.33 -34.27 -2.77
N CYS B 345 18.45 -34.89 -2.43
CA CYS B 345 18.71 -36.24 -2.88
C CYS B 345 18.16 -37.23 -1.85
N THR B 346 17.02 -37.81 -2.18
CA THR B 346 16.23 -38.59 -1.25
C THR B 346 16.80 -39.99 -1.04
N ASP B 347 16.80 -40.42 0.20
CA ASP B 347 17.28 -41.75 0.55
C ASP B 347 16.56 -42.83 -0.26
N PRO B 348 17.33 -43.75 -0.87
CA PRO B 348 16.74 -44.80 -1.70
C PRO B 348 15.72 -45.69 -0.96
N ASP B 349 15.85 -45.87 0.35
CA ASP B 349 14.86 -46.65 1.10
C ASP B 349 13.51 -45.93 1.12
N ILE B 350 13.55 -44.60 1.13
CA ILE B 350 12.34 -43.81 1.09
C ILE B 350 11.78 -43.78 -0.34
N LEU B 351 12.64 -43.62 -1.33
CA LEU B 351 12.18 -43.68 -2.72
C LEU B 351 11.57 -45.04 -3.05
N GLU B 352 12.14 -46.10 -2.49
CA GLU B 352 11.65 -47.45 -2.74
C GLU B 352 10.22 -47.66 -2.17
N ASP B 353 9.82 -46.86 -1.19
CA ASP B 353 8.44 -46.86 -0.69
C ASP B 353 7.41 -46.31 -1.68
N MET B 354 7.88 -45.55 -2.66
CA MET B 354 6.99 -44.74 -3.49
C MET B 354 6.40 -45.46 -4.68
N SER B 355 5.14 -45.14 -4.97
CA SER B 355 4.46 -45.60 -6.17
C SER B 355 5.01 -44.92 -7.41
N GLN B 356 4.65 -45.40 -8.59
CA GLN B 356 5.07 -44.76 -9.84
C GLN B 356 4.50 -43.36 -9.91
N GLY B 357 3.26 -43.20 -9.46
CA GLY B 357 2.60 -41.93 -9.47
C GLY B 357 3.29 -40.90 -8.60
N GLU B 358 3.76 -41.32 -7.43
CA GLU B 358 4.48 -40.43 -6.54
C GLU B 358 5.75 -39.96 -7.21
N LEU B 359 6.43 -40.88 -7.89
CA LEU B 359 7.73 -40.61 -8.49
C LEU B 359 7.65 -39.83 -9.79
N HIS B 360 6.55 -39.94 -10.51
CA HIS B 360 6.47 -39.34 -11.83
C HIS B 360 6.26 -37.83 -11.75
N GLU B 361 7.23 -37.09 -12.25
CA GLU B 361 7.22 -35.63 -12.19
C GLU B 361 7.16 -35.17 -10.73
N ARG B 362 7.81 -35.94 -9.87
CA ARG B 362 7.99 -35.59 -8.47
C ARG B 362 8.80 -34.30 -8.34
N PRO B 363 8.28 -33.31 -7.61
CA PRO B 363 8.95 -32.01 -7.58
C PRO B 363 10.20 -31.92 -6.74
N TRP B 364 10.44 -32.87 -5.85
CA TRP B 364 11.53 -32.76 -4.88
C TRP B 364 12.72 -33.68 -5.21
N THR B 365 12.72 -34.27 -6.41
CA THR B 365 13.79 -35.18 -6.81
C THR B 365 14.95 -34.41 -7.39
N LEU B 366 15.97 -34.17 -6.59
CA LEU B 366 17.09 -33.35 -7.03
C LEU B 366 17.75 -33.97 -8.24
N GLY B 367 18.07 -33.13 -9.22
CA GLY B 367 18.64 -33.55 -10.49
C GLY B 367 17.63 -33.55 -11.62
N GLU B 368 16.35 -33.67 -11.28
CA GLU B 368 15.28 -33.56 -12.27
C GLU B 368 14.26 -32.47 -11.91
N ASP B 369 14.41 -31.90 -10.73
CA ASP B 369 13.39 -31.02 -10.18
C ASP B 369 13.19 -29.76 -11.01
N HIS B 370 14.29 -29.22 -11.52
CA HIS B 370 14.26 -28.01 -12.31
C HIS B 370 13.63 -28.21 -13.71
N PHE B 371 13.88 -29.37 -14.32
CA PHE B 371 13.16 -29.73 -15.53
C PHE B 371 11.65 -29.75 -15.26
N VAL B 372 11.28 -30.35 -14.14
CA VAL B 372 9.86 -30.53 -13.81
C VAL B 372 9.23 -29.18 -13.48
N TRP B 373 9.99 -28.33 -12.82
CA TRP B 373 9.57 -26.96 -12.54
C TRP B 373 9.29 -26.21 -13.84
N MET B 374 10.25 -26.22 -14.76
CA MET B 374 10.01 -25.54 -16.03
C MET B 374 8.81 -26.14 -16.77
N GLN B 375 8.70 -27.47 -16.80
CA GLN B 375 7.53 -28.09 -17.40
C GLN B 375 6.24 -27.58 -16.75
N ALA B 376 6.19 -27.62 -15.42
CA ALA B 376 5.01 -27.21 -14.68
C ALA B 376 4.64 -25.76 -14.94
N MET B 377 5.63 -24.88 -14.97
CA MET B 377 5.37 -23.49 -15.21
C MET B 377 4.90 -23.24 -16.64
N VAL B 378 5.49 -23.93 -17.61
CA VAL B 378 5.02 -23.76 -18.98
C VAL B 378 3.60 -24.34 -19.14
N GLU B 379 3.28 -25.39 -18.39
CA GLU B 379 1.90 -25.88 -18.38
C GLU B 379 0.89 -24.84 -17.89
N LYS B 380 1.34 -23.90 -17.07
CA LYS B 380 0.45 -22.88 -16.50
C LYS B 380 0.45 -21.60 -17.34
N GLY B 381 1.15 -21.61 -18.46
CA GLY B 381 1.13 -20.48 -19.38
C GLY B 381 2.42 -19.68 -19.46
N MET B 382 3.47 -20.13 -18.78
CA MET B 382 4.72 -19.39 -18.81
C MET B 382 5.39 -19.55 -20.17
N ASP B 383 5.95 -18.47 -20.66
CA ASP B 383 6.74 -18.49 -21.89
C ASP B 383 8.03 -19.27 -21.66
N PRO B 384 8.31 -20.30 -22.48
CA PRO B 384 9.51 -21.13 -22.31
C PRO B 384 10.79 -20.34 -22.06
N MET B 385 10.97 -19.24 -22.79
CA MET B 385 12.13 -18.38 -22.57
C MET B 385 12.15 -17.83 -21.15
N ALA B 386 10.97 -17.44 -20.67
CA ALA B 386 10.84 -16.89 -19.32
C ALA B 386 11.20 -17.95 -18.30
N ALA B 387 10.74 -19.17 -18.55
CA ALA B 387 11.02 -20.31 -17.70
C ALA B 387 12.51 -20.61 -17.68
N ILE B 388 13.14 -20.55 -18.85
CA ILE B 388 14.59 -20.75 -18.92
C ILE B 388 15.33 -19.66 -18.14
N LEU B 389 14.90 -18.42 -18.29
CA LEU B 389 15.50 -17.35 -17.49
C LEU B 389 15.27 -17.54 -16.00
N ALA B 390 14.09 -18.05 -15.63
CA ALA B 390 13.82 -18.35 -14.24
C ALA B 390 14.81 -19.34 -13.65
N GLY B 391 15.43 -20.15 -14.51
CA GLY B 391 16.36 -21.17 -14.06
C GLY B 391 17.80 -20.93 -14.49
N THR B 392 18.12 -19.68 -14.79
CA THR B 392 19.49 -19.29 -15.13
C THR B 392 19.80 -17.92 -14.55
N ALA B 393 19.31 -16.87 -15.20
CA ALA B 393 19.66 -15.50 -14.86
C ALA B 393 18.97 -14.96 -13.60
N ASN B 394 17.70 -15.33 -13.44
CA ASN B 394 16.86 -14.74 -12.41
C ASN B 394 17.33 -15.06 -10.98
N PRO B 395 17.66 -16.32 -10.69
CA PRO B 395 18.22 -16.59 -9.36
C PRO B 395 19.51 -15.82 -9.13
N ALA B 396 20.35 -15.76 -10.15
CA ALA B 396 21.63 -15.05 -10.02
C ALA B 396 21.39 -13.59 -9.69
N LYS B 397 20.41 -13.00 -10.39
CA LYS B 397 20.00 -11.64 -10.07
C LYS B 397 19.46 -11.48 -8.65
N ALA B 398 18.54 -12.34 -8.24
CA ALA B 398 17.98 -12.25 -6.89
C ALA B 398 19.04 -12.35 -5.79
N TYR B 399 19.99 -13.27 -5.96
CA TYR B 399 21.05 -13.49 -4.97
C TYR B 399 22.25 -12.56 -5.19
N ARG B 400 22.16 -11.69 -6.18
CA ARG B 400 23.23 -10.73 -6.50
C ARG B 400 24.52 -11.42 -6.94
N LYS B 401 24.40 -12.35 -7.88
CA LYS B 401 25.54 -13.06 -8.44
C LYS B 401 25.59 -12.92 -9.95
N PHE B 402 24.76 -12.03 -10.49
CA PHE B 402 24.62 -11.94 -11.94
C PHE B 402 25.81 -11.24 -12.56
N ASP B 403 26.66 -10.63 -11.75
CA ASP B 403 27.93 -10.13 -12.25
C ASP B 403 28.89 -11.29 -12.53
N GLU B 404 28.63 -12.47 -11.95
CA GLU B 404 29.54 -13.62 -12.11
C GLU B 404 28.95 -14.76 -12.92
N LEU B 405 27.65 -15.01 -12.80
CA LEU B 405 27.04 -16.17 -13.44
C LEU B 405 25.59 -15.93 -13.85
N GLY B 406 25.01 -16.90 -14.56
CA GLY B 406 23.59 -16.89 -14.90
C GLY B 406 23.30 -16.44 -16.32
N SER B 407 24.31 -15.90 -16.99
CA SER B 407 24.21 -15.64 -18.41
C SER B 407 25.54 -15.91 -19.10
N ILE B 408 25.49 -16.06 -20.41
CA ILE B 408 26.70 -16.16 -21.21
C ILE B 408 27.05 -14.78 -21.74
N ASP B 409 27.94 -14.12 -21.02
CA ASP B 409 28.38 -12.78 -21.31
C ASP B 409 29.86 -12.71 -21.01
N VAL B 410 30.59 -11.93 -21.79
CA VAL B 410 32.02 -11.78 -21.57
C VAL B 410 32.30 -11.27 -20.16
N GLY B 411 33.26 -11.90 -19.48
CA GLY B 411 33.60 -11.54 -18.13
C GLY B 411 33.02 -12.47 -17.08
N LYS B 412 31.97 -13.20 -17.45
CA LYS B 412 31.31 -14.10 -16.52
C LYS B 412 31.95 -15.48 -16.52
N LEU B 413 31.70 -16.25 -15.46
CA LEU B 413 32.22 -17.59 -15.36
C LEU B 413 31.73 -18.46 -16.49
N GLY B 414 32.59 -19.36 -16.94
CA GLY B 414 32.31 -20.19 -18.10
C GLY B 414 31.55 -21.42 -17.69
N ASP B 415 30.32 -21.22 -17.23
CA ASP B 415 29.40 -22.32 -16.95
C ASP B 415 28.45 -22.43 -18.13
N VAL B 416 28.41 -23.60 -18.75
CA VAL B 416 27.65 -23.75 -19.98
C VAL B 416 27.06 -25.14 -20.07
N VAL B 417 25.90 -25.24 -20.70
CA VAL B 417 25.38 -26.56 -21.04
C VAL B 417 24.92 -26.58 -22.49
N VAL B 418 24.97 -27.76 -23.09
CA VAL B 418 24.54 -27.94 -24.47
C VAL B 418 23.39 -28.94 -24.54
N LEU B 419 22.35 -28.57 -25.28
CA LEU B 419 21.21 -29.44 -25.51
C LEU B 419 21.16 -29.91 -26.96
N ASP B 420 20.66 -31.12 -27.17
CA ASP B 420 20.53 -31.68 -28.51
C ASP B 420 19.26 -31.23 -29.21
N GLN B 421 18.30 -30.75 -28.43
CA GLN B 421 17.01 -30.37 -28.97
C GLN B 421 16.57 -29.03 -28.42
N ASP B 422 15.60 -28.44 -29.10
CA ASP B 422 15.23 -27.05 -28.89
C ASP B 422 14.33 -26.89 -27.67
N PRO B 423 14.84 -26.24 -26.60
CA PRO B 423 14.00 -26.10 -25.41
C PRO B 423 12.85 -25.10 -25.58
N LEU B 424 13.00 -24.16 -26.52
CA LEU B 424 11.93 -23.22 -26.80
C LEU B 424 10.78 -23.83 -27.58
N ALA B 425 11.07 -24.93 -28.28
CA ALA B 425 10.06 -25.62 -29.06
C ALA B 425 9.23 -26.51 -28.15
N ASP B 426 9.91 -27.09 -27.16
CA ASP B 426 9.29 -27.98 -26.19
C ASP B 426 10.18 -27.96 -24.95
N ILE B 427 9.63 -27.53 -23.82
CA ILE B 427 10.46 -27.27 -22.66
C ILE B 427 11.06 -28.56 -22.09
N THR B 428 10.41 -29.69 -22.34
CA THR B 428 10.96 -30.96 -21.88
C THR B 428 12.33 -31.23 -22.51
N ASN B 429 12.64 -30.59 -23.63
CA ASN B 429 13.95 -30.75 -24.25
C ASN B 429 15.06 -30.13 -23.41
N MET B 430 14.73 -29.53 -22.28
CA MET B 430 15.77 -29.16 -21.34
C MET B 430 16.47 -30.42 -20.84
N ARG B 431 15.78 -31.55 -20.93
CA ARG B 431 16.36 -32.80 -20.47
C ARG B 431 17.41 -33.37 -21.43
N THR B 432 17.53 -32.82 -22.65
CA THR B 432 18.42 -33.43 -23.64
C THR B 432 19.85 -32.90 -23.56
N LEU B 433 20.40 -32.87 -22.35
CA LEU B 433 21.80 -32.56 -22.12
C LEU B 433 22.76 -33.50 -22.84
N SER B 434 23.80 -32.94 -23.46
CA SER B 434 24.87 -33.74 -24.05
C SER B 434 26.23 -33.24 -23.57
N HIS B 435 26.28 -32.00 -23.09
CA HIS B 435 27.50 -31.47 -22.51
C HIS B 435 27.22 -30.50 -21.37
N VAL B 436 28.11 -30.53 -20.38
CA VAL B 436 28.02 -29.72 -19.18
C VAL B 436 29.42 -29.20 -18.89
N VAL B 437 29.54 -27.89 -18.72
CA VAL B 437 30.82 -27.25 -18.50
C VAL B 437 30.75 -26.33 -17.29
N LYS B 438 31.68 -26.50 -16.37
CA LYS B 438 31.76 -25.67 -15.18
C LYS B 438 33.11 -24.96 -15.10
N GLU B 439 33.09 -23.63 -15.25
CA GLU B 439 34.31 -22.83 -15.16
C GLU B 439 35.35 -23.31 -16.20
N GLY B 440 34.87 -23.58 -17.40
CA GLY B 440 35.71 -24.00 -18.50
C GLY B 440 36.00 -25.50 -18.57
N ARG B 441 35.76 -26.21 -17.49
CA ARG B 441 36.05 -27.64 -17.42
C ARG B 441 34.84 -28.46 -17.84
N GLU B 442 35.00 -29.28 -18.87
CA GLU B 442 33.90 -30.16 -19.25
C GLU B 442 33.77 -31.25 -18.19
N ILE B 443 32.55 -31.63 -17.89
CA ILE B 443 32.24 -32.52 -16.79
C ILE B 443 31.79 -33.86 -17.34
N ASP B 444 32.35 -34.96 -16.85
CA ASP B 444 31.79 -36.26 -17.18
C ASP B 444 30.54 -36.43 -16.32
N PHE B 445 29.41 -35.94 -16.80
CA PHE B 445 28.24 -35.80 -15.94
C PHE B 445 27.43 -37.08 -15.85
N HIS B 446 27.59 -38.01 -16.79
CA HIS B 446 26.88 -39.28 -16.70
C HIS B 446 27.54 -40.17 -15.64
N GLY B 447 28.74 -39.79 -15.22
CA GLY B 447 29.47 -40.58 -14.25
C GLY B 447 29.36 -40.04 -12.83
N LEU B 448 28.44 -39.12 -12.60
CA LEU B 448 28.21 -38.60 -11.26
C LEU B 448 27.03 -39.28 -10.59
N PRO B 449 27.06 -39.42 -9.25
CA PRO B 449 28.12 -38.93 -8.38
C PRO B 449 29.32 -39.86 -8.35
N LEU B 450 30.47 -39.34 -7.93
CA LEU B 450 31.72 -40.06 -8.02
C LEU B 450 31.80 -41.23 -7.07
N SER B 451 31.17 -41.06 -5.93
CA SER B 451 31.34 -41.98 -4.82
C SER B 451 30.01 -42.08 -4.10
N PRO B 452 29.07 -42.83 -4.69
CA PRO B 452 27.72 -43.00 -4.15
C PRO B 452 27.74 -43.31 -2.68
N LEU B 453 26.96 -42.55 -1.93
CA LEU B 453 26.93 -42.65 -0.50
C LEU B 453 25.48 -42.92 -0.09
N VAL B 454 24.66 -41.89 -0.13
CA VAL B 454 23.23 -42.04 0.08
C VAL B 454 22.65 -42.91 -1.01
N THR B 455 23.08 -42.68 -2.24
CA THR B 455 22.51 -43.38 -3.39
C THR B 455 23.12 -44.76 -3.63
N ALA B 456 24.10 -45.19 -2.85
CA ALA B 456 24.58 -46.58 -2.89
C ALA B 456 23.45 -47.52 -2.47
N TYR B 457 23.11 -48.46 -3.35
CA TYR B 457 21.95 -49.32 -3.16
C TYR B 457 22.09 -50.56 -4.05
N PRO B 458 21.66 -51.73 -3.58
CA PRO B 458 21.05 -52.00 -2.29
C PRO B 458 22.06 -52.00 -1.17
N ARG B 459 21.58 -52.12 0.05
CA ARG B 459 22.42 -51.99 1.23
C ARG B 459 22.66 -53.36 1.81
N THR B 460 23.94 -53.64 2.08
CA THR B 460 24.40 -54.93 2.54
C THR B 460 24.44 -54.98 4.06
N ALA B 461 23.82 -55.98 4.64
CA ALA B 461 23.72 -56.08 6.09
C ALA B 461 25.07 -56.29 6.76
N ASN B 462 25.88 -57.18 6.19
CA ASN B 462 27.16 -57.51 6.76
C ASN B 462 28.28 -57.56 5.72
N VAL B 463 29.02 -56.47 5.65
CA VAL B 463 30.08 -56.31 4.68
C VAL B 463 31.36 -56.92 5.23
N LEU B 464 31.82 -57.98 4.57
CA LEU B 464 33.01 -58.70 5.00
C LEU B 464 34.27 -57.99 4.52
N ASP B 465 35.28 -57.94 5.40
CA ASP B 465 36.53 -57.26 5.11
C ASP B 465 37.25 -57.91 3.93
N MET C 1 -10.90 39.88 26.27
N MET C 1 -10.07 38.28 26.14
CA MET C 1 -10.84 38.50 25.68
CA MET C 1 -11.27 38.82 25.43
C MET C 1 -12.21 37.79 25.73
C MET C 1 -12.56 38.09 25.83
N GLY C 2 -12.55 37.30 26.91
CA GLY C 2 -13.70 36.43 27.17
C GLY C 2 -14.55 36.76 28.40
N GLU C 3 -15.75 36.18 28.45
CA GLU C 3 -16.72 36.48 29.52
C GLU C 3 -17.28 35.24 30.22
N THR C 4 -18.34 35.45 31.01
CA THR C 4 -18.79 34.50 32.02
C THR C 4 -20.29 34.21 31.92
N ILE C 5 -20.68 32.95 31.98
CA ILE C 5 -22.09 32.60 31.76
C ILE C 5 -22.35 31.15 32.13
N ALA C 6 -23.61 30.84 32.38
CA ALA C 6 -24.03 29.49 32.72
C ALA C 6 -25.23 29.06 31.87
N ILE C 7 -25.15 27.85 31.32
CA ILE C 7 -26.23 27.27 30.53
C ILE C 7 -26.82 26.14 31.36
N VAL C 8 -28.12 26.18 31.63
CA VAL C 8 -28.69 25.47 32.77
C VAL C 8 -29.84 24.53 32.45
N GLY C 9 -29.62 23.24 32.72
CA GLY C 9 -30.72 22.30 32.79
C GLY C 9 -31.03 21.64 31.47
N GLY C 10 -30.04 21.56 30.60
CA GLY C 10 -30.23 21.06 29.26
C GLY C 10 -29.63 19.68 29.05
N THR C 11 -30.14 18.98 28.05
CA THR C 11 -29.57 17.72 27.62
C THR C 11 -28.27 18.00 26.87
N LEU C 12 -27.16 17.51 27.41
CA LEU C 12 -25.84 17.82 26.87
C LEU C 12 -25.38 16.83 25.81
N ILE C 13 -24.96 17.36 24.67
CA ILE C 13 -24.29 16.60 23.63
C ILE C 13 -22.93 17.25 23.47
N ASP C 14 -21.92 16.68 24.12
CA ASP C 14 -20.67 17.41 24.36
C ASP C 14 -19.67 17.35 23.20
N GLY C 15 -19.94 16.52 22.21
CA GLY C 15 -19.06 16.41 21.07
C GLY C 15 -18.03 15.30 21.18
N ASN C 16 -18.18 14.44 22.18
CA ASN C 16 -17.24 13.34 22.40
C ASN C 16 -17.85 12.00 21.99
N GLY C 17 -19.10 12.04 21.53
CA GLY C 17 -19.72 10.87 20.96
C GLY C 17 -20.48 10.04 21.96
N GLY C 18 -20.45 10.48 23.22
CA GLY C 18 -21.07 9.74 24.30
C GLY C 18 -22.57 9.78 24.23
N VAL C 19 -23.21 9.06 25.16
CA VAL C 19 -24.64 9.17 25.33
C VAL C 19 -24.94 10.58 25.84
N PRO C 20 -26.07 11.18 25.41
CA PRO C 20 -26.38 12.53 25.89
C PRO C 20 -26.80 12.54 27.36
N VAL C 21 -26.25 13.48 28.13
CA VAL C 21 -26.50 13.56 29.56
C VAL C 21 -27.64 14.55 29.88
N PRO C 22 -28.78 14.06 30.38
CA PRO C 22 -29.86 14.99 30.68
C PRO C 22 -29.60 15.93 31.86
N GLU C 23 -30.42 16.98 31.95
CA GLU C 23 -30.40 17.93 33.06
C GLU C 23 -29.00 18.28 33.50
N THR C 24 -28.28 18.89 32.57
CA THR C 24 -26.88 19.24 32.76
C THR C 24 -26.76 20.75 32.73
N THR C 25 -25.72 21.24 33.39
CA THR C 25 -25.41 22.65 33.39
C THR C 25 -23.97 22.83 32.97
N VAL C 26 -23.70 23.92 32.26
CA VAL C 26 -22.36 24.25 31.85
C VAL C 26 -22.02 25.63 32.36
N PHE C 27 -20.84 25.75 32.96
CA PHE C 27 -20.41 27.01 33.55
C PHE C 27 -19.07 27.45 32.95
N ILE C 28 -19.12 28.64 32.31
CA ILE C 28 -17.97 29.32 31.72
C ILE C 28 -17.58 30.56 32.52
N GLU C 29 -16.26 30.74 32.72
CA GLU C 29 -15.71 31.93 33.36
C GLU C 29 -14.54 32.49 32.57
N ASP C 30 -14.61 33.78 32.25
CA ASP C 30 -13.53 34.48 31.54
C ASP C 30 -13.02 33.72 30.31
N GLY C 31 -13.94 33.08 29.61
CA GLY C 31 -13.63 32.47 28.33
C GLY C 31 -13.76 30.96 28.30
N ARG C 32 -13.45 30.31 29.43
CA ARG C 32 -13.28 28.86 29.46
C ARG C 32 -14.34 28.13 30.26
N ILE C 33 -14.75 26.98 29.75
CA ILE C 33 -15.60 26.07 30.50
C ILE C 33 -14.87 25.65 31.76
N THR C 34 -15.52 25.81 32.90
CA THR C 34 -14.91 25.43 34.18
C THR C 34 -15.70 24.35 34.84
N LYS C 35 -17.01 24.31 34.61
CA LYS C 35 -17.80 23.24 35.22
C LYS C 35 -18.84 22.63 34.29
N VAL C 36 -18.83 21.30 34.24
CA VAL C 36 -19.84 20.51 33.53
C VAL C 36 -20.32 19.40 34.44
N GLY C 37 -21.62 19.27 34.57
CA GLY C 37 -22.22 18.27 35.43
C GLY C 37 -23.70 18.52 35.56
N SER C 38 -24.39 17.68 36.34
CA SER C 38 -25.83 17.82 36.49
C SER C 38 -26.15 19.14 37.20
N THR C 39 -27.37 19.61 37.04
CA THR C 39 -27.71 20.97 37.43
C THR C 39 -27.67 21.12 38.94
N ASP C 40 -28.40 20.25 39.64
CA ASP C 40 -28.46 20.29 41.09
C ASP C 40 -27.08 20.16 41.73
N GLN C 41 -26.09 19.75 40.95
CA GLN C 41 -24.73 19.59 41.47
C GLN C 41 -23.93 20.89 41.58
N ILE C 42 -24.43 22.00 41.03
CA ILE C 42 -23.62 23.23 41.08
C ILE C 42 -24.41 24.54 41.09
N GLU C 43 -23.97 25.46 41.96
CA GLU C 43 -24.74 26.66 42.26
C GLU C 43 -24.34 27.85 41.39
N VAL C 44 -25.38 28.50 40.87
CA VAL C 44 -25.24 29.68 40.05
C VAL C 44 -25.70 30.87 40.87
N HIS C 45 -24.77 31.47 41.62
CA HIS C 45 -25.03 32.73 42.31
C HIS C 45 -25.81 33.64 41.38
N PRO C 46 -27.11 33.89 41.68
CA PRO C 46 -27.99 34.36 40.59
C PRO C 46 -27.72 35.78 40.10
N ASN C 47 -26.52 36.31 40.36
CA ASN C 47 -26.07 37.53 39.74
C ASN C 47 -25.40 37.25 38.39
N ILE C 48 -25.02 35.99 38.19
CA ILE C 48 -24.34 35.56 36.98
C ILE C 48 -25.35 35.26 35.87
N ARG C 49 -25.02 35.64 34.64
CA ARG C 49 -25.95 35.47 33.52
C ARG C 49 -26.33 34.02 33.36
N GLN C 50 -27.60 33.79 33.05
CA GLN C 50 -28.13 32.45 32.90
C GLN C 50 -28.89 32.28 31.62
N ILE C 51 -28.63 31.16 30.96
CA ILE C 51 -29.46 30.69 29.87
C ILE C 51 -30.26 29.50 30.35
N ASP C 52 -31.58 29.60 30.29
CA ASP C 52 -32.42 28.50 30.71
C ASP C 52 -32.50 27.49 29.58
N ALA C 53 -31.92 26.32 29.80
CA ALA C 53 -31.84 25.28 28.78
C ALA C 53 -32.79 24.13 29.05
N GLN C 54 -33.71 24.30 30.00
CA GLN C 54 -34.69 23.27 30.31
C GLN C 54 -35.42 22.85 29.05
N GLY C 55 -35.54 21.56 28.84
CA GLY C 55 -36.27 21.03 27.70
C GLY C 55 -35.53 21.20 26.39
N LYS C 56 -34.31 21.71 26.46
CA LYS C 56 -33.51 22.01 25.26
C LYS C 56 -32.28 21.13 25.16
N TRP C 57 -31.50 21.31 24.11
CA TRP C 57 -30.26 20.56 23.90
C TRP C 57 -29.04 21.48 23.80
N ILE C 58 -27.93 21.07 24.42
CA ILE C 58 -26.72 21.88 24.48
C ILE C 58 -25.59 21.25 23.67
N LEU C 59 -25.01 22.00 22.74
CA LEU C 59 -23.92 21.50 21.89
C LEU C 59 -22.71 22.42 21.93
N PRO C 60 -21.54 21.89 21.52
CA PRO C 60 -20.42 22.81 21.40
C PRO C 60 -20.66 23.77 20.26
N GLY C 61 -19.90 24.85 20.21
CA GLY C 61 -19.97 25.75 19.08
C GLY C 61 -19.67 25.00 17.81
N LEU C 62 -20.49 25.21 16.78
CA LEU C 62 -20.33 24.48 15.54
C LEU C 62 -19.08 24.96 14.81
N VAL C 63 -18.53 24.10 13.98
CA VAL C 63 -17.23 24.32 13.38
C VAL C 63 -17.32 23.93 11.93
N ASN C 64 -16.77 24.75 11.05
CA ASN C 64 -16.80 24.48 9.64
C ASN C 64 -15.38 24.32 9.11
N GLY C 65 -15.08 23.13 8.61
CA GLY C 65 -13.73 22.80 8.19
C GLY C 65 -13.27 23.43 6.89
N ASN C 66 -14.19 24.03 6.14
CA ASN C 66 -13.83 24.63 4.85
C ASN C 66 -14.85 25.64 4.36
N VAL C 67 -14.51 26.93 4.49
CA VAL C 67 -15.31 28.01 3.93
C VAL C 67 -14.41 28.95 3.13
N HIS C 68 -15.03 29.87 2.41
CA HIS C 68 -14.31 30.94 1.73
C HIS C 68 -15.01 32.26 2.00
N LEU C 69 -14.35 33.11 2.77
CA LEU C 69 -15.00 34.29 3.32
C LEU C 69 -14.97 35.45 2.31
N LEU C 70 -14.13 35.35 1.29
CA LEU C 70 -14.38 35.99 0.01
C LEU C 70 -14.91 34.89 -0.92
N ASP C 71 -16.14 35.02 -1.40
CA ASP C 71 -16.85 33.89 -1.99
C ASP C 71 -16.16 33.36 -3.25
N GLY C 72 -15.34 32.33 -3.08
CA GLY C 72 -14.61 31.78 -4.19
C GLY C 72 -15.43 30.91 -5.12
N ILE C 73 -16.51 30.32 -4.64
CA ILE C 73 -17.32 29.45 -5.49
C ILE C 73 -17.99 30.29 -6.56
N MET C 74 -18.35 31.51 -6.18
CA MET C 74 -18.87 32.46 -7.13
C MET C 74 -17.89 32.65 -8.27
N MET C 75 -16.65 32.96 -7.93
CA MET C 75 -15.62 33.31 -8.90
C MET C 75 -15.35 32.18 -9.87
N MET C 76 -15.89 31.00 -9.57
CA MET C 76 -15.80 29.86 -10.47
C MET C 76 -16.77 30.00 -11.64
N GLY C 77 -17.70 30.93 -11.54
CA GLY C 77 -18.64 31.19 -12.62
C GLY C 77 -18.77 32.67 -12.91
N ARG C 78 -20.00 33.15 -12.81
CA ARG C 78 -20.31 34.52 -13.13
C ARG C 78 -20.30 35.35 -11.85
N GLY C 79 -19.75 36.57 -11.91
CA GLY C 79 -19.85 37.51 -10.81
C GLY C 79 -18.56 37.96 -10.13
N GLY C 80 -17.44 37.35 -10.50
CA GLY C 80 -16.17 37.69 -9.87
C GLY C 80 -15.78 39.14 -10.03
N ILE C 81 -15.76 39.60 -11.28
CA ILE C 81 -15.38 40.97 -11.60
C ILE C 81 -16.19 41.98 -10.80
N GLU C 82 -17.51 41.84 -10.84
CA GLU C 82 -18.39 42.85 -10.23
C GLU C 82 -18.28 42.84 -8.71
N TYR C 83 -18.11 41.66 -8.14
CA TYR C 83 -17.94 41.48 -6.71
C TYR C 83 -16.65 42.14 -6.23
N LEU C 84 -15.58 41.74 -6.88
CA LEU C 84 -14.26 42.21 -6.49
C LEU C 84 -14.11 43.71 -6.76
N ALA C 85 -14.66 44.20 -7.87
CA ALA C 85 -14.60 45.63 -8.17
C ALA C 85 -15.49 46.41 -7.22
N ARG C 86 -16.68 45.88 -6.95
CA ARG C 86 -17.60 46.58 -6.09
C ARG C 86 -17.04 46.73 -4.70
N PHE C 87 -16.39 45.70 -4.17
CA PHE C 87 -15.91 45.80 -2.79
C PHE C 87 -14.42 46.03 -2.56
N GLU C 88 -13.67 46.40 -3.60
CA GLU C 88 -12.28 46.83 -3.38
C GLU C 88 -12.23 47.97 -2.37
N GLY C 89 -11.25 47.91 -1.48
CA GLY C 89 -11.17 48.84 -0.37
C GLY C 89 -11.84 48.35 0.91
N ASN C 90 -12.68 47.31 0.80
CA ASN C 90 -13.41 46.79 1.98
C ASN C 90 -13.40 45.26 2.13
N TYR C 91 -12.46 44.59 1.48
CA TYR C 91 -12.41 43.13 1.53
C TYR C 91 -12.46 42.56 2.96
N TYR C 92 -11.72 43.17 3.88
CA TYR C 92 -11.73 42.71 5.27
C TYR C 92 -13.13 42.74 5.90
N LYS C 93 -13.96 43.71 5.51
CA LYS C 93 -15.33 43.80 6.06
C LYS C 93 -16.26 42.81 5.39
N VAL C 94 -16.00 42.49 4.13
CA VAL C 94 -16.69 41.39 3.48
C VAL C 94 -16.43 40.12 4.27
N ILE C 95 -15.14 39.87 4.53
CA ILE C 95 -14.75 38.70 5.30
C ILE C 95 -15.42 38.69 6.68
N GLU C 96 -15.37 39.82 7.38
CA GLU C 96 -16.07 39.89 8.67
C GLU C 96 -17.58 39.65 8.56
N GLU C 97 -18.21 40.22 7.55
CA GLU C 97 -19.63 40.01 7.33
C GLU C 97 -19.93 38.52 7.14
N ALA C 98 -19.12 37.87 6.30
CA ALA C 98 -19.25 36.44 6.09
C ALA C 98 -19.09 35.67 7.40
N ALA C 99 -18.06 36.03 8.17
CA ALA C 99 -17.86 35.43 9.48
C ALA C 99 -19.07 35.58 10.39
N GLN C 100 -19.67 36.77 10.38
CA GLN C 100 -20.88 37.00 11.17
C GLN C 100 -22.03 36.16 10.67
N ILE C 101 -22.14 36.00 9.35
CA ILE C 101 -23.17 35.11 8.81
C ILE C 101 -22.94 33.65 9.19
N ALA C 102 -21.69 33.21 9.21
CA ALA C 102 -21.38 31.89 9.76
C ALA C 102 -21.85 31.83 11.22
N LEU C 103 -21.49 32.84 12.01
CA LEU C 103 -21.92 32.90 13.41
C LEU C 103 -23.44 32.93 13.62
N ARG C 104 -24.18 33.59 12.74
CA ARG C 104 -25.65 33.54 12.77
C ARG C 104 -26.17 32.10 12.72
N GLY C 105 -25.37 31.20 12.16
CA GLY C 105 -25.77 29.82 12.00
C GLY C 105 -25.28 28.90 13.11
N GLY C 106 -24.70 29.49 14.15
CA GLY C 106 -24.25 28.73 15.30
C GLY C 106 -22.82 28.25 15.15
N VAL C 107 -22.16 28.71 14.10
CA VAL C 107 -20.77 28.34 13.82
C VAL C 107 -19.83 29.36 14.45
N THR C 108 -19.07 28.93 15.44
CA THR C 108 -18.22 29.83 16.18
C THR C 108 -16.77 29.79 15.71
N THR C 109 -16.43 28.77 14.92
CA THR C 109 -15.09 28.67 14.36
C THR C 109 -15.17 28.27 12.90
N VAL C 110 -14.46 29.00 12.04
CA VAL C 110 -14.37 28.63 10.63
C VAL C 110 -12.93 28.52 10.20
N PHE C 111 -12.68 27.55 9.33
CA PHE C 111 -11.39 27.35 8.72
C PHE C 111 -11.55 27.69 7.26
N ASP C 112 -10.82 28.71 6.85
CA ASP C 112 -10.88 29.25 5.52
C ASP C 112 -9.68 28.73 4.74
N THR C 113 -9.93 27.94 3.71
CA THR C 113 -8.86 27.24 3.02
C THR C 113 -8.45 27.90 1.71
N TRP C 114 -9.09 29.01 1.37
CA TRP C 114 -8.66 29.82 0.23
C TRP C 114 -9.27 31.21 0.28
N ASN C 115 -8.41 32.21 0.26
CA ASN C 115 -8.81 33.58 0.48
C ASN C 115 -7.61 34.47 0.21
N ALA C 116 -7.82 35.78 0.14
CA ALA C 116 -6.73 36.72 -0.05
C ALA C 116 -6.08 36.99 1.30
N LEU C 117 -4.76 36.84 1.37
CA LEU C 117 -4.04 36.77 2.63
C LEU C 117 -4.17 38.04 3.49
N GLU C 118 -3.93 39.20 2.90
CA GLU C 118 -3.99 40.45 3.64
C GLU C 118 -5.34 40.68 4.32
N PRO C 119 -6.44 40.66 3.56
CA PRO C 119 -7.72 40.95 4.22
C PRO C 119 -8.16 39.90 5.23
N VAL C 120 -7.93 38.62 4.94
CA VAL C 120 -8.35 37.60 5.89
C VAL C 120 -7.49 37.69 7.15
N THR C 121 -6.21 38.03 7.00
CA THR C 121 -5.38 38.33 8.17
C THR C 121 -5.98 39.48 8.97
N ILE C 122 -6.22 40.61 8.29
CA ILE C 122 -6.78 41.78 8.95
C ILE C 122 -8.06 41.43 9.71
N ALA C 123 -8.97 40.70 9.05
CA ALA C 123 -10.24 40.36 9.67
C ALA C 123 -10.10 39.36 10.82
N ARG C 124 -9.24 38.35 10.66
CA ARG C 124 -8.94 37.45 11.77
C ARG C 124 -8.49 38.27 12.96
N ASP C 125 -7.49 39.11 12.75
CA ASP C 125 -6.94 39.89 13.84
C ASP C 125 -7.99 40.79 14.47
N ARG C 126 -8.79 41.47 13.65
CA ARG C 126 -9.86 42.31 14.21
C ARG C 126 -10.92 41.52 14.99
N ILE C 127 -11.27 40.33 14.52
CA ILE C 127 -12.26 39.53 15.24
C ILE C 127 -11.68 38.95 16.54
N ALA C 128 -10.42 38.57 16.52
CA ALA C 128 -9.76 38.16 17.76
C ALA C 128 -9.72 39.29 18.79
N SER C 129 -9.23 40.46 18.36
CA SER C 129 -9.04 41.60 19.24
C SER C 129 -10.33 42.27 19.72
N GLY C 130 -11.47 41.81 19.20
CA GLY C 130 -12.75 42.35 19.61
C GLY C 130 -13.21 43.56 18.82
N ALA C 131 -12.36 44.03 17.91
CA ALA C 131 -12.72 45.17 17.08
C ALA C 131 -13.87 44.86 16.15
N ALA C 132 -14.06 43.58 15.85
CA ALA C 132 -15.10 43.16 14.94
C ALA C 132 -15.79 41.91 15.45
N GLU C 133 -17.07 41.79 15.13
CA GLU C 133 -17.84 40.63 15.48
C GLU C 133 -17.63 39.55 14.42
N GLY C 134 -17.84 38.30 14.79
CA GLY C 134 -17.72 37.22 13.84
C GLY C 134 -17.25 35.93 14.45
N ALA C 135 -17.38 34.86 13.68
CA ALA C 135 -16.83 33.59 14.08
C ALA C 135 -15.32 33.66 14.06
N ARG C 136 -14.69 32.89 14.93
CA ARG C 136 -13.25 32.80 15.00
C ARG C 136 -12.73 32.23 13.69
N ILE C 137 -11.67 32.85 13.16
CA ILE C 137 -11.15 32.50 11.84
C ILE C 137 -9.79 31.85 11.95
N PHE C 138 -9.61 30.73 11.25
CA PHE C 138 -8.26 30.25 10.94
C PHE C 138 -8.18 30.08 9.44
N PHE C 139 -7.02 30.34 8.85
CA PHE C 139 -6.94 30.36 7.40
C PHE C 139 -5.63 29.83 6.83
N ALA C 140 -5.70 29.38 5.59
CA ALA C 140 -4.54 28.94 4.82
C ALA C 140 -3.91 30.07 4.04
N GLY C 141 -4.67 31.14 3.83
CA GLY C 141 -4.32 32.10 2.80
C GLY C 141 -4.64 31.50 1.45
N THR C 142 -3.63 31.40 0.59
CA THR C 142 -3.85 30.86 -0.74
C THR C 142 -3.68 29.36 -0.77
N LEU C 143 -3.84 28.81 -1.96
CA LEU C 143 -3.67 27.42 -2.22
C LEU C 143 -2.43 27.29 -3.06
N ILE C 144 -1.45 26.57 -2.54
CA ILE C 144 -0.11 26.59 -3.12
C ILE C 144 -0.11 25.90 -4.47
N GLY C 145 0.28 26.63 -5.50
CA GLY C 145 0.36 26.08 -6.84
C GLY C 145 -0.86 26.33 -7.69
N MET C 146 -1.87 27.00 -7.14
CA MET C 146 -3.06 27.39 -7.91
C MET C 146 -3.02 28.85 -8.37
N GLY C 147 -3.60 29.11 -9.54
CA GLY C 147 -3.74 30.46 -10.05
C GLY C 147 -4.83 31.23 -9.32
N GLY C 148 -4.83 32.54 -9.52
CA GLY C 148 -5.86 33.40 -8.97
C GLY C 148 -7.14 33.36 -9.78
N PRO C 149 -8.15 34.12 -9.34
CA PRO C 149 -9.51 34.11 -9.90
C PRO C 149 -9.63 34.53 -11.36
N PHE C 150 -8.55 35.03 -11.95
CA PHE C 150 -8.58 35.46 -13.33
C PHE C 150 -7.50 34.76 -14.14
N THR C 151 -7.23 33.52 -13.72
CA THR C 151 -6.35 32.61 -14.44
C THR C 151 -7.17 31.44 -14.97
N GLY C 152 -6.50 30.43 -15.49
CA GLY C 152 -7.18 29.27 -16.05
C GLY C 152 -7.86 28.41 -15.02
N ASP C 153 -7.48 28.57 -13.75
CA ASP C 153 -8.07 27.80 -12.67
C ASP C 153 -9.50 28.22 -12.32
N PHE C 154 -9.98 29.27 -12.96
CA PHE C 154 -11.35 29.72 -12.77
C PHE C 154 -12.08 29.97 -14.09
N MET C 155 -11.42 29.70 -15.21
CA MET C 155 -12.06 29.85 -16.51
C MET C 155 -12.99 28.71 -16.84
N ARG C 156 -13.94 28.98 -17.72
CA ARG C 156 -14.68 27.95 -18.42
C ARG C 156 -14.52 28.27 -19.88
N PRO C 157 -14.84 27.31 -20.76
CA PRO C 157 -14.61 27.56 -22.19
C PRO C 157 -15.37 28.77 -22.71
N SER C 158 -16.57 29.03 -22.19
CA SER C 158 -17.33 30.23 -22.54
C SER C 158 -17.44 31.21 -21.39
N MET C 159 -16.45 31.22 -20.50
CA MET C 159 -16.35 32.22 -19.43
C MET C 159 -14.90 32.60 -19.22
N GLN C 160 -14.52 33.75 -19.74
CA GLN C 160 -13.15 34.22 -19.68
C GLN C 160 -13.12 35.68 -19.28
N ALA C 161 -13.16 35.93 -17.99
CA ALA C 161 -13.26 37.27 -17.46
C ALA C 161 -12.21 38.23 -18.03
N ARG C 162 -10.98 37.75 -18.23
CA ARG C 162 -9.90 38.61 -18.68
C ARG C 162 -10.20 39.24 -20.05
N THR C 163 -11.07 38.61 -20.84
CA THR C 163 -11.44 39.19 -22.13
C THR C 163 -12.29 40.46 -22.01
N VAL C 164 -12.83 40.74 -20.84
CA VAL C 164 -13.72 41.88 -20.67
C VAL C 164 -13.39 42.72 -19.45
N MET C 165 -12.14 42.68 -19.00
CA MET C 165 -11.73 43.49 -17.87
C MET C 165 -10.36 44.06 -18.16
N SER C 166 -9.94 45.04 -17.37
CA SER C 166 -8.61 45.58 -17.51
C SER C 166 -7.58 44.57 -17.01
N ARG C 167 -6.49 44.47 -17.75
CA ARG C 167 -5.37 43.63 -17.35
C ARG C 167 -4.86 44.04 -15.97
N THR C 168 -4.87 45.33 -15.71
CA THR C 168 -4.36 45.87 -14.45
C THR C 168 -5.18 45.43 -13.24
N PHE C 169 -6.51 45.52 -13.35
CA PHE C 169 -7.39 45.07 -12.28
C PHE C 169 -7.23 43.56 -12.06
N ALA C 170 -7.25 42.82 -13.17
CA ALA C 170 -7.11 41.37 -13.13
C ALA C 170 -5.82 40.96 -12.44
N ASP C 171 -4.71 41.56 -12.89
CA ASP C 171 -3.40 41.37 -12.28
C ASP C 171 -3.40 41.69 -10.79
N ARG C 172 -3.93 42.84 -10.43
CA ARG C 172 -3.96 43.21 -9.02
C ARG C 172 -4.74 42.17 -8.20
N MET C 173 -5.89 41.76 -8.72
CA MET C 173 -6.72 40.80 -8.01
C MET C 173 -6.01 39.44 -7.90
N ASP C 174 -5.45 38.98 -9.00
CA ASP C 174 -4.67 37.76 -9.01
C ASP C 174 -3.54 37.82 -7.99
N ALA C 175 -2.82 38.93 -7.98
CA ALA C 175 -1.71 39.08 -7.04
C ALA C 175 -2.17 39.05 -5.60
N MET C 176 -3.27 39.72 -5.24
CA MET C 176 -3.65 39.67 -3.83
C MET C 176 -4.10 38.26 -3.39
N PHE C 177 -4.40 37.38 -4.33
CA PHE C 177 -4.82 36.01 -3.98
C PHE C 177 -3.63 35.03 -4.04
N GLU C 178 -2.83 35.12 -5.10
CA GLU C 178 -1.70 34.23 -5.28
C GLU C 178 -0.57 34.48 -4.27
N VAL C 179 -0.17 35.73 -4.08
CA VAL C 179 0.84 36.08 -3.10
C VAL C 179 2.15 35.36 -3.50
N GLY C 180 2.37 35.29 -4.81
CA GLY C 180 3.60 34.72 -5.34
C GLY C 180 3.59 33.22 -5.43
N MET C 181 2.54 32.60 -4.92
CA MET C 181 2.46 31.14 -4.84
C MET C 181 1.58 30.54 -5.94
N GLY C 182 1.58 31.17 -7.11
CA GLY C 182 0.73 30.72 -8.20
C GLY C 182 1.33 29.64 -9.05
N ARG C 183 0.87 29.56 -10.30
CA ARG C 183 1.21 28.47 -11.17
C ARG C 183 2.68 28.42 -11.56
N HIS C 184 3.37 29.56 -11.50
CA HIS C 184 4.77 29.63 -11.95
C HIS C 184 5.65 28.71 -11.11
N LEU C 185 5.20 28.41 -9.90
CA LEU C 185 5.90 27.46 -9.05
C LEU C 185 6.13 26.14 -9.76
N SER C 186 5.28 25.79 -10.72
CA SER C 186 5.43 24.52 -11.44
C SER C 186 6.55 24.56 -12.47
N THR C 187 7.13 25.74 -12.67
CA THR C 187 8.23 25.89 -13.62
C THR C 187 9.58 25.80 -12.92
N LEU C 188 9.56 25.85 -11.60
CA LEU C 188 10.79 25.98 -10.82
C LEU C 188 11.43 24.64 -10.45
N PRO C 189 12.77 24.65 -10.30
CA PRO C 189 13.45 23.50 -9.70
C PRO C 189 13.31 23.60 -8.17
N PRO C 190 13.44 22.46 -7.46
CA PRO C 190 13.15 22.35 -6.03
C PRO C 190 13.87 23.36 -5.12
N ALA C 191 15.15 23.59 -5.43
CA ALA C 191 15.98 24.49 -4.65
C ALA C 191 15.45 25.91 -4.73
N GLU C 192 14.75 26.22 -5.81
CA GLU C 192 14.15 27.53 -5.98
C GLU C 192 12.79 27.61 -5.30
N VAL C 193 12.11 26.46 -5.20
CA VAL C 193 10.81 26.42 -4.52
C VAL C 193 10.93 26.52 -3.00
N ARG C 194 11.88 25.79 -2.40
CA ARG C 194 11.97 25.77 -0.93
C ARG C 194 11.90 27.15 -0.24
N PRO C 195 12.73 28.11 -0.68
CA PRO C 195 12.70 29.41 -0.01
C PRO C 195 11.38 30.16 -0.16
N LEU C 196 10.68 29.99 -1.29
CA LEU C 196 9.39 30.66 -1.48
C LEU C 196 8.32 30.12 -0.54
N ILE C 197 8.31 28.81 -0.33
CA ILE C 197 7.29 28.22 0.53
C ILE C 197 7.66 28.52 1.98
N ARG C 198 8.95 28.51 2.30
CA ARG C 198 9.35 28.96 3.64
C ARG C 198 8.95 30.41 3.91
N GLU C 199 9.32 31.31 3.00
CA GLU C 199 8.91 32.70 3.13
C GLU C 199 7.39 32.80 3.22
N TYR C 200 6.66 32.05 2.40
CA TYR C 200 5.20 32.11 2.47
C TYR C 200 4.71 31.72 3.84
N LEU C 201 5.21 30.61 4.37
CA LEU C 201 4.75 30.15 5.67
C LEU C 201 5.14 31.11 6.78
N GLU C 202 6.24 31.82 6.60
CA GLU C 202 6.60 32.86 7.57
C GLU C 202 5.56 33.97 7.76
N ARG C 203 4.54 34.07 6.90
CA ARG C 203 3.64 35.23 6.93
C ARG C 203 2.43 35.12 7.87
N GLY C 204 2.30 34.02 8.60
CA GLY C 204 1.29 33.93 9.66
C GLY C 204 0.10 33.01 9.41
N VAL C 205 0.20 32.13 8.42
CA VAL C 205 -0.92 31.24 8.11
C VAL C 205 -1.10 30.22 9.23
N ASP C 206 -2.32 29.75 9.43
CA ASP C 206 -2.63 28.77 10.48
C ASP C 206 -2.50 27.34 9.96
N PHE C 207 -2.57 27.19 8.66
CA PHE C 207 -2.27 25.93 8.01
C PHE C 207 -1.89 26.21 6.59
N CYS C 208 -1.65 25.16 5.82
CA CYS C 208 -1.19 25.31 4.45
C CYS C 208 -1.80 24.26 3.56
N LYS C 209 -2.58 24.72 2.59
CA LYS C 209 -3.21 23.81 1.63
C LYS C 209 -2.39 23.82 0.36
N ILE C 210 -2.16 22.63 -0.20
CA ILE C 210 -1.31 22.46 -1.37
C ILE C 210 -2.11 21.86 -2.50
N ALA C 211 -1.89 22.37 -3.71
CA ALA C 211 -2.56 21.86 -4.89
C ALA C 211 -1.86 20.63 -5.41
N VAL C 212 -2.18 19.48 -4.86
CA VAL C 212 -1.59 18.22 -5.30
C VAL C 212 -1.97 17.99 -6.75
N THR C 213 -3.25 18.12 -7.04
CA THR C 213 -3.74 18.03 -8.40
C THR C 213 -4.19 19.40 -8.85
N ASP C 214 -4.63 19.46 -10.10
CA ASP C 214 -5.03 20.70 -10.72
C ASP C 214 -6.37 21.22 -10.22
N HIS C 215 -6.71 22.38 -10.77
CA HIS C 215 -7.95 23.06 -10.47
C HIS C 215 -8.56 23.54 -11.79
N LEU C 216 -8.50 22.69 -12.81
CA LEU C 216 -8.99 23.02 -14.13
C LEU C 216 -10.34 22.37 -14.46
N VAL C 217 -11.12 22.02 -13.45
CA VAL C 217 -12.36 21.31 -13.71
C VAL C 217 -13.35 22.19 -14.48
N GLY C 218 -13.33 23.49 -14.22
CA GLY C 218 -14.17 24.41 -14.98
C GLY C 218 -13.87 24.40 -16.46
N LEU C 219 -12.60 24.21 -16.78
CA LEU C 219 -12.14 24.31 -18.16
C LEU C 219 -12.18 22.98 -18.89
N LEU C 220 -11.94 21.89 -18.16
CA LEU C 220 -11.73 20.60 -18.81
C LEU C 220 -12.74 19.53 -18.41
N GLY C 221 -13.50 19.78 -17.35
CA GLY C 221 -14.38 18.77 -16.81
C GLY C 221 -13.69 17.99 -15.70
N PHE C 222 -14.25 16.84 -15.33
CA PHE C 222 -13.79 16.09 -14.17
C PHE C 222 -12.88 14.92 -14.49
N ARG C 223 -12.74 14.60 -15.76
N ARG C 223 -12.64 14.52 -15.74
CA ARG C 223 -12.12 13.36 -16.18
CA ARG C 223 -11.99 13.24 -16.01
C ARG C 223 -10.82 13.58 -16.94
C ARG C 223 -10.67 13.45 -16.73
N ALA C 224 -10.09 14.64 -16.57
CA ALA C 224 -8.77 14.91 -17.14
C ALA C 224 -7.86 15.56 -16.11
N PRO C 225 -7.68 14.92 -14.95
CA PRO C 225 -6.91 15.56 -13.87
C PRO C 225 -5.40 15.48 -14.06
N TYR C 226 -4.68 16.38 -13.39
CA TYR C 226 -3.23 16.47 -13.49
C TYR C 226 -2.60 16.52 -12.13
N PHE C 227 -1.28 16.30 -12.08
CA PHE C 227 -0.49 16.66 -10.91
C PHE C 227 0.16 18.00 -11.15
N THR C 228 0.08 18.86 -10.14
CA THR C 228 0.71 20.17 -10.16
C THR C 228 2.22 20.11 -10.10
N PHE C 229 2.74 19.27 -9.20
CA PHE C 229 4.17 19.21 -8.92
C PHE C 229 4.75 17.81 -9.11
N SER C 230 6.04 17.76 -9.40
CA SER C 230 6.81 16.53 -9.32
C SER C 230 6.86 16.02 -7.89
N GLU C 231 7.12 14.72 -7.73
CA GLU C 231 7.28 14.13 -6.41
C GLU C 231 8.29 14.88 -5.54
N ARG C 232 9.44 15.21 -6.10
CA ARG C 232 10.50 15.78 -5.29
C ARG C 232 10.18 17.25 -4.86
N VAL C 233 9.50 17.99 -5.72
CA VAL C 233 9.06 19.33 -5.34
C VAL C 233 7.96 19.27 -4.28
N LEU C 234 7.07 18.30 -4.43
CA LEU C 234 6.04 18.08 -3.42
C LEU C 234 6.70 17.72 -2.09
N ASP C 235 7.74 16.87 -2.17
CA ASP C 235 8.54 16.57 -0.98
C ASP C 235 9.04 17.85 -0.35
N VAL C 236 9.63 18.74 -1.14
CA VAL C 236 10.03 20.03 -0.57
C VAL C 236 8.87 20.74 0.15
N LEU C 237 7.77 20.94 -0.57
CA LEU C 237 6.65 21.66 0.01
C LEU C 237 6.22 21.06 1.34
N VAL C 238 5.99 19.76 1.35
CA VAL C 238 5.59 19.08 2.58
C VAL C 238 6.64 19.23 3.68
N ASP C 239 7.91 18.98 3.36
CA ASP C 239 8.98 19.16 4.33
C ASP C 239 8.86 20.52 5.00
N GLU C 240 8.73 21.56 4.19
CA GLU C 240 8.66 22.91 4.73
C GLU C 240 7.39 23.20 5.52
N VAL C 241 6.23 22.70 5.08
CA VAL C 241 5.05 22.82 5.93
C VAL C 241 5.28 22.15 7.28
N ARG C 242 5.80 20.92 7.27
CA ARG C 242 6.11 20.23 8.52
C ARG C 242 7.09 21.04 9.38
N ARG C 243 8.11 21.61 8.73
CA ARG C 243 9.07 22.51 9.41
C ARG C 243 8.40 23.65 10.15
N ALA C 244 7.39 24.25 9.54
CA ALA C 244 6.72 25.41 10.13
C ALA C 244 5.72 24.98 11.19
N GLY C 245 5.55 23.68 11.36
CA GLY C 245 4.70 23.15 12.40
C GLY C 245 3.23 23.49 12.27
N VAL C 246 2.73 23.65 11.06
CA VAL C 246 1.29 23.83 10.85
C VAL C 246 0.69 22.64 10.12
N PRO C 247 -0.62 22.39 10.34
CA PRO C 247 -1.28 21.28 9.65
C PRO C 247 -1.19 21.39 8.14
N LEU C 248 -1.18 20.23 7.48
CA LEU C 248 -1.09 20.16 6.04
C LEU C 248 -2.44 19.78 5.44
N LEU C 249 -2.96 20.63 4.57
CA LEU C 249 -4.17 20.33 3.81
C LEU C 249 -3.80 19.99 2.38
N THR C 250 -4.60 19.15 1.75
CA THR C 250 -4.40 18.87 0.33
C THR C 250 -5.65 19.14 -0.48
N HIS C 251 -5.41 19.45 -1.74
CA HIS C 251 -6.45 19.57 -2.74
C HIS C 251 -6.24 18.47 -3.76
N THR C 252 -7.16 17.51 -3.82
CA THR C 252 -7.03 16.38 -4.74
C THR C 252 -8.32 16.17 -5.55
N THR C 253 -8.16 15.70 -6.78
CA THR C 253 -9.28 15.56 -7.72
C THR C 253 -9.14 14.30 -8.55
N SER C 254 -8.21 13.43 -8.14
CA SER C 254 -8.05 12.10 -8.74
C SER C 254 -7.77 11.05 -7.67
N LEU C 255 -7.96 9.79 -8.02
CA LEU C 255 -7.59 8.69 -7.14
C LEU C 255 -6.11 8.74 -6.76
N GLU C 256 -5.24 9.04 -7.72
CA GLU C 256 -3.82 9.08 -7.46
C GLU C 256 -3.43 10.27 -6.60
N GLY C 257 -4.14 11.39 -6.75
CA GLY C 257 -3.94 12.53 -5.87
C GLY C 257 -4.34 12.19 -4.45
N LEU C 258 -5.44 11.48 -4.32
CA LEU C 258 -5.94 11.02 -3.02
C LEU C 258 -4.89 10.10 -2.37
N ASN C 259 -4.42 9.12 -3.14
CA ASN C 259 -3.39 8.22 -2.63
C ASN C 259 -2.13 8.98 -2.26
N THR C 260 -1.70 9.91 -3.12
CA THR C 260 -0.51 10.69 -2.84
C THR C 260 -0.69 11.49 -1.55
N ALA C 261 -1.87 12.05 -1.33
CA ALA C 261 -2.11 12.79 -0.09
C ALA C 261 -2.09 11.86 1.12
N ILE C 262 -2.66 10.68 0.96
CA ILE C 262 -2.60 9.66 2.01
C ILE C 262 -1.16 9.28 2.35
N GLU C 263 -0.34 8.98 1.35
CA GLU C 263 1.04 8.61 1.59
C GLU C 263 1.86 9.69 2.29
N ARG C 264 1.37 10.93 2.36
CA ARG C 264 2.09 11.99 3.07
C ARG C 264 1.45 12.33 4.39
N ASP C 265 0.45 11.56 4.82
CA ASP C 265 -0.16 11.78 6.13
C ASP C 265 -0.72 13.18 6.26
N ALA C 266 -1.49 13.61 5.26
CA ALA C 266 -2.18 14.89 5.33
C ALA C 266 -3.06 14.96 6.57
N ASP C 267 -3.05 16.13 7.22
CA ASP C 267 -3.90 16.38 8.38
C ASP C 267 -5.35 16.45 7.99
N LEU C 268 -5.60 16.99 6.80
CA LEU C 268 -6.96 17.07 6.27
C LEU C 268 -6.92 17.10 4.75
N MET C 269 -7.75 16.26 4.15
CA MET C 269 -7.80 16.14 2.71
C MET C 269 -9.12 16.70 2.18
N ILE C 270 -9.05 17.82 1.48
CA ILE C 270 -10.25 18.54 1.06
C ILE C 270 -10.87 17.88 -0.17
N HIS C 271 -12.18 17.76 -0.13
CA HIS C 271 -12.97 16.97 -1.03
C HIS C 271 -12.29 15.71 -1.52
N ALA C 272 -12.03 14.85 -0.57
CA ALA C 272 -11.35 13.58 -0.78
C ALA C 272 -12.08 12.66 -1.77
N THR C 273 -13.40 12.72 -1.76
CA THR C 273 -14.21 11.83 -2.59
C THR C 273 -14.41 12.38 -4.01
N MET C 274 -13.76 13.49 -4.30
CA MET C 274 -13.75 14.04 -5.65
C MET C 274 -12.61 13.39 -6.42
N THR C 275 -12.92 12.39 -7.23
CA THR C 275 -11.88 11.51 -7.76
C THR C 275 -12.08 11.23 -9.25
N GLY C 276 -12.41 12.28 -9.98
CA GLY C 276 -12.55 12.22 -11.42
C GLY C 276 -13.58 11.24 -11.91
N GLN C 277 -14.63 11.07 -11.11
CA GLN C 277 -15.72 10.16 -11.42
C GLN C 277 -15.21 8.74 -11.57
N ALA C 278 -14.15 8.44 -10.83
CA ALA C 278 -13.63 7.09 -10.71
C ALA C 278 -13.82 6.62 -9.27
N PRO C 279 -14.36 5.40 -9.09
CA PRO C 279 -14.63 4.93 -7.73
C PRO C 279 -13.37 4.68 -6.92
N ILE C 280 -13.37 5.12 -5.67
CA ILE C 280 -12.24 4.91 -4.77
C ILE C 280 -12.04 3.40 -4.58
N PRO C 281 -10.83 2.89 -4.83
CA PRO C 281 -10.60 1.46 -4.60
C PRO C 281 -10.69 1.09 -3.13
N GLU C 282 -11.09 -0.15 -2.85
CA GLU C 282 -11.18 -0.67 -1.48
C GLU C 282 -9.88 -0.49 -0.71
N GLU C 283 -8.75 -0.66 -1.38
N GLU C 283 -8.78 -0.64 -1.43
CA GLU C 283 -7.46 -0.57 -0.69
CA GLU C 283 -7.45 -0.58 -0.86
C GLU C 283 -7.21 0.84 -0.18
C GLU C 283 -7.18 0.80 -0.24
N THR C 284 -7.68 1.84 -0.91
CA THR C 284 -7.50 3.22 -0.47
C THR C 284 -8.33 3.51 0.78
N ILE C 285 -9.55 3.02 0.80
CA ILE C 285 -10.41 3.14 1.98
C ILE C 285 -9.78 2.41 3.16
N GLU C 286 -9.30 1.20 2.93
CA GLU C 286 -8.60 0.49 4.00
C GLU C 286 -7.38 1.29 4.48
N LYS C 287 -6.58 1.85 3.58
CA LYS C 287 -5.52 2.76 4.02
C LYS C 287 -6.01 3.91 4.90
N LEU C 288 -7.08 4.56 4.47
CA LEU C 288 -7.65 5.62 5.31
C LEU C 288 -8.02 5.10 6.69
N LEU C 289 -8.67 3.96 6.74
CA LEU C 289 -9.04 3.40 8.04
C LEU C 289 -7.82 3.05 8.88
N GLU C 290 -6.79 2.52 8.24
CA GLU C 290 -5.60 2.13 8.98
C GLU C 290 -4.82 3.32 9.48
N LYS C 291 -4.68 4.39 8.68
CA LYS C 291 -3.90 5.55 9.10
C LYS C 291 -4.75 6.55 9.88
N GLN C 292 -6.06 6.36 9.83
CA GLN C 292 -7.02 7.24 10.50
C GLN C 292 -6.78 8.71 10.15
N LEU C 293 -6.66 8.98 8.86
CA LEU C 293 -6.54 10.33 8.37
C LEU C 293 -7.92 10.94 8.19
N TRP C 294 -7.99 12.26 8.37
CA TRP C 294 -9.24 13.00 8.23
C TRP C 294 -9.53 13.33 6.78
N SER C 295 -10.74 12.98 6.34
CA SER C 295 -11.22 13.35 5.02
C SER C 295 -12.35 14.35 5.13
N GLU C 296 -12.23 15.47 4.43
CA GLU C 296 -13.35 16.38 4.26
C GLU C 296 -14.10 15.95 3.01
N VAL C 297 -15.42 15.86 3.11
CA VAL C 297 -16.25 15.57 1.94
C VAL C 297 -17.31 16.65 1.76
N GLN C 298 -17.75 16.83 0.53
CA GLN C 298 -18.68 17.89 0.17
C GLN C 298 -19.83 17.33 -0.64
N PRO C 299 -20.84 16.79 0.05
CA PRO C 299 -21.98 16.14 -0.61
C PRO C 299 -23.09 17.09 -1.00
N THR C 300 -23.99 16.60 -1.85
CA THR C 300 -25.24 17.26 -2.13
C THR C 300 -26.37 16.43 -1.54
N THR C 301 -27.44 17.09 -1.12
CA THR C 301 -28.64 16.38 -0.70
C THR C 301 -29.30 15.73 -1.91
N ILE C 302 -30.27 14.86 -1.63
CA ILE C 302 -31.04 14.20 -2.67
C ILE C 302 -31.76 15.20 -3.59
N ALA C 303 -32.46 16.14 -2.98
CA ALA C 303 -33.22 17.15 -3.72
C ALA C 303 -32.34 18.03 -4.59
N GLN C 304 -31.26 18.53 -4.01
CA GLN C 304 -30.35 19.43 -4.72
C GLN C 304 -29.70 18.74 -5.91
N GLN C 305 -29.26 17.51 -5.71
CA GLN C 305 -28.59 16.75 -6.75
C GLN C 305 -29.59 16.37 -7.84
N ALA C 306 -30.80 16.03 -7.43
CA ALA C 306 -31.86 15.81 -8.41
C ALA C 306 -32.15 17.07 -9.23
N TRP C 307 -32.22 18.22 -8.56
CA TRP C 307 -32.37 19.47 -9.29
C TRP C 307 -31.21 19.66 -10.27
N MET C 308 -29.98 19.53 -9.78
CA MET C 308 -28.82 19.70 -10.66
C MET C 308 -28.89 18.79 -11.87
N ASP C 309 -29.21 17.53 -11.66
CA ASP C 309 -29.30 16.61 -12.77
C ASP C 309 -30.43 17.01 -13.72
N SER C 310 -31.56 17.48 -13.19
CA SER C 310 -32.65 17.92 -14.06
C SER C 310 -32.33 19.09 -14.99
N VAL C 311 -31.33 19.90 -14.67
CA VAL C 311 -30.97 21.04 -15.52
C VAL C 311 -29.61 20.86 -16.16
N ASP C 312 -29.03 19.66 -16.00
CA ASP C 312 -27.69 19.36 -16.47
C ASP C 312 -26.73 20.46 -16.02
N HIS C 313 -26.79 20.78 -14.73
CA HIS C 313 -25.92 21.78 -14.11
C HIS C 313 -24.47 21.45 -14.40
N PRO C 314 -23.62 22.47 -14.60
CA PRO C 314 -22.23 22.15 -14.96
C PRO C 314 -21.46 21.47 -13.82
N PHE C 315 -21.88 21.70 -12.58
CA PHE C 315 -21.25 21.06 -11.42
C PHE C 315 -22.02 19.84 -10.91
N ALA C 316 -22.85 19.24 -11.75
CA ALA C 316 -23.64 18.10 -11.31
C ALA C 316 -22.73 16.94 -10.91
N ASP C 317 -21.58 16.84 -11.59
CA ASP C 317 -20.60 15.79 -11.33
C ASP C 317 -19.65 16.09 -10.19
N PHE C 318 -19.81 17.23 -9.52
CA PHE C 318 -18.98 17.55 -8.37
C PHE C 318 -19.28 16.57 -7.24
N SER C 319 -20.56 16.32 -6.98
CA SER C 319 -20.98 15.51 -5.83
C SER C 319 -21.92 14.39 -6.23
N GLY C 320 -22.21 14.27 -7.53
CA GLY C 320 -23.19 13.31 -7.98
C GLY C 320 -22.54 12.07 -8.57
N ARG C 321 -23.36 11.07 -8.84
CA ARG C 321 -22.94 9.85 -9.50
C ARG C 321 -21.84 9.15 -8.67
N VAL C 322 -20.67 8.93 -9.25
CA VAL C 322 -19.66 8.11 -8.59
C VAL C 322 -19.16 8.78 -7.31
N HIS C 323 -19.15 10.10 -7.29
CA HIS C 323 -18.75 10.82 -6.09
C HIS C 323 -19.79 10.65 -5.00
N HIS C 324 -21.03 10.39 -5.39
CA HIS C 324 -22.08 10.16 -4.40
C HIS C 324 -21.83 8.77 -3.83
N GLU C 325 -21.54 7.84 -4.73
CA GLU C 325 -21.23 6.47 -4.34
C GLU C 325 -19.99 6.39 -3.46
N ASN C 326 -18.96 7.21 -3.74
CA ASN C 326 -17.81 7.31 -2.86
C ASN C 326 -18.16 7.76 -1.44
N ASP C 327 -18.98 8.80 -1.33
CA ASP C 327 -19.42 9.32 -0.04
C ASP C 327 -20.16 8.25 0.76
N VAL C 328 -21.04 7.53 0.09
CA VAL C 328 -21.83 6.48 0.74
C VAL C 328 -20.89 5.41 1.29
N ARG C 329 -19.92 5.01 0.49
CA ARG C 329 -18.97 3.99 0.88
C ARG C 329 -18.04 4.48 1.98
N MET C 330 -17.67 5.76 1.95
CA MET C 330 -16.82 6.33 3.00
C MET C 330 -17.53 6.34 4.35
N ILE C 331 -18.83 6.65 4.31
CA ILE C 331 -19.65 6.66 5.51
C ILE C 331 -19.78 5.25 6.09
N LYS C 332 -20.09 4.30 5.23
CA LYS C 332 -20.32 2.92 5.66
C LYS C 332 -19.05 2.27 6.21
N ALA C 333 -17.93 2.51 5.56
CA ALA C 333 -16.63 2.08 6.06
C ALA C 333 -16.33 2.70 7.42
N GLY C 334 -16.90 3.86 7.69
CA GLY C 334 -16.65 4.55 8.94
C GLY C 334 -15.33 5.28 9.01
N VAL C 335 -14.87 5.81 7.89
CA VAL C 335 -13.64 6.61 7.90
C VAL C 335 -13.86 7.90 8.66
N PRO C 336 -12.78 8.56 9.07
CA PRO C 336 -12.92 9.83 9.78
C PRO C 336 -13.32 10.97 8.84
N LEU C 337 -14.43 11.64 9.15
CA LEU C 337 -15.03 12.61 8.25
C LEU C 337 -15.16 13.99 8.87
N VAL C 338 -14.77 15.00 8.08
CA VAL C 338 -14.83 16.41 8.49
C VAL C 338 -15.85 17.18 7.65
N LEU C 339 -16.62 18.01 8.33
CA LEU C 339 -17.58 18.88 7.65
C LEU C 339 -16.88 20.05 7.00
N GLY C 340 -17.13 20.23 5.71
CA GLY C 340 -16.66 21.40 4.98
C GLY C 340 -17.52 21.54 3.73
N THR C 341 -17.59 22.75 3.18
CA THR C 341 -18.59 23.03 2.15
C THR C 341 -18.13 23.90 0.99
N ASP C 342 -16.96 24.52 1.11
CA ASP C 342 -16.52 25.54 0.17
C ASP C 342 -17.49 26.73 0.12
N ALA C 343 -18.35 26.85 1.12
CA ALA C 343 -19.41 27.84 1.10
C ALA C 343 -18.89 29.25 1.32
N GLY C 344 -19.59 30.22 0.76
CA GLY C 344 -19.26 31.62 0.90
C GLY C 344 -20.52 32.46 0.98
N CYS C 345 -20.36 33.74 1.29
CA CYS C 345 -21.50 34.64 1.32
C CYS C 345 -21.73 35.22 -0.07
N THR C 346 -22.69 34.66 -0.78
CA THR C 346 -22.87 34.94 -2.19
C THR C 346 -23.56 36.28 -2.41
N ASP C 347 -23.01 37.04 -3.34
CA ASP C 347 -23.56 38.31 -3.76
C ASP C 347 -25.03 38.18 -4.17
N PRO C 348 -25.88 39.06 -3.63
CA PRO C 348 -27.32 38.94 -3.86
C PRO C 348 -27.73 39.10 -5.34
N ASP C 349 -26.94 39.79 -6.14
CA ASP C 349 -27.25 39.87 -7.57
C ASP C 349 -27.15 38.50 -8.17
N ILE C 350 -26.14 37.74 -7.77
CA ILE C 350 -25.92 36.38 -8.27
C ILE C 350 -27.00 35.46 -7.73
N LEU C 351 -27.36 35.61 -6.46
CA LEU C 351 -28.44 34.82 -5.89
C LEU C 351 -29.76 35.11 -6.59
N GLU C 352 -29.96 36.36 -6.95
CA GLU C 352 -31.20 36.78 -7.60
C GLU C 352 -31.38 36.10 -8.96
N ASP C 353 -30.29 35.69 -9.60
CA ASP C 353 -30.36 34.91 -10.82
C ASP C 353 -30.92 33.50 -10.63
N MET C 354 -31.02 33.05 -9.38
CA MET C 354 -31.27 31.62 -9.13
C MET C 354 -32.72 31.23 -8.98
N SER C 355 -33.09 30.11 -9.61
CA SER C 355 -34.38 29.48 -9.40
C SER C 355 -34.51 28.97 -7.97
N GLN C 356 -35.71 28.61 -7.56
CA GLN C 356 -35.93 28.08 -6.23
C GLN C 356 -35.23 26.73 -6.07
N GLY C 357 -35.11 26.01 -7.17
CA GLY C 357 -34.44 24.73 -7.17
C GLY C 357 -32.95 24.85 -6.91
N GLU C 358 -32.30 25.82 -7.55
CA GLU C 358 -30.88 26.03 -7.31
C GLU C 358 -30.63 26.40 -5.87
N LEU C 359 -31.60 27.05 -5.24
CA LEU C 359 -31.42 27.61 -3.91
C LEU C 359 -31.82 26.67 -2.79
N HIS C 360 -32.75 25.77 -3.05
CA HIS C 360 -33.21 24.85 -2.01
C HIS C 360 -32.09 23.87 -1.70
N GLU C 361 -31.64 23.89 -0.45
CA GLU C 361 -30.54 23.03 0.00
C GLU C 361 -29.31 23.23 -0.87
N ARG C 362 -29.02 24.47 -1.23
CA ARG C 362 -27.82 24.80 -1.98
C ARG C 362 -26.61 24.56 -1.07
N PRO C 363 -25.59 23.86 -1.58
CA PRO C 363 -24.49 23.50 -0.68
C PRO C 363 -23.55 24.63 -0.30
N TRP C 364 -23.54 25.71 -1.06
CA TRP C 364 -22.53 26.76 -0.91
C TRP C 364 -23.08 28.02 -0.25
N THR C 365 -24.24 27.92 0.38
CA THR C 365 -24.90 29.06 0.98
C THR C 365 -24.47 29.18 2.43
N LEU C 366 -23.46 30.02 2.67
CA LEU C 366 -22.82 30.14 3.97
C LEU C 366 -23.86 30.51 5.02
N GLY C 367 -23.79 29.82 6.16
CA GLY C 367 -24.71 30.05 7.27
C GLY C 367 -25.80 29.01 7.33
N GLU C 368 -26.08 28.35 6.22
CA GLU C 368 -26.97 27.20 6.18
C GLU C 368 -26.24 25.95 5.68
N ASP C 369 -25.07 26.15 5.06
CA ASP C 369 -24.36 25.08 4.38
C ASP C 369 -24.09 23.86 5.27
N HIS C 370 -23.81 24.10 6.55
CA HIS C 370 -23.48 23.02 7.47
C HIS C 370 -24.71 22.17 7.81
N PHE C 371 -25.85 22.81 8.01
CA PHE C 371 -27.10 22.10 8.24
C PHE C 371 -27.37 21.16 7.07
N VAL C 372 -27.13 21.69 5.88
CA VAL C 372 -27.39 20.97 4.64
C VAL C 372 -26.43 19.80 4.49
N TRP C 373 -25.16 20.06 4.77
CA TRP C 373 -24.14 19.01 4.85
C TRP C 373 -24.59 17.85 5.73
N MET C 374 -24.97 18.17 6.97
CA MET C 374 -25.41 17.11 7.89
C MET C 374 -26.63 16.39 7.35
N GLN C 375 -27.60 17.14 6.84
CA GLN C 375 -28.75 16.51 6.21
C GLN C 375 -28.34 15.54 5.09
N ALA C 376 -27.43 15.98 4.23
CA ALA C 376 -26.99 15.15 3.10
C ALA C 376 -26.28 13.87 3.55
N MET C 377 -25.37 14.01 4.50
CA MET C 377 -24.67 12.84 5.01
C MET C 377 -25.63 11.87 5.68
N VAL C 378 -26.55 12.38 6.50
CA VAL C 378 -27.52 11.51 7.11
C VAL C 378 -28.42 10.87 6.06
N GLU C 379 -28.76 11.61 5.01
CA GLU C 379 -29.46 11.02 3.87
C GLU C 379 -28.65 9.88 3.27
N LYS C 380 -27.33 10.02 3.24
CA LYS C 380 -26.48 8.96 2.71
C LYS C 380 -26.20 7.79 3.66
N GLY C 381 -26.72 7.82 4.89
CA GLY C 381 -26.50 6.72 5.81
C GLY C 381 -25.75 7.07 7.09
N MET C 382 -25.25 8.29 7.19
CA MET C 382 -24.46 8.67 8.34
C MET C 382 -25.32 8.73 9.60
N ASP C 383 -24.74 8.29 10.70
CA ASP C 383 -25.39 8.35 11.99
C ASP C 383 -25.45 9.81 12.43
N PRO C 384 -26.63 10.27 12.88
CA PRO C 384 -26.73 11.70 13.25
C PRO C 384 -25.65 12.19 14.21
N MET C 385 -25.30 11.41 15.23
CA MET C 385 -24.27 11.81 16.16
C MET C 385 -22.93 11.97 15.46
N ALA C 386 -22.65 11.10 14.50
CA ALA C 386 -21.39 11.19 13.76
C ALA C 386 -21.39 12.44 12.90
N ALA C 387 -22.53 12.74 12.29
CA ALA C 387 -22.70 13.96 11.51
C ALA C 387 -22.45 15.18 12.39
N ILE C 388 -23.02 15.17 13.59
CA ILE C 388 -22.78 16.26 14.54
C ILE C 388 -21.30 16.36 14.89
N LEU C 389 -20.67 15.23 15.18
CA LEU C 389 -19.25 15.25 15.49
C LEU C 389 -18.43 15.75 14.30
N ALA C 390 -18.88 15.45 13.09
CA ALA C 390 -18.19 15.93 11.90
C ALA C 390 -18.19 17.45 11.82
N GLY C 391 -19.17 18.09 12.47
CA GLY C 391 -19.31 19.53 12.45
C GLY C 391 -18.98 20.21 13.76
N THR C 392 -18.24 19.53 14.62
CA THR C 392 -17.80 20.08 15.90
C THR C 392 -16.37 19.64 16.23
N ALA C 393 -16.24 18.41 16.71
CA ALA C 393 -14.98 17.89 17.22
C ALA C 393 -13.95 17.53 16.15
N ASN C 394 -14.43 16.90 15.08
CA ASN C 394 -13.55 16.32 14.08
C ASN C 394 -12.69 17.37 13.34
N PRO C 395 -13.29 18.49 12.92
CA PRO C 395 -12.42 19.49 12.28
C PRO C 395 -11.39 20.06 13.24
N ALA C 396 -11.78 20.23 14.50
CA ALA C 396 -10.85 20.71 15.51
C ALA C 396 -9.69 19.76 15.62
N LYS C 397 -9.99 18.48 15.68
CA LYS C 397 -8.95 17.47 15.68
C LYS C 397 -8.06 17.55 14.44
N ALA C 398 -8.65 17.57 13.25
CA ALA C 398 -7.85 17.61 12.04
C ALA C 398 -6.94 18.84 11.99
N TYR C 399 -7.45 19.98 12.44
CA TYR C 399 -6.66 21.21 12.45
C TYR C 399 -5.80 21.37 13.70
N ARG C 400 -5.86 20.38 14.59
CA ARG C 400 -5.10 20.40 15.84
C ARG C 400 -5.52 21.56 16.75
N LYS C 401 -6.81 21.70 16.98
CA LYS C 401 -7.31 22.73 17.89
C LYS C 401 -8.25 22.12 18.89
N PHE C 402 -8.20 20.79 19.03
CA PHE C 402 -9.14 20.11 19.91
C PHE C 402 -8.80 20.40 21.37
N ASP C 403 -7.58 20.85 21.63
CA ASP C 403 -7.24 21.28 22.98
C ASP C 403 -7.94 22.60 23.32
N GLU C 404 -8.11 23.49 22.35
CA GLU C 404 -8.77 24.78 22.61
C GLU C 404 -10.30 24.75 22.43
N LEU C 405 -10.79 23.97 21.46
CA LEU C 405 -12.22 23.99 21.12
C LEU C 405 -12.70 22.69 20.47
N GLY C 406 -14.01 22.59 20.22
CA GLY C 406 -14.58 21.46 19.50
C GLY C 406 -15.45 20.55 20.35
N SER C 407 -15.35 20.69 21.67
CA SER C 407 -16.19 19.93 22.57
C SER C 407 -16.44 20.68 23.86
N ILE C 408 -17.46 20.25 24.57
CA ILE C 408 -17.80 20.85 25.86
C ILE C 408 -17.10 20.04 26.94
N ASP C 409 -15.92 20.53 27.29
CA ASP C 409 -15.05 19.90 28.25
C ASP C 409 -14.38 20.98 29.08
N VAL C 410 -14.18 20.71 30.35
CA VAL C 410 -13.52 21.63 31.24
C VAL C 410 -12.14 21.99 30.68
N GLY C 411 -11.83 23.29 30.65
CA GLY C 411 -10.55 23.75 30.17
C GLY C 411 -10.62 24.35 28.77
N LYS C 412 -11.61 23.95 27.99
CA LYS C 412 -11.75 24.43 26.61
C LYS C 412 -12.56 25.72 26.54
N LEU C 413 -12.50 26.39 25.39
CA LEU C 413 -13.18 27.67 25.20
C LEU C 413 -14.69 27.48 25.29
N GLY C 414 -15.35 28.50 25.82
CA GLY C 414 -16.78 28.42 26.07
C GLY C 414 -17.60 28.79 24.86
N ASP C 415 -17.35 28.11 23.75
CA ASP C 415 -18.21 28.24 22.59
C ASP C 415 -19.35 27.23 22.72
N VAL C 416 -20.59 27.72 22.70
CA VAL C 416 -21.74 26.83 22.91
C VAL C 416 -22.94 27.26 22.10
N VAL C 417 -23.77 26.30 21.69
CA VAL C 417 -25.09 26.59 21.15
C VAL C 417 -26.17 25.82 21.87
N VAL C 418 -27.39 26.34 21.83
CA VAL C 418 -28.56 25.62 22.33
C VAL C 418 -29.58 25.41 21.22
N LEU C 419 -30.26 24.26 21.27
CA LEU C 419 -31.31 23.92 20.32
C LEU C 419 -32.64 23.64 21.03
N ASP C 420 -33.74 24.05 20.41
CA ASP C 420 -35.08 23.79 20.97
C ASP C 420 -35.51 22.35 20.75
N GLN C 421 -34.93 21.69 19.75
CA GLN C 421 -35.35 20.35 19.39
C GLN C 421 -34.18 19.39 19.19
N ASP C 422 -34.51 18.10 19.23
CA ASP C 422 -33.54 17.02 19.32
C ASP C 422 -32.85 16.74 17.99
N PRO C 423 -31.54 17.03 17.89
CA PRO C 423 -30.87 16.80 16.61
C PRO C 423 -30.63 15.32 16.29
N LEU C 424 -30.57 14.46 17.30
CA LEU C 424 -30.37 13.03 17.08
C LEU C 424 -31.64 12.35 16.59
N ALA C 425 -32.77 13.02 16.80
CA ALA C 425 -34.07 12.46 16.44
C ALA C 425 -34.42 12.84 15.01
N ASP C 426 -33.89 13.98 14.58
CA ASP C 426 -34.04 14.46 13.22
C ASP C 426 -32.96 15.51 13.02
N ILE C 427 -32.02 15.24 12.13
CA ILE C 427 -30.81 16.05 12.04
C ILE C 427 -31.14 17.49 11.63
N THR C 428 -32.28 17.68 10.95
CA THR C 428 -32.69 19.04 10.56
C THR C 428 -32.94 19.93 11.77
N ASN C 429 -33.21 19.33 12.93
CA ASN C 429 -33.36 20.12 14.14
C ASN C 429 -32.08 20.82 14.52
N MET C 430 -30.99 20.60 13.78
CA MET C 430 -29.80 21.44 13.97
C MET C 430 -30.14 22.89 13.65
N ARG C 431 -31.22 23.10 12.91
CA ARG C 431 -31.62 24.44 12.54
C ARG C 431 -32.30 25.21 13.68
N THR C 432 -32.81 24.48 14.67
CA THR C 432 -33.61 25.10 15.73
C THR C 432 -32.78 25.84 16.80
N LEU C 433 -31.77 26.57 16.38
CA LEU C 433 -30.99 27.41 17.31
C LEU C 433 -31.86 28.38 18.11
N SER C 434 -31.63 28.47 19.41
CA SER C 434 -32.24 29.52 20.22
C SER C 434 -31.21 30.32 21.03
N HIS C 435 -30.00 29.80 21.16
CA HIS C 435 -28.90 30.58 21.74
C HIS C 435 -27.55 30.22 21.15
N VAL C 436 -26.70 31.24 21.02
CA VAL C 436 -25.33 31.12 20.56
C VAL C 436 -24.42 31.83 21.54
N VAL C 437 -23.32 31.19 21.91
CA VAL C 437 -22.36 31.76 22.86
C VAL C 437 -20.95 31.57 22.34
N LYS C 438 -20.18 32.66 22.27
CA LYS C 438 -18.77 32.61 21.89
C LYS C 438 -17.88 33.14 23.01
N GLU C 439 -17.01 32.27 23.53
CA GLU C 439 -16.18 32.55 24.70
C GLU C 439 -16.94 33.20 25.85
N GLY C 440 -18.10 32.64 26.19
CA GLY C 440 -18.85 33.07 27.35
C GLY C 440 -19.83 34.21 27.08
N ARG C 441 -19.59 34.93 26.00
CA ARG C 441 -20.45 36.00 25.52
C ARG C 441 -21.64 35.46 24.73
N GLU C 442 -22.86 35.67 25.19
CA GLU C 442 -24.02 35.33 24.37
C GLU C 442 -24.06 36.29 23.18
N ILE C 443 -24.57 35.79 22.06
CA ILE C 443 -24.58 36.54 20.81
C ILE C 443 -26.01 36.84 20.38
N ASP C 444 -26.28 38.10 20.05
CA ASP C 444 -27.54 38.42 19.39
C ASP C 444 -27.40 38.00 17.93
N PHE C 445 -27.68 36.72 17.65
CA PHE C 445 -27.29 36.18 16.35
C PHE C 445 -28.31 36.49 15.28
N HIS C 446 -29.58 36.56 15.65
CA HIS C 446 -30.61 37.00 14.72
C HIS C 446 -30.32 38.40 14.17
N GLY C 447 -29.55 39.18 14.93
CA GLY C 447 -29.21 40.53 14.53
C GLY C 447 -27.94 40.67 13.71
N LEU C 448 -27.52 39.60 13.05
CA LEU C 448 -26.29 39.62 12.26
C LEU C 448 -26.59 39.51 10.77
N PRO C 449 -25.73 40.07 9.92
CA PRO C 449 -24.52 40.82 10.27
C PRO C 449 -24.83 42.22 10.78
N LEU C 450 -23.82 42.91 11.31
CA LEU C 450 -24.04 44.17 11.98
C LEU C 450 -24.17 45.31 10.97
N SER C 451 -23.26 45.34 10.00
CA SER C 451 -23.28 46.34 8.94
C SER C 451 -23.31 45.65 7.59
N PRO C 452 -24.50 45.25 7.11
CA PRO C 452 -24.62 44.57 5.83
C PRO C 452 -23.88 45.32 4.73
N LEU C 453 -23.10 44.58 3.95
CA LEU C 453 -22.21 45.16 2.97
C LEU C 453 -22.45 44.47 1.64
N VAL C 454 -22.04 43.22 1.53
CA VAL C 454 -22.42 42.40 0.40
C VAL C 454 -23.92 42.12 0.40
N THR C 455 -24.48 41.93 1.59
CA THR C 455 -25.88 41.54 1.72
C THR C 455 -26.86 42.72 1.75
N ALA C 456 -26.35 43.95 1.67
CA ALA C 456 -27.22 45.12 1.59
C ALA C 456 -27.92 45.11 0.24
N TYR C 457 -29.25 45.06 0.25
CA TYR C 457 -30.05 44.89 -0.97
C TYR C 457 -31.43 45.50 -0.79
N PRO C 458 -32.04 46.04 -1.85
CA PRO C 458 -31.46 46.27 -3.17
C PRO C 458 -30.38 47.35 -3.17
N ARG C 459 -29.81 47.60 -4.34
CA ARG C 459 -28.71 48.53 -4.50
C ARG C 459 -29.18 49.81 -5.21
N THR C 460 -29.08 50.93 -4.51
CA THR C 460 -29.49 52.23 -5.03
C THR C 460 -28.46 52.77 -6.01
N ALA C 461 -28.92 53.17 -7.19
CA ALA C 461 -28.01 53.63 -8.24
C ALA C 461 -27.39 54.99 -7.93
N ASN C 462 -28.13 55.83 -7.23
CA ASN C 462 -27.67 57.17 -6.92
C ASN C 462 -28.07 57.58 -5.52
N VAL C 463 -27.13 57.44 -4.59
CA VAL C 463 -27.36 57.76 -3.19
C VAL C 463 -27.14 59.24 -2.91
N LEU C 464 -28.12 59.88 -2.28
CA LEU C 464 -28.07 61.32 -2.11
C LEU C 464 -27.62 61.78 -0.73
N ASP C 465 -26.83 62.85 -0.75
CA ASP C 465 -26.44 63.57 0.45
C ASP C 465 -27.35 64.79 0.64
N MET D 1 12.41 -4.83 -53.60
CA MET D 1 12.67 -3.94 -52.48
C MET D 1 14.08 -3.37 -52.59
N GLY D 2 15.07 -4.18 -52.24
CA GLY D 2 16.44 -3.78 -52.39
C GLY D 2 16.84 -3.73 -53.85
N GLU D 3 17.64 -2.73 -54.20
CA GLU D 3 18.14 -2.64 -55.57
C GLU D 3 19.63 -2.34 -55.59
N THR D 4 20.23 -2.59 -56.74
CA THR D 4 21.69 -2.50 -56.90
C THR D 4 22.18 -1.22 -57.62
N ILE D 5 23.28 -0.63 -57.16
CA ILE D 5 23.79 0.64 -57.72
C ILE D 5 25.16 1.08 -57.15
N ALA D 6 25.86 1.96 -57.87
CA ALA D 6 27.12 2.55 -57.44
C ALA D 6 27.08 4.09 -57.43
N ILE D 7 27.59 4.69 -56.36
CA ILE D 7 27.73 6.15 -56.28
C ILE D 7 29.22 6.43 -56.38
N VAL D 8 29.63 7.07 -57.47
CA VAL D 8 31.01 7.03 -57.94
C VAL D 8 31.74 8.37 -57.90
N GLY D 9 32.65 8.55 -56.94
CA GLY D 9 33.68 9.57 -57.06
C GLY D 9 33.55 10.84 -56.24
N GLY D 10 32.79 10.78 -55.16
CA GLY D 10 32.55 11.96 -54.34
C GLY D 10 33.21 11.97 -52.99
N THR D 11 33.30 13.17 -52.42
CA THR D 11 33.69 13.39 -51.03
C THR D 11 32.66 12.78 -50.08
N LEU D 12 33.06 11.74 -49.36
CA LEU D 12 32.17 11.05 -48.44
C LEU D 12 32.11 11.69 -47.07
N ILE D 13 30.89 12.00 -46.62
CA ILE D 13 30.61 12.27 -45.23
C ILE D 13 29.72 11.13 -44.77
N ASP D 14 30.31 10.16 -44.08
CA ASP D 14 29.64 8.89 -43.88
C ASP D 14 28.71 8.92 -42.66
N GLY D 15 28.81 10.00 -41.89
CA GLY D 15 27.91 10.22 -40.77
C GLY D 15 28.51 9.81 -39.45
N ASN D 16 29.77 9.40 -39.46
CA ASN D 16 30.44 8.89 -38.28
C ASN D 16 31.31 9.96 -37.62
N GLY D 17 31.27 11.17 -38.17
CA GLY D 17 31.74 12.36 -37.46
C GLY D 17 33.15 12.78 -37.79
N GLY D 18 33.84 11.98 -38.59
CA GLY D 18 35.25 12.20 -38.84
C GLY D 18 35.48 13.05 -40.08
N VAL D 19 36.69 12.94 -40.63
CA VAL D 19 37.11 13.84 -41.69
C VAL D 19 36.66 13.28 -43.03
N PRO D 20 36.07 14.14 -43.87
CA PRO D 20 35.53 13.68 -45.17
C PRO D 20 36.60 13.11 -46.09
N VAL D 21 36.20 12.15 -46.91
CA VAL D 21 37.10 11.31 -47.69
C VAL D 21 36.94 11.57 -49.18
N PRO D 22 37.85 12.38 -49.79
CA PRO D 22 37.67 12.66 -51.21
C PRO D 22 37.76 11.44 -52.12
N GLU D 23 37.28 11.60 -53.35
CA GLU D 23 37.28 10.57 -54.38
C GLU D 23 36.97 9.17 -53.86
N THR D 24 35.85 9.06 -53.17
CA THR D 24 35.39 7.76 -52.69
C THR D 24 34.24 7.24 -53.55
N THR D 25 33.81 6.03 -53.25
CA THR D 25 32.80 5.36 -54.06
C THR D 25 32.04 4.36 -53.21
N VAL D 26 30.71 4.38 -53.34
CA VAL D 26 29.83 3.54 -52.53
C VAL D 26 29.11 2.54 -53.42
N PHE D 27 29.15 1.28 -53.05
CA PHE D 27 28.57 0.21 -53.86
C PHE D 27 27.54 -0.57 -53.06
N ILE D 28 26.34 -0.63 -53.65
CA ILE D 28 25.15 -1.17 -53.01
C ILE D 28 24.57 -2.33 -53.82
N GLU D 29 24.37 -3.47 -53.16
CA GLU D 29 23.79 -4.67 -53.79
C GLU D 29 22.53 -5.13 -53.10
N ASP D 30 21.47 -5.32 -53.88
CA ASP D 30 20.21 -5.87 -53.36
C ASP D 30 19.75 -5.17 -52.08
N GLY D 31 20.03 -3.87 -51.99
CA GLY D 31 19.56 -3.03 -50.91
C GLY D 31 20.64 -2.59 -49.94
N ARG D 32 21.71 -3.37 -49.86
CA ARG D 32 22.75 -3.20 -48.85
C ARG D 32 24.00 -2.51 -49.35
N ILE D 33 24.62 -1.69 -48.50
CA ILE D 33 25.96 -1.20 -48.74
C ILE D 33 26.95 -2.36 -48.63
N THR D 34 27.60 -2.72 -49.73
CA THR D 34 28.63 -3.76 -49.69
C THR D 34 30.03 -3.18 -49.71
N LYS D 35 30.26 -2.12 -50.49
CA LYS D 35 31.62 -1.55 -50.55
C LYS D 35 31.69 -0.03 -50.42
N VAL D 36 32.59 0.40 -49.54
CA VAL D 36 32.92 1.82 -49.34
C VAL D 36 34.43 1.95 -49.41
N GLY D 37 34.91 3.00 -50.06
CA GLY D 37 36.34 3.25 -50.18
C GLY D 37 36.72 3.70 -51.58
N SER D 38 37.97 4.12 -51.72
CA SER D 38 38.47 4.85 -52.89
C SER D 38 37.98 4.31 -54.24
N THR D 39 37.72 5.25 -55.14
CA THR D 39 37.10 4.96 -56.43
C THR D 39 37.93 4.00 -57.25
N ASP D 40 39.15 4.43 -57.55
CA ASP D 40 40.11 3.62 -58.29
C ASP D 40 40.31 2.25 -57.65
N GLN D 41 39.94 2.13 -56.38
CA GLN D 41 40.18 0.91 -55.62
C GLN D 41 39.17 -0.21 -55.89
N ILE D 42 38.08 0.06 -56.62
CA ILE D 42 37.11 -1.00 -56.89
C ILE D 42 36.40 -0.93 -58.24
N GLU D 43 36.24 -2.09 -58.86
CA GLU D 43 35.71 -2.22 -60.22
C GLU D 43 34.18 -2.26 -60.29
N VAL D 44 33.67 -1.57 -61.30
CA VAL D 44 32.26 -1.29 -61.46
C VAL D 44 31.80 -1.81 -62.84
N HIS D 45 31.63 -3.12 -62.97
CA HIS D 45 31.28 -3.73 -64.28
C HIS D 45 30.18 -2.91 -64.96
N PRO D 46 30.34 -2.68 -66.27
CA PRO D 46 29.64 -1.55 -66.91
C PRO D 46 28.13 -1.71 -67.06
N ASN D 47 27.57 -2.83 -66.61
CA ASN D 47 26.13 -3.06 -66.70
C ASN D 47 25.45 -2.83 -65.35
N ILE D 48 25.85 -1.77 -64.68
CA ILE D 48 25.49 -1.52 -63.29
C ILE D 48 25.34 -0.03 -63.11
N ARG D 49 24.12 0.43 -62.79
CA ARG D 49 23.83 1.87 -62.79
C ARG D 49 24.74 2.60 -61.83
N GLN D 50 25.05 3.85 -62.19
CA GLN D 50 25.97 4.64 -61.41
C GLN D 50 25.54 6.09 -61.42
N ILE D 51 26.26 6.88 -60.62
CA ILE D 51 25.92 8.27 -60.40
C ILE D 51 27.22 9.04 -60.27
N ASP D 52 27.50 9.91 -61.22
CA ASP D 52 28.78 10.61 -61.21
C ASP D 52 28.79 11.64 -60.10
N ALA D 53 29.38 11.26 -58.98
CA ALA D 53 29.46 12.12 -57.80
C ALA D 53 30.69 13.04 -57.85
N GLN D 54 31.39 13.06 -58.97
CA GLN D 54 32.55 13.93 -59.10
C GLN D 54 32.16 15.37 -58.88
N GLY D 55 32.86 16.02 -57.97
CA GLY D 55 32.63 17.42 -57.67
C GLY D 55 31.48 17.61 -56.70
N LYS D 56 31.00 16.49 -56.18
CA LYS D 56 29.78 16.46 -55.37
C LYS D 56 30.06 15.74 -54.05
N TRP D 57 29.31 16.07 -53.00
CA TRP D 57 29.49 15.43 -51.69
C TRP D 57 28.48 14.29 -51.49
N ILE D 58 28.91 13.20 -50.87
CA ILE D 58 28.04 12.04 -50.61
C ILE D 58 27.68 11.91 -49.14
N LEU D 59 26.39 11.86 -48.84
CA LEU D 59 25.89 11.70 -47.47
C LEU D 59 24.92 10.52 -47.34
N PRO D 60 24.72 10.04 -46.10
CA PRO D 60 23.76 8.96 -45.94
C PRO D 60 22.35 9.50 -46.06
N GLY D 61 21.39 8.63 -46.31
CA GLY D 61 19.99 9.01 -46.29
C GLY D 61 19.63 9.79 -45.02
N LEU D 62 19.09 10.98 -45.21
CA LEU D 62 18.75 11.86 -44.09
C LEU D 62 17.62 11.28 -43.24
N VAL D 63 17.56 11.71 -41.98
CA VAL D 63 16.69 11.09 -40.99
C VAL D 63 16.03 12.15 -40.11
N ASN D 64 14.70 12.14 -40.05
CA ASN D 64 13.96 13.07 -39.20
C ASN D 64 13.45 12.39 -37.93
N GLY D 65 13.91 12.88 -36.79
CA GLY D 65 13.53 12.31 -35.51
C GLY D 65 12.08 12.49 -35.10
N ASN D 66 11.44 13.56 -35.58
CA ASN D 66 10.09 13.90 -35.14
C ASN D 66 9.25 14.60 -36.22
N VAL D 67 8.40 13.83 -36.90
CA VAL D 67 7.42 14.40 -37.84
C VAL D 67 6.01 13.98 -37.48
N HIS D 68 5.03 14.61 -38.15
CA HIS D 68 3.64 14.21 -38.04
C HIS D 68 3.03 14.16 -39.43
N LEU D 69 2.80 12.94 -39.91
CA LEU D 69 2.38 12.71 -41.28
C LEU D 69 0.88 12.97 -41.49
N LEU D 70 0.13 13.07 -40.40
CA LEU D 70 -1.12 13.81 -40.40
C LEU D 70 -0.81 15.08 -39.62
N ASP D 71 -0.90 16.22 -40.28
CA ASP D 71 -0.24 17.43 -39.79
C ASP D 71 -0.81 17.88 -38.46
N GLY D 72 -0.05 17.68 -37.40
CA GLY D 72 -0.52 17.98 -36.06
C GLY D 72 -0.46 19.45 -35.68
N ILE D 73 0.51 20.17 -36.22
CA ILE D 73 0.74 21.56 -35.83
C ILE D 73 -0.40 22.43 -36.32
N MET D 74 -0.89 22.05 -37.48
CA MET D 74 -2.17 22.48 -38.00
C MET D 74 -3.30 22.44 -36.98
N MET D 75 -3.52 21.27 -36.42
CA MET D 75 -4.66 21.04 -35.53
C MET D 75 -4.56 21.81 -34.23
N MET D 76 -3.47 22.52 -34.05
CA MET D 76 -3.29 23.35 -32.86
C MET D 76 -3.71 24.78 -33.09
N GLY D 77 -3.99 25.12 -34.34
CA GLY D 77 -4.63 26.37 -34.65
C GLY D 77 -5.89 26.09 -35.43
N ARG D 78 -5.96 26.71 -36.59
CA ARG D 78 -7.12 26.60 -37.45
C ARG D 78 -6.86 25.53 -38.49
N GLY D 79 -7.91 24.85 -38.93
CA GLY D 79 -7.84 23.95 -40.08
C GLY D 79 -8.13 22.50 -39.80
N GLY D 80 -8.21 22.13 -38.54
CA GLY D 80 -8.34 20.73 -38.18
C GLY D 80 -9.59 20.05 -38.69
N ILE D 81 -10.73 20.70 -38.46
CA ILE D 81 -12.02 20.17 -38.90
C ILE D 81 -12.02 19.98 -40.40
N GLU D 82 -11.66 21.03 -41.13
CA GLU D 82 -11.73 21.00 -42.59
C GLU D 82 -10.78 19.96 -43.18
N TYR D 83 -9.57 19.89 -42.64
CA TYR D 83 -8.57 18.91 -43.08
C TYR D 83 -9.06 17.48 -42.84
N LEU D 84 -9.43 17.18 -41.59
CA LEU D 84 -9.85 15.81 -41.29
C LEU D 84 -11.15 15.42 -41.98
N ALA D 85 -12.06 16.37 -42.14
CA ALA D 85 -13.29 16.05 -42.84
C ALA D 85 -13.04 15.86 -44.33
N ARG D 86 -12.24 16.75 -44.90
CA ARG D 86 -11.92 16.65 -46.31
C ARG D 86 -11.29 15.32 -46.62
N PHE D 87 -10.32 14.87 -45.82
CA PHE D 87 -9.61 13.64 -46.17
C PHE D 87 -10.01 12.35 -45.45
N GLU D 88 -11.16 12.31 -44.79
CA GLU D 88 -11.65 11.05 -44.24
C GLU D 88 -11.86 10.06 -45.37
N GLY D 89 -11.40 8.84 -45.18
CA GLY D 89 -11.40 7.83 -46.22
C GLY D 89 -10.04 7.65 -46.88
N ASN D 90 -9.14 8.62 -46.68
CA ASN D 90 -7.83 8.60 -47.34
C ASN D 90 -6.68 9.02 -46.45
N TYR D 91 -6.77 8.80 -45.14
CA TYR D 91 -5.73 9.24 -44.25
C TYR D 91 -4.38 8.57 -44.56
N TYR D 92 -4.43 7.30 -44.92
CA TYR D 92 -3.20 6.56 -45.21
C TYR D 92 -2.48 7.17 -46.41
N LYS D 93 -3.25 7.56 -47.43
CA LYS D 93 -2.68 8.24 -48.60
C LYS D 93 -2.13 9.62 -48.25
N VAL D 94 -2.78 10.32 -47.33
CA VAL D 94 -2.27 11.61 -46.88
C VAL D 94 -0.89 11.39 -46.26
N ILE D 95 -0.82 10.34 -45.44
CA ILE D 95 0.41 9.97 -44.77
C ILE D 95 1.51 9.57 -45.76
N GLU D 96 1.18 8.72 -46.73
CA GLU D 96 2.10 8.41 -47.80
C GLU D 96 2.58 9.66 -48.54
N GLU D 97 1.66 10.55 -48.90
CA GLU D 97 2.02 11.79 -49.58
C GLU D 97 3.01 12.60 -48.74
N ALA D 98 2.73 12.75 -47.46
CA ALA D 98 3.67 13.45 -46.59
C ALA D 98 5.03 12.73 -46.52
N ALA D 99 5.01 11.40 -46.48
CA ALA D 99 6.26 10.65 -46.49
C ALA D 99 7.05 10.91 -47.78
N GLN D 100 6.34 10.93 -48.91
CA GLN D 100 6.95 11.24 -50.19
C GLN D 100 7.52 12.65 -50.19
N ILE D 101 6.81 13.58 -49.58
CA ILE D 101 7.34 14.94 -49.46
C ILE D 101 8.59 14.99 -48.59
N ALA D 102 8.62 14.19 -47.53
CA ALA D 102 9.85 14.05 -46.77
C ALA D 102 10.98 13.51 -47.66
N LEU D 103 10.69 12.42 -48.37
CA LEU D 103 11.68 11.81 -49.28
C LEU D 103 12.25 12.82 -50.27
N ARG D 104 11.36 13.59 -50.91
CA ARG D 104 11.75 14.65 -51.83
C ARG D 104 12.77 15.62 -51.25
N GLY D 105 12.88 15.66 -49.93
CA GLY D 105 13.81 16.54 -49.26
C GLY D 105 15.08 15.85 -48.81
N GLY D 106 15.25 14.60 -49.22
CA GLY D 106 16.45 13.85 -48.93
C GLY D 106 16.28 12.89 -47.76
N VAL D 107 15.08 12.88 -47.18
CA VAL D 107 14.83 12.13 -45.95
C VAL D 107 14.28 10.74 -46.26
N THR D 108 15.10 9.73 -46.03
CA THR D 108 14.76 8.35 -46.35
C THR D 108 14.09 7.65 -45.18
N THR D 109 14.26 8.20 -43.98
CA THR D 109 13.66 7.62 -42.79
C THR D 109 13.01 8.70 -41.91
N VAL D 110 11.75 8.45 -41.54
CA VAL D 110 11.03 9.38 -40.67
C VAL D 110 10.47 8.68 -39.44
N PHE D 111 10.62 9.36 -38.31
CA PHE D 111 10.07 8.91 -37.05
C PHE D 111 8.87 9.76 -36.64
N ASP D 112 7.69 9.17 -36.76
CA ASP D 112 6.42 9.82 -36.47
C ASP D 112 6.04 9.63 -35.00
N THR D 113 6.13 10.70 -34.22
CA THR D 113 5.87 10.60 -32.78
C THR D 113 4.43 10.94 -32.35
N TRP D 114 3.53 11.21 -33.30
CA TRP D 114 2.11 11.39 -32.98
C TRP D 114 1.29 11.34 -34.24
N ASN D 115 0.32 10.44 -34.25
CA ASN D 115 -0.45 10.17 -35.45
C ASN D 115 -1.58 9.23 -35.09
N ALA D 116 -2.41 8.91 -36.07
CA ALA D 116 -3.47 7.94 -35.85
C ALA D 116 -2.96 6.57 -36.19
N LEU D 117 -3.13 5.63 -35.27
CA LEU D 117 -2.54 4.30 -35.38
C LEU D 117 -2.91 3.57 -36.68
N GLU D 118 -4.21 3.45 -36.97
CA GLU D 118 -4.65 2.65 -38.11
C GLU D 118 -4.01 3.10 -39.42
N PRO D 119 -4.19 4.38 -39.79
CA PRO D 119 -3.66 4.80 -41.08
C PRO D 119 -2.14 4.79 -41.15
N VAL D 120 -1.45 5.24 -40.11
CA VAL D 120 0.01 5.27 -40.15
C VAL D 120 0.55 3.85 -40.25
N THR D 121 -0.12 2.91 -39.58
CA THR D 121 0.20 1.50 -39.76
C THR D 121 0.04 1.08 -41.22
N ILE D 122 -1.16 1.29 -41.77
CA ILE D 122 -1.40 0.97 -43.17
C ILE D 122 -0.31 1.55 -44.08
N ALA D 123 0.02 2.81 -43.87
CA ALA D 123 0.98 3.50 -44.73
C ALA D 123 2.39 2.94 -44.58
N ARG D 124 2.85 2.71 -43.36
CA ARG D 124 4.16 2.08 -43.18
C ARG D 124 4.19 0.74 -43.89
N ASP D 125 3.19 -0.10 -43.63
CA ASP D 125 3.20 -1.43 -44.23
C ASP D 125 3.23 -1.35 -45.74
N ARG D 126 2.47 -0.43 -46.32
CA ARG D 126 2.51 -0.27 -47.78
C ARG D 126 3.83 0.28 -48.31
N ILE D 127 4.40 1.29 -47.66
CA ILE D 127 5.67 1.83 -48.11
C ILE D 127 6.74 0.76 -48.05
N ALA D 128 6.70 -0.05 -47.00
CA ALA D 128 7.72 -1.08 -46.82
C ALA D 128 7.58 -2.27 -47.79
N SER D 129 6.36 -2.57 -48.22
CA SER D 129 6.16 -3.65 -49.19
C SER D 129 6.25 -3.14 -50.62
N GLY D 130 6.64 -1.88 -50.78
CA GLY D 130 6.80 -1.29 -52.10
C GLY D 130 5.50 -0.84 -52.75
N ALA D 131 4.37 -1.36 -52.28
CA ALA D 131 3.06 -0.97 -52.78
C ALA D 131 2.86 0.54 -52.84
N ALA D 132 3.63 1.29 -52.07
CA ALA D 132 3.62 2.74 -52.20
C ALA D 132 4.97 3.34 -51.93
N GLU D 133 5.12 4.59 -52.33
CA GLU D 133 6.37 5.29 -52.28
C GLU D 133 6.39 6.24 -51.09
N GLY D 134 7.58 6.44 -50.54
CA GLY D 134 7.83 7.51 -49.60
C GLY D 134 8.97 7.15 -48.69
N ALA D 135 9.37 8.09 -47.86
CA ALA D 135 10.32 7.80 -46.80
C ALA D 135 9.84 6.61 -45.99
N ARG D 136 10.81 5.87 -45.44
CA ARG D 136 10.56 4.77 -44.53
C ARG D 136 9.95 5.32 -43.23
N ILE D 137 8.94 4.63 -42.68
CA ILE D 137 8.21 5.16 -41.51
C ILE D 137 8.40 4.32 -40.25
N PHE D 138 8.77 4.96 -39.15
CA PHE D 138 8.63 4.34 -37.83
C PHE D 138 7.78 5.24 -36.93
N PHE D 139 6.86 4.66 -36.14
CA PHE D 139 5.89 5.49 -35.43
C PHE D 139 5.56 5.06 -34.01
N ALA D 140 5.10 6.04 -33.23
CA ALA D 140 4.68 5.84 -31.85
C ALA D 140 3.23 5.43 -31.73
N GLY D 141 2.45 5.72 -32.78
CA GLY D 141 1.02 5.77 -32.66
C GLY D 141 0.67 7.06 -31.96
N THR D 142 -0.02 6.96 -30.83
CA THR D 142 -0.41 8.17 -30.11
C THR D 142 0.54 8.51 -28.97
N LEU D 143 0.20 9.60 -28.30
CA LEU D 143 0.96 10.09 -27.17
C LEU D 143 0.21 9.76 -25.88
N ILE D 144 0.79 8.86 -25.09
CA ILE D 144 0.11 8.28 -23.93
C ILE D 144 -0.31 9.36 -22.93
N GLY D 145 -1.60 9.46 -22.66
CA GLY D 145 -2.14 10.44 -21.73
C GLY D 145 -2.44 11.83 -22.29
N MET D 146 -2.36 11.99 -23.61
CA MET D 146 -2.79 13.24 -24.25
C MET D 146 -4.13 13.02 -24.93
N GLY D 147 -4.95 14.06 -24.98
CA GLY D 147 -6.22 13.99 -25.67
C GLY D 147 -6.06 14.09 -27.18
N GLY D 148 -7.10 13.67 -27.88
CA GLY D 148 -7.19 13.83 -29.33
C GLY D 148 -7.27 15.28 -29.78
N PRO D 149 -7.40 15.50 -31.09
CA PRO D 149 -7.35 16.86 -31.63
C PRO D 149 -8.51 17.77 -31.24
N PHE D 150 -9.61 17.23 -30.72
CA PHE D 150 -10.75 18.04 -30.31
C PHE D 150 -10.98 17.93 -28.80
N THR D 151 -9.88 17.91 -28.06
CA THR D 151 -9.89 17.98 -26.61
C THR D 151 -9.21 19.27 -26.19
N GLY D 152 -9.04 19.46 -24.89
CA GLY D 152 -8.41 20.64 -24.36
C GLY D 152 -6.94 20.79 -24.74
N ASP D 153 -6.36 19.71 -25.24
CA ASP D 153 -4.94 19.70 -25.60
C ASP D 153 -4.66 20.40 -26.93
N PHE D 154 -5.72 20.80 -27.62
CA PHE D 154 -5.59 21.53 -28.87
C PHE D 154 -6.48 22.77 -28.90
N MET D 155 -7.05 23.10 -27.76
CA MET D 155 -7.83 24.32 -27.63
C MET D 155 -6.98 25.53 -27.37
N ARG D 156 -7.50 26.68 -27.80
CA ARG D 156 -7.08 27.97 -27.26
C ARG D 156 -8.33 28.65 -26.74
N PRO D 157 -8.16 29.71 -25.96
CA PRO D 157 -9.32 30.35 -25.34
C PRO D 157 -10.37 30.81 -26.35
N SER D 158 -9.94 31.20 -27.54
CA SER D 158 -10.84 31.69 -28.57
C SER D 158 -10.78 30.81 -29.82
N MET D 159 -10.37 29.55 -29.62
CA MET D 159 -10.37 28.54 -30.68
C MET D 159 -10.87 27.24 -30.07
N GLN D 160 -12.15 26.96 -30.27
CA GLN D 160 -12.78 25.79 -29.68
C GLN D 160 -13.61 25.07 -30.70
N ALA D 161 -12.97 24.17 -31.43
CA ALA D 161 -13.60 23.47 -32.55
C ALA D 161 -14.89 22.76 -32.17
N ARG D 162 -14.95 22.18 -30.98
CA ARG D 162 -16.09 21.34 -30.65
C ARG D 162 -17.38 22.16 -30.59
N THR D 163 -17.26 23.48 -30.48
CA THR D 163 -18.43 24.35 -30.51
C THR D 163 -19.05 24.50 -31.89
N VAL D 164 -18.35 24.14 -32.97
CA VAL D 164 -18.89 24.32 -34.31
C VAL D 164 -18.84 23.08 -35.19
N MET D 165 -18.75 21.91 -34.56
CA MET D 165 -18.70 20.66 -35.29
C MET D 165 -19.60 19.64 -34.61
N SER D 166 -19.93 18.57 -35.31
CA SER D 166 -20.72 17.53 -34.69
C SER D 166 -19.90 16.84 -33.63
N ARG D 167 -20.55 16.50 -32.52
CA ARG D 167 -19.95 15.71 -31.46
C ARG D 167 -19.51 14.36 -32.02
N THR D 168 -20.34 13.78 -32.88
CA THR D 168 -20.10 12.46 -33.41
C THR D 168 -18.77 12.38 -34.18
N PHE D 169 -18.53 13.36 -35.04
CA PHE D 169 -17.32 13.43 -35.84
C PHE D 169 -16.09 13.71 -34.98
N ALA D 170 -16.24 14.66 -34.07
CA ALA D 170 -15.17 15.00 -33.14
C ALA D 170 -14.77 13.76 -32.34
N ASP D 171 -15.77 13.00 -31.89
CA ASP D 171 -15.54 11.78 -31.13
C ASP D 171 -14.80 10.76 -31.99
N ARG D 172 -15.29 10.56 -33.21
CA ARG D 172 -14.65 9.62 -34.12
C ARG D 172 -13.17 9.97 -34.31
N MET D 173 -12.88 11.24 -34.58
CA MET D 173 -11.50 11.66 -34.74
C MET D 173 -10.65 11.45 -33.48
N ASP D 174 -11.14 11.97 -32.36
CA ASP D 174 -10.46 11.78 -31.09
C ASP D 174 -10.22 10.30 -30.82
N ALA D 175 -11.16 9.45 -31.19
CA ALA D 175 -11.01 8.03 -30.99
C ALA D 175 -9.89 7.47 -31.84
N MET D 176 -9.89 7.76 -33.15
CA MET D 176 -8.81 7.20 -33.96
C MET D 176 -7.44 7.77 -33.61
N PHE D 177 -7.35 8.96 -33.03
CA PHE D 177 -6.04 9.38 -32.49
C PHE D 177 -5.70 8.84 -31.09
N GLU D 178 -6.65 8.79 -30.17
CA GLU D 178 -6.35 8.40 -28.79
C GLU D 178 -6.14 6.90 -28.62
N VAL D 179 -6.93 6.11 -29.33
CA VAL D 179 -6.90 4.66 -29.26
C VAL D 179 -6.94 4.22 -27.79
N GLY D 180 -7.83 4.85 -27.03
CA GLY D 180 -8.09 4.44 -25.67
C GLY D 180 -7.06 4.91 -24.66
N MET D 181 -6.08 5.69 -25.10
CA MET D 181 -4.98 6.10 -24.24
C MET D 181 -4.96 7.60 -23.98
N GLY D 182 -6.14 8.20 -23.98
CA GLY D 182 -6.28 9.63 -23.77
C GLY D 182 -6.19 10.06 -22.32
N ARG D 183 -6.79 11.20 -22.03
CA ARG D 183 -6.68 11.83 -20.72
C ARG D 183 -7.26 11.00 -19.57
N HIS D 184 -8.20 10.10 -19.88
CA HIS D 184 -8.88 9.35 -18.83
C HIS D 184 -7.93 8.43 -18.06
N LEU D 185 -6.79 8.10 -18.66
CA LEU D 185 -5.75 7.34 -17.97
C LEU D 185 -5.32 8.04 -16.69
N SER D 186 -5.48 9.36 -16.62
CA SER D 186 -5.05 10.05 -15.42
C SER D 186 -6.05 9.89 -14.28
N THR D 187 -7.20 9.30 -14.56
CA THR D 187 -8.19 9.04 -13.51
C THR D 187 -8.04 7.64 -12.91
N LEU D 188 -7.18 6.81 -13.50
CA LEU D 188 -7.06 5.43 -13.10
C LEU D 188 -5.99 5.17 -12.06
N PRO D 189 -6.18 4.12 -11.25
CA PRO D 189 -5.15 3.57 -10.36
C PRO D 189 -4.17 2.69 -11.14
N PRO D 190 -2.94 2.48 -10.63
CA PRO D 190 -1.87 1.81 -11.40
C PRO D 190 -2.24 0.47 -12.02
N ALA D 191 -2.92 -0.35 -11.24
CA ALA D 191 -3.26 -1.69 -11.67
C ALA D 191 -4.25 -1.73 -12.83
N GLU D 192 -4.94 -0.61 -13.07
CA GLU D 192 -5.88 -0.55 -14.19
C GLU D 192 -5.25 0.10 -15.41
N VAL D 193 -4.29 0.98 -15.17
CA VAL D 193 -3.43 1.48 -16.24
C VAL D 193 -2.58 0.37 -16.85
N ARG D 194 -1.92 -0.43 -16.02
CA ARG D 194 -0.98 -1.44 -16.52
C ARG D 194 -1.45 -2.27 -17.74
N PRO D 195 -2.63 -2.93 -17.64
CA PRO D 195 -3.04 -3.74 -18.81
C PRO D 195 -3.36 -2.92 -20.06
N LEU D 196 -3.73 -1.65 -19.89
CA LEU D 196 -4.06 -0.80 -21.02
C LEU D 196 -2.81 -0.44 -21.81
N ILE D 197 -1.76 -0.02 -21.11
CA ILE D 197 -0.50 0.25 -21.77
C ILE D 197 0.12 -1.03 -22.35
N ARG D 198 0.03 -2.14 -21.62
CA ARG D 198 0.52 -3.41 -22.16
C ARG D 198 -0.20 -3.82 -23.46
N GLU D 199 -1.53 -3.78 -23.44
CA GLU D 199 -2.34 -4.06 -24.62
C GLU D 199 -2.05 -3.06 -25.76
N TYR D 200 -1.85 -1.79 -25.43
CA TYR D 200 -1.46 -0.81 -26.45
C TYR D 200 -0.14 -1.19 -27.10
N LEU D 201 0.87 -1.49 -26.30
CA LEU D 201 2.16 -1.84 -26.87
C LEU D 201 2.11 -3.11 -27.71
N GLU D 202 1.24 -4.05 -27.35
CA GLU D 202 1.02 -5.18 -28.27
C GLU D 202 0.36 -4.87 -29.64
N ARG D 203 0.12 -3.60 -29.98
CA ARG D 203 -0.61 -3.27 -31.21
C ARG D 203 0.30 -3.15 -32.44
N GLY D 204 1.57 -2.86 -32.21
CA GLY D 204 2.57 -2.90 -33.26
C GLY D 204 3.37 -1.62 -33.46
N VAL D 205 3.55 -0.83 -32.40
CA VAL D 205 4.31 0.40 -32.52
C VAL D 205 5.80 0.13 -32.54
N ASP D 206 6.58 1.11 -32.98
CA ASP D 206 8.03 0.97 -33.07
C ASP D 206 8.69 1.58 -31.84
N PHE D 207 7.94 2.42 -31.15
CA PHE D 207 8.40 3.03 -29.92
C PHE D 207 7.19 3.66 -29.24
N CYS D 208 7.39 4.24 -28.06
CA CYS D 208 6.29 4.75 -27.29
C CYS D 208 6.61 6.08 -26.64
N LYS D 209 5.78 7.08 -26.92
CA LYS D 209 5.95 8.42 -26.40
C LYS D 209 4.92 8.65 -25.29
N ILE D 210 5.39 9.19 -24.19
CA ILE D 210 4.55 9.42 -23.01
C ILE D 210 4.49 10.91 -22.71
N ALA D 211 3.29 11.38 -22.39
CA ALA D 211 3.10 12.76 -21.96
C ALA D 211 3.48 12.87 -20.50
N VAL D 212 4.75 13.12 -20.22
CA VAL D 212 5.19 13.26 -18.85
C VAL D 212 4.55 14.50 -18.27
N THR D 213 4.57 15.57 -19.03
CA THR D 213 3.88 16.79 -18.67
C THR D 213 2.67 16.99 -19.58
N ASP D 214 1.94 18.07 -19.30
CA ASP D 214 0.72 18.36 -20.03
C ASP D 214 0.95 18.87 -21.43
N HIS D 215 -0.16 19.07 -22.11
CA HIS D 215 -0.19 19.58 -23.46
C HIS D 215 -1.18 20.73 -23.60
N LEU D 216 -1.19 21.62 -22.61
CA LEU D 216 -2.20 22.67 -22.51
C LEU D 216 -1.65 24.07 -22.80
N VAL D 217 -0.56 24.14 -23.55
CA VAL D 217 0.10 25.43 -23.75
C VAL D 217 -0.76 26.36 -24.60
N GLY D 218 -1.46 25.82 -25.59
CA GLY D 218 -2.42 26.58 -26.39
C GLY D 218 -3.42 27.32 -25.52
N LEU D 219 -3.82 26.67 -24.45
CA LEU D 219 -4.88 27.14 -23.58
C LEU D 219 -4.39 27.99 -22.40
N LEU D 220 -3.19 27.71 -21.92
CA LEU D 220 -2.73 28.28 -20.65
C LEU D 220 -1.44 29.07 -20.73
N GLY D 221 -0.73 28.98 -21.84
CA GLY D 221 0.57 29.61 -21.97
C GLY D 221 1.68 28.66 -21.59
N PHE D 222 2.88 29.18 -21.36
CA PHE D 222 4.06 28.34 -21.12
C PHE D 222 4.45 28.25 -19.66
N ARG D 223 3.91 29.13 -18.83
CA ARG D 223 4.35 29.23 -17.46
C ARG D 223 3.37 28.58 -16.49
N ALA D 224 2.78 27.47 -16.88
CA ALA D 224 1.91 26.72 -15.98
C ALA D 224 1.82 25.24 -16.35
N PRO D 225 2.95 24.53 -16.30
CA PRO D 225 2.98 23.12 -16.67
C PRO D 225 2.50 22.18 -15.55
N TYR D 226 2.01 21.02 -15.97
CA TYR D 226 1.52 20.01 -15.04
C TYR D 226 2.19 18.69 -15.35
N PHE D 227 2.12 17.74 -14.43
CA PHE D 227 2.39 16.36 -14.75
C PHE D 227 1.09 15.64 -15.05
N THR D 228 1.14 14.82 -16.10
CA THR D 228 0.00 14.04 -16.53
C THR D 228 -0.34 12.94 -15.52
N PHE D 229 0.71 12.36 -14.95
CA PHE D 229 0.58 11.19 -14.10
C PHE D 229 1.30 11.37 -12.77
N SER D 230 0.84 10.67 -11.76
CA SER D 230 1.66 10.46 -10.57
C SER D 230 2.89 9.67 -10.99
N GLU D 231 3.97 9.77 -10.23
CA GLU D 231 5.20 9.13 -10.66
C GLU D 231 5.11 7.61 -10.62
N ARG D 232 4.22 7.10 -9.79
CA ARG D 232 4.06 5.65 -9.73
C ARG D 232 3.31 5.10 -10.95
N VAL D 233 2.33 5.83 -11.46
CA VAL D 233 1.66 5.44 -12.70
C VAL D 233 2.61 5.65 -13.90
N LEU D 234 3.38 6.72 -13.83
CA LEU D 234 4.42 6.96 -14.82
C LEU D 234 5.37 5.77 -14.86
N ASP D 235 5.79 5.32 -13.69
CA ASP D 235 6.69 4.17 -13.62
C ASP D 235 6.02 2.90 -14.10
N VAL D 236 4.72 2.73 -13.85
CA VAL D 236 4.00 1.63 -14.52
C VAL D 236 4.20 1.71 -16.04
N LEU D 237 3.87 2.87 -16.61
CA LEU D 237 4.00 3.04 -18.05
C LEU D 237 5.42 2.76 -18.56
N VAL D 238 6.40 3.37 -17.92
CA VAL D 238 7.80 3.13 -18.27
C VAL D 238 8.15 1.65 -18.20
N ASP D 239 7.82 1.01 -17.08
CA ASP D 239 8.14 -0.40 -16.90
C ASP D 239 7.54 -1.23 -18.01
N GLU D 240 6.29 -0.96 -18.37
CA GLU D 240 5.68 -1.73 -19.45
C GLU D 240 6.30 -1.44 -20.82
N VAL D 241 6.72 -0.19 -21.05
CA VAL D 241 7.49 0.10 -22.25
C VAL D 241 8.79 -0.71 -22.27
N ARG D 242 9.57 -0.67 -21.19
CA ARG D 242 10.80 -1.48 -21.14
C ARG D 242 10.49 -2.94 -21.37
N ARG D 243 9.45 -3.42 -20.72
CA ARG D 243 9.04 -4.80 -20.87
C ARG D 243 8.73 -5.15 -22.33
N ALA D 244 8.09 -4.24 -23.05
CA ALA D 244 7.85 -4.48 -24.46
C ALA D 244 9.12 -4.37 -25.31
N GLY D 245 10.17 -3.76 -24.77
CA GLY D 245 11.45 -3.68 -25.48
C GLY D 245 11.47 -2.73 -26.66
N VAL D 246 10.84 -1.57 -26.51
CA VAL D 246 10.87 -0.53 -27.53
C VAL D 246 11.36 0.75 -26.90
N PRO D 247 11.99 1.63 -27.70
CA PRO D 247 12.48 2.87 -27.08
C PRO D 247 11.39 3.67 -26.40
N LEU D 248 11.79 4.39 -25.37
CA LEU D 248 10.90 5.25 -24.62
C LEU D 248 11.12 6.70 -25.01
N LEU D 249 10.06 7.34 -25.53
CA LEU D 249 10.09 8.78 -25.78
C LEU D 249 9.29 9.53 -24.73
N THR D 250 9.67 10.77 -24.50
CA THR D 250 8.95 11.63 -23.58
C THR D 250 8.60 12.96 -24.19
N HIS D 251 7.42 13.45 -23.84
CA HIS D 251 7.04 14.83 -24.06
C HIS D 251 7.14 15.56 -22.73
N THR D 252 7.96 16.60 -22.69
CA THR D 252 8.15 17.41 -21.49
C THR D 252 8.09 18.88 -21.83
N THR D 253 7.74 19.70 -20.86
CA THR D 253 7.50 21.12 -21.07
C THR D 253 7.84 21.92 -19.82
N SER D 254 8.52 21.28 -18.88
CA SER D 254 9.03 21.96 -17.69
C SER D 254 10.39 21.39 -17.30
N LEU D 255 11.06 22.09 -16.39
CA LEU D 255 12.32 21.61 -15.84
C LEU D 255 12.16 20.29 -15.13
N GLU D 256 11.21 20.23 -14.20
CA GLU D 256 10.97 19.00 -13.47
C GLU D 256 10.51 17.87 -14.38
N GLY D 257 9.78 18.20 -15.44
CA GLY D 257 9.40 17.21 -16.43
C GLY D 257 10.64 16.61 -17.07
N LEU D 258 11.58 17.49 -17.38
CA LEU D 258 12.83 17.09 -18.02
C LEU D 258 13.67 16.23 -17.09
N ASN D 259 13.85 16.70 -15.86
CA ASN D 259 14.54 15.92 -14.84
C ASN D 259 13.91 14.54 -14.70
N THR D 260 12.59 14.52 -14.56
CA THR D 260 11.85 13.28 -14.42
C THR D 260 12.08 12.36 -15.63
N ALA D 261 12.10 12.94 -16.82
CA ALA D 261 12.39 12.14 -18.01
C ALA D 261 13.82 11.59 -17.99
N ILE D 262 14.76 12.42 -17.54
CA ILE D 262 16.15 11.99 -17.44
C ILE D 262 16.27 10.80 -16.48
N GLU D 263 15.62 10.91 -15.34
CA GLU D 263 15.71 9.86 -14.33
C GLU D 263 15.11 8.51 -14.76
N ARG D 264 14.32 8.44 -15.83
CA ARG D 264 13.92 7.14 -16.39
C ARG D 264 14.77 6.74 -17.58
N ASP D 265 15.86 7.46 -17.83
CA ASP D 265 16.76 7.10 -18.93
C ASP D 265 16.03 7.04 -20.26
N ALA D 266 15.27 8.08 -20.56
CA ALA D 266 14.52 8.14 -21.81
C ALA D 266 15.46 8.00 -22.99
N ASP D 267 15.09 7.14 -23.93
CA ASP D 267 15.84 6.96 -25.15
C ASP D 267 15.88 8.24 -25.98
N LEU D 268 14.78 8.99 -25.96
CA LEU D 268 14.70 10.25 -26.68
C LEU D 268 13.73 11.22 -26.03
N MET D 269 14.20 12.41 -25.71
CA MET D 269 13.39 13.41 -25.02
C MET D 269 13.01 14.55 -25.94
N ILE D 270 11.75 14.54 -26.37
CA ILE D 270 11.23 15.47 -27.38
C ILE D 270 11.07 16.88 -26.83
N HIS D 271 11.56 17.83 -27.62
CA HIS D 271 11.53 19.25 -27.28
C HIS D 271 11.98 19.45 -25.85
N ALA D 272 13.09 18.79 -25.54
CA ALA D 272 13.67 18.80 -24.20
C ALA D 272 13.97 20.21 -23.68
N THR D 273 14.24 21.12 -24.59
CA THR D 273 14.63 22.48 -24.22
C THR D 273 13.44 23.36 -23.90
N MET D 274 12.25 22.89 -24.23
CA MET D 274 11.03 23.59 -23.90
C MET D 274 10.71 23.36 -22.42
N THR D 275 10.90 24.38 -21.60
CA THR D 275 10.86 24.20 -20.15
C THR D 275 10.19 25.35 -19.40
N GLY D 276 9.10 25.87 -19.94
CA GLY D 276 8.30 26.89 -19.27
C GLY D 276 9.03 28.21 -19.07
N GLN D 277 9.90 28.52 -20.01
CA GLN D 277 10.68 29.76 -19.98
C GLN D 277 11.43 29.89 -18.66
N ALA D 278 11.85 28.74 -18.14
CA ALA D 278 12.78 28.71 -17.03
C ALA D 278 14.08 28.07 -17.51
N PRO D 279 15.22 28.66 -17.15
CA PRO D 279 16.51 28.15 -17.64
C PRO D 279 16.91 26.79 -17.07
N ILE D 280 17.37 25.90 -17.95
CA ILE D 280 17.87 24.59 -17.54
C ILE D 280 19.03 24.73 -16.57
N PRO D 281 18.93 24.11 -15.37
CA PRO D 281 20.03 24.19 -14.40
C PRO D 281 21.26 23.40 -14.85
N GLU D 282 22.42 23.81 -14.36
CA GLU D 282 23.68 23.17 -14.72
C GLU D 282 23.65 21.68 -14.39
N GLU D 283 23.09 21.34 -13.22
CA GLU D 283 22.87 19.94 -12.82
C GLU D 283 22.30 19.06 -13.93
N THR D 284 21.26 19.56 -14.57
CA THR D 284 20.47 18.77 -15.51
C THR D 284 21.29 18.45 -16.75
N ILE D 285 22.04 19.44 -17.23
CA ILE D 285 23.00 19.22 -18.30
C ILE D 285 24.07 18.25 -17.82
N GLU D 286 24.54 18.43 -16.59
CA GLU D 286 25.50 17.49 -16.03
C GLU D 286 24.94 16.07 -16.10
N LYS D 287 23.65 15.89 -15.79
CA LYS D 287 23.04 14.57 -15.92
C LYS D 287 22.97 14.11 -17.37
N LEU D 288 22.61 15.00 -18.27
CA LEU D 288 22.61 14.64 -19.68
C LEU D 288 23.97 14.14 -20.13
N LEU D 289 25.03 14.81 -19.71
CA LEU D 289 26.37 14.37 -20.06
C LEU D 289 26.76 13.07 -19.35
N GLU D 290 26.58 12.99 -18.03
CA GLU D 290 26.87 11.75 -17.29
C GLU D 290 26.15 10.54 -17.89
N LYS D 291 24.84 10.66 -18.13
CA LYS D 291 24.04 9.50 -18.55
C LYS D 291 24.06 9.31 -20.08
N GLN D 292 24.60 10.27 -20.81
CA GLN D 292 24.66 10.23 -22.28
C GLN D 292 23.28 9.98 -22.91
N LEU D 293 22.31 10.83 -22.58
CA LEU D 293 20.95 10.71 -23.11
C LEU D 293 20.69 11.65 -24.28
N TRP D 294 19.97 11.14 -25.27
CA TRP D 294 19.59 11.88 -26.45
C TRP D 294 18.48 12.91 -26.23
N SER D 295 18.79 14.19 -26.40
CA SER D 295 17.77 15.23 -26.44
C SER D 295 17.40 15.62 -27.88
N GLU D 296 16.10 15.65 -28.18
CA GLU D 296 15.62 16.33 -29.37
C GLU D 296 15.29 17.74 -28.99
N VAL D 297 15.61 18.68 -29.86
CA VAL D 297 15.25 20.07 -29.64
C VAL D 297 14.65 20.62 -30.91
N GLN D 298 14.00 21.76 -30.80
CA GLN D 298 13.25 22.33 -31.90
C GLN D 298 13.44 23.84 -31.91
N PRO D 299 14.40 24.32 -32.71
CA PRO D 299 14.75 25.73 -32.74
C PRO D 299 14.15 26.51 -33.90
N THR D 300 14.13 27.82 -33.75
CA THR D 300 13.78 28.72 -34.83
C THR D 300 15.01 29.51 -35.26
N THR D 301 15.07 29.81 -36.55
CA THR D 301 16.15 30.62 -37.09
C THR D 301 16.02 32.03 -36.55
N ILE D 302 17.08 32.82 -36.70
CA ILE D 302 17.09 34.19 -36.21
C ILE D 302 15.96 34.98 -36.88
N ALA D 303 15.82 34.75 -38.18
CA ALA D 303 14.84 35.44 -39.00
C ALA D 303 13.42 35.15 -38.55
N GLN D 304 13.01 33.90 -38.71
CA GLN D 304 11.71 33.41 -38.29
C GLN D 304 11.34 33.86 -36.89
N GLN D 305 12.28 33.80 -35.97
CA GLN D 305 12.00 34.21 -34.59
C GLN D 305 11.78 35.71 -34.53
N ALA D 306 12.62 36.49 -35.20
CA ALA D 306 12.39 37.94 -35.23
C ALA D 306 11.03 38.27 -35.85
N TRP D 307 10.66 37.54 -36.89
CA TRP D 307 9.32 37.68 -37.46
C TRP D 307 8.27 37.41 -36.41
N MET D 308 8.34 36.24 -35.79
CA MET D 308 7.43 35.85 -34.73
C MET D 308 7.30 36.91 -33.65
N ASP D 309 8.43 37.44 -33.19
CA ASP D 309 8.38 38.47 -32.16
C ASP D 309 7.82 39.78 -32.71
N SER D 310 8.06 40.07 -33.99
CA SER D 310 7.51 41.31 -34.56
C SER D 310 5.99 41.29 -34.62
N VAL D 311 5.37 40.13 -34.86
CA VAL D 311 3.91 40.05 -34.94
C VAL D 311 3.26 39.45 -33.71
N ASP D 312 4.01 39.36 -32.61
CA ASP D 312 3.49 38.90 -31.31
C ASP D 312 2.83 37.51 -31.39
N HIS D 313 3.36 36.68 -32.27
CA HIS D 313 2.89 35.31 -32.49
C HIS D 313 2.73 34.52 -31.18
N PRO D 314 1.68 33.68 -31.08
CA PRO D 314 1.46 33.03 -29.78
C PRO D 314 2.46 31.90 -29.49
N PHE D 315 2.98 31.27 -30.53
CA PHE D 315 4.05 30.28 -30.38
C PHE D 315 5.46 30.90 -30.40
N ALA D 316 5.60 32.16 -30.00
CA ALA D 316 6.92 32.78 -30.03
C ALA D 316 7.78 32.28 -28.88
N ASP D 317 7.15 31.97 -27.77
CA ASP D 317 7.87 31.48 -26.60
C ASP D 317 8.24 30.00 -26.70
N PHE D 318 7.83 29.34 -27.78
CA PHE D 318 8.15 27.94 -28.00
C PHE D 318 9.66 27.72 -28.16
N SER D 319 10.30 28.54 -28.99
CA SER D 319 11.73 28.38 -29.28
C SER D 319 12.53 29.63 -29.00
N GLY D 320 11.91 30.64 -28.39
CA GLY D 320 12.54 31.94 -28.22
C GLY D 320 12.75 32.32 -26.77
N ARG D 321 13.34 33.50 -26.57
CA ARG D 321 13.77 33.95 -25.25
C ARG D 321 14.50 32.80 -24.54
N VAL D 322 14.02 32.38 -23.38
CA VAL D 322 14.78 31.45 -22.55
C VAL D 322 15.04 30.11 -23.25
N HIS D 323 14.12 29.69 -24.11
CA HIS D 323 14.33 28.43 -24.82
C HIS D 323 15.39 28.55 -25.89
N HIS D 324 15.71 29.77 -26.33
CA HIS D 324 16.81 29.95 -27.26
C HIS D 324 18.09 29.74 -26.47
N GLU D 325 18.21 30.46 -25.36
CA GLU D 325 19.32 30.29 -24.42
C GLU D 325 19.57 28.82 -24.08
N ASN D 326 18.51 28.07 -23.78
CA ASN D 326 18.67 26.65 -23.50
C ASN D 326 19.28 25.95 -24.70
N ASP D 327 18.91 26.36 -25.90
CA ASP D 327 19.38 25.65 -27.08
C ASP D 327 20.86 25.93 -27.29
N VAL D 328 21.28 27.11 -26.87
CA VAL D 328 22.65 27.55 -27.05
C VAL D 328 23.55 26.81 -26.10
N ARG D 329 23.11 26.66 -24.86
CA ARG D 329 23.94 26.05 -23.81
C ARG D 329 24.09 24.54 -23.99
N MET D 330 23.09 23.91 -24.63
CA MET D 330 23.17 22.50 -24.93
C MET D 330 24.16 22.26 -26.06
N ILE D 331 24.29 23.25 -26.94
CA ILE D 331 25.26 23.19 -28.02
C ILE D 331 26.67 23.33 -27.45
N LYS D 332 26.87 24.35 -26.62
CA LYS D 332 28.16 24.61 -25.99
C LYS D 332 28.66 23.39 -25.17
N ALA D 333 27.85 22.90 -24.24
CA ALA D 333 28.23 21.77 -23.41
C ALA D 333 28.29 20.45 -24.17
N GLY D 334 27.86 20.44 -25.43
CA GLY D 334 28.02 19.28 -26.28
C GLY D 334 27.26 18.02 -25.91
N VAL D 335 26.03 18.18 -25.40
CA VAL D 335 25.18 17.03 -25.13
C VAL D 335 24.81 16.33 -26.43
N PRO D 336 24.33 15.08 -26.35
CA PRO D 336 23.85 14.41 -27.57
C PRO D 336 22.54 15.03 -28.05
N LEU D 337 22.51 15.49 -29.31
CA LEU D 337 21.36 16.22 -29.83
C LEU D 337 20.80 15.55 -31.07
N VAL D 338 19.47 15.49 -31.17
CA VAL D 338 18.79 14.83 -32.28
C VAL D 338 17.87 15.81 -33.01
N LEU D 339 17.73 15.60 -34.32
CA LEU D 339 16.92 16.50 -35.14
C LEU D 339 15.48 16.00 -35.25
N GLY D 340 14.55 16.91 -34.97
CA GLY D 340 13.15 16.70 -35.23
C GLY D 340 12.46 18.05 -35.20
N THR D 341 11.26 18.13 -35.78
CA THR D 341 10.66 19.42 -36.10
C THR D 341 9.20 19.59 -35.74
N ASP D 342 8.51 18.47 -35.53
CA ASP D 342 7.05 18.44 -35.41
C ASP D 342 6.41 18.82 -36.74
N ALA D 343 7.19 18.78 -37.80
CA ALA D 343 6.72 19.21 -39.11
C ALA D 343 5.73 18.25 -39.71
N GLY D 344 4.82 18.81 -40.50
CA GLY D 344 3.89 18.03 -41.27
C GLY D 344 3.62 18.73 -42.59
N CYS D 345 2.86 18.09 -43.46
CA CYS D 345 2.51 18.63 -44.75
C CYS D 345 1.22 19.46 -44.62
N THR D 346 1.38 20.75 -44.39
CA THR D 346 0.27 21.64 -44.09
C THR D 346 -0.71 21.76 -45.27
N ASP D 347 -1.99 21.93 -44.93
CA ASP D 347 -3.01 22.08 -45.96
C ASP D 347 -2.79 23.38 -46.71
N PRO D 348 -3.03 23.37 -48.03
CA PRO D 348 -2.76 24.58 -48.80
C PRO D 348 -3.67 25.77 -48.45
N ASP D 349 -4.91 25.54 -48.01
CA ASP D 349 -5.77 26.65 -47.62
C ASP D 349 -5.21 27.37 -46.40
N ILE D 350 -4.58 26.63 -45.50
CA ILE D 350 -3.98 27.25 -44.32
C ILE D 350 -2.69 27.95 -44.71
N LEU D 351 -1.97 27.37 -45.65
CA LEU D 351 -0.74 27.99 -46.14
C LEU D 351 -1.05 29.29 -46.84
N GLU D 352 -2.15 29.32 -47.58
CA GLU D 352 -2.52 30.49 -48.33
C GLU D 352 -2.88 31.66 -47.41
N ASP D 353 -3.18 31.38 -46.14
CA ASP D 353 -3.40 32.45 -45.16
C ASP D 353 -2.13 33.16 -44.76
N MET D 354 -0.98 32.56 -45.06
CA MET D 354 0.25 32.96 -44.42
C MET D 354 0.99 34.09 -45.13
N SER D 355 1.49 35.03 -44.35
CA SER D 355 2.34 36.10 -44.85
C SER D 355 3.69 35.51 -45.31
N GLN D 356 4.56 36.36 -45.85
CA GLN D 356 5.85 35.90 -46.35
C GLN D 356 6.78 35.60 -45.19
N GLY D 357 6.74 36.45 -44.17
CA GLY D 357 7.47 36.21 -42.95
C GLY D 357 7.19 34.85 -42.33
N GLU D 358 5.91 34.54 -42.09
CA GLU D 358 5.53 33.26 -41.52
C GLU D 358 6.13 32.10 -42.33
N LEU D 359 6.12 32.21 -43.63
CA LEU D 359 6.57 31.12 -44.45
C LEU D 359 8.07 31.00 -44.57
N HIS D 360 8.80 32.09 -44.45
CA HIS D 360 10.24 32.06 -44.61
C HIS D 360 10.91 31.41 -43.43
N GLU D 361 11.54 30.28 -43.69
CA GLU D 361 12.30 29.57 -42.69
C GLU D 361 11.34 29.10 -41.62
N ARG D 362 10.20 28.62 -42.08
CA ARG D 362 9.16 28.09 -41.21
C ARG D 362 9.58 26.71 -40.71
N PRO D 363 9.59 26.51 -39.38
CA PRO D 363 10.10 25.23 -38.86
C PRO D 363 9.22 24.01 -39.17
N TRP D 364 7.93 24.22 -39.42
CA TRP D 364 6.98 23.11 -39.49
C TRP D 364 6.66 22.68 -40.91
N THR D 365 7.42 23.18 -41.86
CA THR D 365 7.18 22.88 -43.27
C THR D 365 7.91 21.60 -43.66
N LEU D 366 7.17 20.50 -43.70
CA LEU D 366 7.75 19.21 -44.00
C LEU D 366 8.37 19.18 -45.39
N GLY D 367 9.56 18.58 -45.47
CA GLY D 367 10.30 18.49 -46.71
C GLY D 367 11.38 19.55 -46.81
N GLU D 368 11.35 20.49 -45.88
CA GLU D 368 12.32 21.57 -45.81
C GLU D 368 12.78 21.81 -44.38
N ASP D 369 12.01 21.26 -43.45
CA ASP D 369 12.13 21.57 -42.04
C ASP D 369 13.51 21.23 -41.46
N HIS D 370 14.09 20.14 -41.94
CA HIS D 370 15.43 19.71 -41.53
C HIS D 370 16.54 20.67 -41.96
N PHE D 371 16.49 21.14 -43.21
CA PHE D 371 17.41 22.17 -43.69
C PHE D 371 17.40 23.36 -42.73
N VAL D 372 16.19 23.80 -42.39
CA VAL D 372 16.00 24.92 -41.49
C VAL D 372 16.49 24.61 -40.08
N TRP D 373 16.22 23.38 -39.61
CA TRP D 373 16.73 22.93 -38.33
C TRP D 373 18.24 23.11 -38.26
N MET D 374 18.93 22.49 -39.20
CA MET D 374 20.38 22.55 -39.23
C MET D 374 20.86 23.99 -39.33
N GLN D 375 20.24 24.77 -40.20
CA GLN D 375 20.61 26.18 -40.30
C GLN D 375 20.47 26.84 -38.93
N ALA D 376 19.30 26.73 -38.31
CA ALA D 376 19.06 27.37 -37.02
C ALA D 376 20.05 26.91 -35.96
N MET D 377 20.40 25.63 -35.99
CA MET D 377 21.35 25.13 -35.04
C MET D 377 22.76 25.68 -35.27
N VAL D 378 23.19 25.74 -36.53
CA VAL D 378 24.46 26.39 -36.84
C VAL D 378 24.44 27.86 -36.43
N GLU D 379 23.31 28.55 -36.65
CA GLU D 379 23.21 29.95 -36.26
C GLU D 379 23.42 30.12 -34.74
N LYS D 380 23.39 29.00 -34.03
CA LYS D 380 23.40 29.03 -32.57
C LYS D 380 24.73 28.59 -32.01
N GLY D 381 25.63 28.14 -32.88
CA GLY D 381 27.00 27.82 -32.49
C GLY D 381 27.38 26.37 -32.76
N MET D 382 26.45 25.61 -33.33
CA MET D 382 26.70 24.20 -33.55
C MET D 382 27.71 24.02 -34.67
N ASP D 383 28.56 23.02 -34.54
CA ASP D 383 29.45 22.67 -35.64
C ASP D 383 28.65 21.97 -36.72
N PRO D 384 28.73 22.44 -37.97
CA PRO D 384 28.03 21.84 -39.10
C PRO D 384 28.04 20.30 -39.12
N MET D 385 29.19 19.69 -38.89
CA MET D 385 29.29 18.23 -38.94
C MET D 385 28.39 17.64 -37.87
N ALA D 386 28.40 18.28 -36.70
CA ALA D 386 27.51 17.88 -35.62
C ALA D 386 26.07 17.99 -36.08
N ALA D 387 25.70 19.16 -36.61
CA ALA D 387 24.38 19.37 -37.18
C ALA D 387 24.01 18.30 -38.21
N ILE D 388 24.95 17.86 -39.03
CA ILE D 388 24.67 16.81 -40.01
C ILE D 388 24.48 15.47 -39.31
N LEU D 389 25.26 15.22 -38.26
CA LEU D 389 25.08 14.01 -37.48
C LEU D 389 23.71 13.97 -36.80
N ALA D 390 23.30 15.12 -36.25
CA ALA D 390 22.00 15.27 -35.64
C ALA D 390 20.86 14.86 -36.58
N GLY D 391 21.11 14.94 -37.88
CA GLY D 391 20.11 14.61 -38.89
C GLY D 391 20.37 13.33 -39.63
N THR D 392 21.28 12.50 -39.11
CA THR D 392 21.67 11.28 -39.80
C THR D 392 21.88 10.10 -38.85
N ALA D 393 22.90 10.21 -38.00
CA ALA D 393 23.28 9.10 -37.13
C ALA D 393 22.55 9.15 -35.79
N ASN D 394 22.45 10.35 -35.24
CA ASN D 394 21.92 10.53 -33.88
C ASN D 394 20.48 10.03 -33.70
N PRO D 395 19.56 10.43 -34.59
CA PRO D 395 18.23 9.82 -34.50
C PRO D 395 18.24 8.30 -34.62
N ALA D 396 19.00 7.77 -35.56
CA ALA D 396 19.08 6.32 -35.71
C ALA D 396 19.58 5.68 -34.43
N LYS D 397 20.51 6.35 -33.76
CA LYS D 397 21.00 5.86 -32.48
C LYS D 397 19.94 5.91 -31.39
N ALA D 398 19.38 7.10 -31.15
CA ALA D 398 18.29 7.26 -30.18
C ALA D 398 17.21 6.20 -30.30
N TYR D 399 16.86 5.83 -31.53
CA TYR D 399 15.79 4.89 -31.77
C TYR D 399 16.24 3.44 -31.91
N ARG D 400 17.54 3.20 -31.73
CA ARG D 400 18.13 1.86 -31.87
C ARG D 400 17.96 1.31 -33.28
N LYS D 401 18.35 2.11 -34.27
CA LYS D 401 18.32 1.69 -35.67
C LYS D 401 19.66 1.90 -36.36
N PHE D 402 20.62 2.45 -35.61
CA PHE D 402 21.95 2.75 -36.15
C PHE D 402 22.64 1.52 -36.73
N ASP D 403 22.15 0.33 -36.42
CA ASP D 403 22.70 -0.88 -37.02
C ASP D 403 22.14 -1.14 -38.42
N GLU D 404 21.13 -0.35 -38.83
CA GLU D 404 20.46 -0.57 -40.10
C GLU D 404 20.55 0.63 -41.03
N LEU D 405 20.71 1.81 -40.46
CA LEU D 405 20.64 3.04 -41.22
C LEU D 405 21.25 4.17 -40.41
N GLY D 406 21.45 5.33 -41.03
CA GLY D 406 21.98 6.50 -40.33
C GLY D 406 23.44 6.81 -40.60
N SER D 407 24.13 5.94 -41.32
CA SER D 407 25.50 6.23 -41.72
C SER D 407 25.89 5.36 -42.90
N ILE D 408 26.92 5.77 -43.64
CA ILE D 408 27.39 4.96 -44.75
C ILE D 408 28.51 4.06 -44.26
N ASP D 409 28.17 2.78 -44.14
CA ASP D 409 29.05 1.76 -43.60
C ASP D 409 28.54 0.44 -44.14
N VAL D 410 29.41 -0.55 -44.25
CA VAL D 410 29.07 -1.80 -44.91
C VAL D 410 28.05 -2.55 -44.08
N GLY D 411 27.11 -3.21 -44.77
CA GLY D 411 26.06 -3.94 -44.10
C GLY D 411 24.81 -3.13 -43.80
N LYS D 412 24.96 -1.82 -43.60
CA LYS D 412 23.80 -0.95 -43.37
C LYS D 412 23.00 -0.80 -44.67
N LEU D 413 21.83 -0.16 -44.59
CA LEU D 413 20.95 -0.03 -45.74
C LEU D 413 21.45 1.03 -46.73
N GLY D 414 21.19 0.80 -48.01
CA GLY D 414 21.67 1.67 -49.06
C GLY D 414 20.82 2.91 -49.22
N ASP D 415 20.93 3.83 -48.27
CA ASP D 415 20.22 5.09 -48.30
C ASP D 415 21.22 6.21 -48.48
N VAL D 416 21.19 6.88 -49.63
CA VAL D 416 22.21 7.87 -49.92
C VAL D 416 21.64 9.13 -50.56
N VAL D 417 22.25 10.27 -50.28
CA VAL D 417 21.95 11.47 -51.05
C VAL D 417 23.25 12.19 -51.41
N VAL D 418 23.21 12.88 -52.55
CA VAL D 418 24.36 13.60 -53.07
C VAL D 418 24.11 15.10 -53.11
N LEU D 419 25.07 15.88 -52.62
CA LEU D 419 24.99 17.33 -52.68
C LEU D 419 25.95 17.91 -53.72
N ASP D 420 25.52 18.97 -54.38
CA ASP D 420 26.37 19.64 -55.38
C ASP D 420 27.41 20.51 -54.70
N GLN D 421 27.08 20.99 -53.50
CA GLN D 421 27.98 21.88 -52.77
C GLN D 421 28.29 21.38 -51.39
N ASP D 422 29.22 22.07 -50.73
CA ASP D 422 29.80 21.58 -49.49
C ASP D 422 28.94 21.95 -48.30
N PRO D 423 28.31 20.93 -47.66
CA PRO D 423 27.51 21.25 -46.47
C PRO D 423 28.33 21.84 -45.34
N LEU D 424 29.62 21.52 -45.27
CA LEU D 424 30.45 21.96 -44.17
C LEU D 424 30.96 23.38 -44.32
N ALA D 425 30.99 23.88 -45.55
CA ALA D 425 31.42 25.24 -45.81
C ALA D 425 30.28 26.21 -45.55
N ASP D 426 29.07 25.76 -45.88
CA ASP D 426 27.86 26.54 -45.67
C ASP D 426 26.72 25.56 -45.48
N ILE D 427 26.06 25.59 -44.32
CA ILE D 427 25.13 24.52 -43.99
C ILE D 427 23.90 24.56 -44.90
N THR D 428 23.53 25.75 -45.36
CA THR D 428 22.42 25.88 -46.29
C THR D 428 22.62 25.00 -47.54
N ASN D 429 23.87 24.75 -47.89
CA ASN D 429 24.16 23.86 -49.03
C ASN D 429 23.55 22.48 -48.89
N MET D 430 23.06 22.14 -47.70
CA MET D 430 22.33 20.89 -47.52
C MET D 430 21.17 20.80 -48.51
N ARG D 431 20.70 21.96 -48.95
CA ARG D 431 19.60 22.03 -49.90
C ARG D 431 20.00 21.57 -51.31
N THR D 432 21.29 21.57 -51.60
CA THR D 432 21.75 21.35 -52.98
C THR D 432 21.71 19.88 -53.39
N LEU D 433 20.60 19.21 -53.12
CA LEU D 433 20.41 17.84 -53.57
C LEU D 433 20.56 17.74 -55.09
N SER D 434 21.02 16.59 -55.58
CA SER D 434 20.92 16.28 -56.99
C SER D 434 20.58 14.81 -57.23
N HIS D 435 20.79 13.96 -56.22
CA HIS D 435 20.39 12.55 -56.31
C HIS D 435 19.89 12.04 -54.96
N VAL D 436 18.97 11.07 -54.99
CA VAL D 436 18.43 10.46 -53.78
C VAL D 436 18.22 8.97 -53.99
N VAL D 437 18.74 8.17 -53.05
CA VAL D 437 18.70 6.72 -53.16
C VAL D 437 18.19 6.11 -51.86
N LYS D 438 17.31 5.11 -52.01
CA LYS D 438 16.65 4.47 -50.89
C LYS D 438 16.67 2.97 -51.10
N GLU D 439 17.45 2.27 -50.28
CA GLU D 439 17.69 0.83 -50.45
C GLU D 439 18.26 0.58 -51.85
N GLY D 440 19.17 1.47 -52.26
CA GLY D 440 19.87 1.35 -53.53
C GLY D 440 19.03 1.59 -54.77
N ARG D 441 17.79 2.05 -54.61
CA ARG D 441 16.95 2.48 -55.73
C ARG D 441 16.97 4.00 -55.82
N GLU D 442 17.27 4.54 -56.99
CA GLU D 442 17.29 5.99 -57.14
C GLU D 442 15.87 6.52 -57.27
N ILE D 443 15.65 7.73 -56.76
CA ILE D 443 14.31 8.28 -56.62
C ILE D 443 14.11 9.47 -57.54
N ASP D 444 13.11 9.40 -58.41
CA ASP D 444 12.75 10.58 -59.20
C ASP D 444 12.18 11.60 -58.22
N PHE D 445 13.04 12.23 -57.44
CA PHE D 445 12.56 12.97 -56.28
C PHE D 445 11.99 14.33 -56.64
N HIS D 446 12.28 14.83 -57.83
CA HIS D 446 11.66 16.08 -58.26
C HIS D 446 10.21 15.84 -58.70
N GLY D 447 9.88 14.59 -59.00
CA GLY D 447 8.53 14.23 -59.40
C GLY D 447 7.67 13.67 -58.28
N LEU D 448 7.78 14.24 -57.09
CA LEU D 448 7.07 13.75 -55.90
C LEU D 448 6.27 14.88 -55.25
N PRO D 449 5.11 14.57 -54.65
CA PRO D 449 4.40 13.29 -54.52
C PRO D 449 3.82 12.78 -55.83
N LEU D 450 3.70 11.47 -55.93
CA LEU D 450 3.19 10.80 -57.11
C LEU D 450 1.74 11.15 -57.47
N SER D 451 0.99 11.61 -56.48
CA SER D 451 -0.46 11.60 -56.59
C SER D 451 -1.03 12.57 -55.58
N PRO D 452 -0.80 13.87 -55.80
CA PRO D 452 -1.09 14.89 -54.79
C PRO D 452 -2.53 14.82 -54.31
N LEU D 453 -2.73 15.26 -53.08
CA LEU D 453 -3.97 15.00 -52.37
C LEU D 453 -4.27 16.22 -51.52
N VAL D 454 -3.57 16.33 -50.40
CA VAL D 454 -3.57 17.56 -49.63
C VAL D 454 -2.99 18.68 -50.47
N THR D 455 -1.95 18.38 -51.23
CA THR D 455 -1.20 19.42 -51.96
C THR D 455 -1.83 19.83 -53.29
N ALA D 456 -2.71 18.99 -53.84
CA ALA D 456 -3.51 19.36 -55.01
C ALA D 456 -4.24 20.69 -54.79
N TYR D 457 -4.02 21.65 -55.68
CA TYR D 457 -4.46 23.02 -55.48
C TYR D 457 -4.38 23.79 -56.82
N PRO D 458 -5.34 24.69 -57.09
CA PRO D 458 -6.47 25.10 -56.24
C PRO D 458 -7.56 24.04 -56.24
N ARG D 459 -8.58 24.24 -55.42
CA ARG D 459 -9.65 23.27 -55.28
C ARG D 459 -10.88 23.68 -56.08
N THR D 460 -11.40 22.72 -56.83
CA THR D 460 -12.51 22.95 -57.74
C THR D 460 -13.83 22.63 -57.05
N ALA D 461 -14.72 23.62 -56.98
CA ALA D 461 -16.02 23.48 -56.32
C ALA D 461 -16.90 22.36 -56.89
N ASN D 462 -16.93 22.24 -58.21
CA ASN D 462 -17.78 21.25 -58.85
C ASN D 462 -17.06 20.56 -59.99
N VAL D 463 -16.67 19.31 -59.74
CA VAL D 463 -15.88 18.56 -60.69
C VAL D 463 -16.79 17.74 -61.57
N LEU D 464 -16.76 18.06 -62.86
CA LEU D 464 -17.68 17.47 -63.82
C LEU D 464 -17.11 16.17 -64.36
N ASP D 465 -17.93 15.13 -64.30
CA ASP D 465 -17.54 13.78 -64.71
C ASP D 465 -16.79 13.77 -66.04
C1 MPD E . 3.99 -29.83 29.08
C2 MPD E . 3.12 -29.23 27.99
O2 MPD E . 1.78 -29.14 28.46
CM MPD E . 3.55 -27.84 27.67
C3 MPD E . 3.08 -30.11 26.74
C4 MPD E . 4.44 -30.23 26.08
O4 MPD E . 4.84 -31.59 26.13
C5 MPD E . 4.39 -29.82 24.62
H11 MPD E . 4.29 -30.83 28.81
H12 MPD E . 3.36 -29.85 29.92
H13 MPD E . 4.86 -29.21 29.30
HO2 MPD E . 1.20 -29.67 27.87
HM1 MPD E . 3.71 -27.77 26.60
HM2 MPD E . 2.77 -27.13 27.96
HM3 MPD E . 4.47 -27.57 28.19
H31 MPD E . 2.74 -31.10 27.02
H32 MPD E . 2.36 -29.69 26.05
H4 MPD E . 5.16 -29.61 26.59
HO4 MPD E . 5.65 -31.72 25.58
H51 MPD E . 4.32 -30.72 24.00
H52 MPD E . 5.30 -29.28 24.38
H53 MPD E . 3.53 -29.19 24.43
C1 MPD F . -7.91 -21.29 29.51
C2 MPD F . -7.70 -21.30 28.02
O2 MPD F . -6.51 -22.03 27.83
CM MPD F . -8.88 -22.00 27.40
C3 MPD F . -7.42 -19.93 27.43
C4 MPD F . -8.61 -19.10 27.07
O4 MPD F . -8.61 -17.98 27.90
C5 MPD F . -8.49 -18.53 25.69
H11 MPD F . -8.16 -20.28 29.82
H12 MPD F . -8.71 -21.98 29.78
H13 MPD F . -6.99 -21.61 29.99
HO2 MPD F . -6.59 -22.56 27.01
HM1 MPD F . -8.99 -21.67 26.37
HM2 MPD F . -9.78 -21.75 27.95
HM3 MPD F . -8.71 -23.08 27.43
H31 MPD F . -6.80 -20.07 26.55
H32 MPD F . -6.81 -19.37 28.14
H4 MPD F . -9.55 -19.63 27.17
HO4 MPD F . -9.52 -17.61 27.94
H51 MPD F . -8.98 -17.55 25.67
H52 MPD F . -7.44 -18.41 25.42
H53 MPD F . -8.98 -19.19 24.98
CO CO G . -5.40 -26.05 52.43
CO CO H . -38.70 6.81 62.27
C1 MPD I . 32.70 -35.48 -21.18
C2 MPD I . 33.66 -36.65 -21.25
O2 MPD I . 33.82 -37.23 -19.96
CM MPD I . 33.08 -37.72 -22.15
C3 MPD I . 35.04 -36.19 -21.68
C4 MPD I . 35.57 -35.09 -20.75
O4 MPD I . 35.86 -35.61 -19.45
C5 MPD I . 36.84 -34.47 -21.30
H11 MPD I . 33.03 -34.70 -21.88
H12 MPD I . 31.70 -35.80 -21.43
H13 MPD I . 32.71 -35.06 -20.17
HO2 MPD I . 34.77 -37.27 -19.73
HM1 MPD I . 33.88 -38.14 -22.76
HM2 MPD I . 32.32 -37.30 -22.80
HM3 MPD I . 32.63 -38.51 -21.54
H31 MPD I . 34.99 -35.80 -22.70
H32 MPD I . 35.73 -37.03 -21.67
H4 MPD I . 34.84 -34.29 -20.66
HO4 MPD I . 36.13 -34.87 -18.86
H51 MPD I . 37.64 -34.57 -20.57
H52 MPD I . 36.67 -33.41 -21.51
H53 MPD I . 37.12 -34.98 -22.22
CO CO J . 7.46 -38.30 -17.59
C1 MPD K . 12.19 -27.84 2.91
C2 MPD K . 11.88 -27.35 4.33
O2 MPD K . 10.46 -27.16 4.41
CM MPD K . 12.22 -28.43 5.35
C3 MPD K . 12.68 -26.08 4.70
C4 MPD K . 12.12 -24.71 4.31
O4 MPD K . 13.10 -23.79 4.71
C5 MPD K . 11.86 -24.51 2.82
H11 MPD K . 12.97 -27.21 2.49
H12 MPD K . 12.53 -28.87 2.91
H13 MPD K . 11.29 -27.75 2.30
HO2 MPD K . 10.25 -26.23 4.64
HM1 MPD K . 13.19 -28.25 5.79
HM2 MPD K . 12.20 -29.42 4.89
HM3 MPD K . 11.47 -28.41 6.15
H31 MPD K . 13.67 -26.16 4.28
H32 MPD K . 12.79 -26.07 5.78
H4 MPD K . 11.19 -24.52 4.85
HO4 MPD K . 12.99 -23.60 5.67
H51 MPD K . 12.68 -23.94 2.38
H52 MPD K . 11.78 -25.46 2.31
H53 MPD K . 10.94 -23.96 2.68
C1 MPD L . -14.04 27.22 -4.52
C2 MPD L . -12.60 26.91 -4.81
O2 MPD L . -12.55 25.75 -5.62
CM MPD L . -11.99 28.07 -5.55
C3 MPD L . -11.87 26.66 -3.52
C4 MPD L . -10.40 26.39 -3.66
O4 MPD L . -9.98 25.92 -2.41
C5 MPD L . -10.08 25.29 -4.63
H11 MPD L . -14.18 27.30 -3.44
H12 MPD L . -14.36 28.15 -5.00
H13 MPD L . -14.66 26.40 -4.89
HO2 MPD L . -12.75 24.97 -5.07
HM1 MPD L . -11.58 28.77 -4.84
HM2 MPD L . -12.72 28.57 -6.18
HM3 MPD L . -11.19 27.69 -6.19
H31 MPD L . -12.01 27.54 -2.89
H32 MPD L . -12.34 25.82 -3.01
H4 MPD L . -9.87 27.30 -3.94
HO4 MPD L . -10.04 26.64 -1.75
H51 MPD L . -9.25 24.71 -4.22
H52 MPD L . -10.89 24.59 -4.80
H53 MPD L . -9.74 25.80 -5.52
CO CO M . -36.01 22.83 2.78
C1 MPD N . 4.18 19.95 -30.60
C2 MPD N . 3.05 18.97 -30.88
O2 MPD N . 1.86 19.47 -30.25
CM MPD N . 2.84 18.80 -32.38
C3 MPD N . 3.40 17.65 -30.21
C4 MPD N . 2.53 16.52 -30.71
O4 MPD N . 2.72 15.40 -29.85
C5 MPD N . 1.07 16.93 -30.71
H11 MPD N . 4.90 19.51 -29.90
H12 MPD N . 4.69 20.23 -31.52
H13 MPD N . 3.76 20.86 -30.15
HO2 MPD N . 1.07 19.29 -30.81
HM1 MPD N . 1.79 18.69 -32.64
HM2 MPD N . 3.22 19.67 -32.90
HM3 MPD N . 3.40 17.94 -32.74
H31 MPD N . 4.44 17.42 -30.42
H32 MPD N . 3.29 17.76 -29.14
H4 MPD N . 2.82 16.23 -31.72
HO4 MPD N . 3.57 14.96 -30.07
H51 MPD N . 0.48 16.01 -30.63
H52 MPD N . 0.84 17.52 -29.83
H53 MPD N . 0.77 17.42 -31.62
CO CO O . 15.57 31.40 -47.43
#